data_6F3Y
# 
_entry.id   6F3Y 
# 
_audit_conform.dict_name       mmcif_pdbx.dic 
_audit_conform.dict_version    5.394 
_audit_conform.dict_location   http://mmcif.pdb.org/dictionaries/ascii/mmcif_pdbx.dic 
# 
loop_
_database_2.database_id 
_database_2.database_code 
_database_2.pdbx_database_accession 
_database_2.pdbx_DOI 
PDB   6F3Y         pdb_00006f3y 10.2210/pdb6f3y/pdb 
WWPDB D_1200007497 ?            ?                   
BMRB  34209        ?            10.13018/BMR34209   
# 
loop_
_pdbx_audit_revision_history.ordinal 
_pdbx_audit_revision_history.data_content_type 
_pdbx_audit_revision_history.major_revision 
_pdbx_audit_revision_history.minor_revision 
_pdbx_audit_revision_history.revision_date 
1 'Structure model' 1 0 2018-01-10 
2 'Structure model' 1 1 2018-01-17 
3 'Structure model' 1 2 2018-01-24 
4 'Structure model' 1 3 2018-01-31 
5 'Structure model' 1 4 2018-02-21 
6 'Structure model' 1 5 2019-08-21 
7 'Structure model' 1 6 2021-06-23 
8 'Structure model' 1 7 2023-06-14 
9 'Structure model' 1 8 2024-06-19 
# 
_pdbx_audit_revision_details.ordinal             1 
_pdbx_audit_revision_details.revision_ordinal    1 
_pdbx_audit_revision_details.data_content_type   'Structure model' 
_pdbx_audit_revision_details.provider            repository 
_pdbx_audit_revision_details.type                'Initial release' 
_pdbx_audit_revision_details.description         ? 
_pdbx_audit_revision_details.details             ? 
# 
loop_
_pdbx_audit_revision_group.ordinal 
_pdbx_audit_revision_group.revision_ordinal 
_pdbx_audit_revision_group.data_content_type 
_pdbx_audit_revision_group.group 
1  2 'Structure model' 'Database references'        
2  3 'Structure model' 'Database references'        
3  4 'Structure model' 'Author supporting evidence' 
4  5 'Structure model' 'Database references'        
5  6 'Structure model' 'Data collection'            
6  7 'Structure model' 'Data collection'            
7  8 'Structure model' 'Database references'        
8  8 'Structure model' Other                        
9  9 'Structure model' 'Data collection'            
10 9 'Structure model' 'Database references'        
# 
loop_
_pdbx_audit_revision_category.ordinal 
_pdbx_audit_revision_category.revision_ordinal 
_pdbx_audit_revision_category.data_content_type 
_pdbx_audit_revision_category.category 
1  2 'Structure model' citation              
2  3 'Structure model' citation              
3  3 'Structure model' citation_author       
4  4 'Structure model' pdbx_audit_support    
5  5 'Structure model' citation              
6  6 'Structure model' pdbx_nmr_software     
7  6 'Structure model' pdbx_nmr_spectrometer 
8  7 'Structure model' pdbx_nmr_spectrometer 
9  8 'Structure model' database_2            
10 8 'Structure model' pdbx_database_status  
11 9 'Structure model' chem_comp_atom        
12 9 'Structure model' chem_comp_bond        
13 9 'Structure model' database_2            
# 
loop_
_pdbx_audit_revision_item.ordinal 
_pdbx_audit_revision_item.revision_ordinal 
_pdbx_audit_revision_item.data_content_type 
_pdbx_audit_revision_item.item 
1  2 'Structure model' '_citation.country'                          
2  2 'Structure model' '_citation.journal_abbrev'                   
3  2 'Structure model' '_citation.journal_id_CSD'                   
4  2 'Structure model' '_citation.journal_id_ISSN'                  
5  2 'Structure model' '_citation.pdbx_database_id_DOI'             
6  2 'Structure model' '_citation.title'                            
7  2 'Structure model' '_citation.year'                             
8  3 'Structure model' '_citation.journal_abbrev'                   
9  3 'Structure model' '_citation.pdbx_database_id_PubMed'          
10 3 'Structure model' '_citation.title'                            
11 3 'Structure model' '_citation_author.name'                      
12 4 'Structure model' '_pdbx_audit_support.funding_organization'   
13 5 'Structure model' '_citation.journal_volume'                   
14 5 'Structure model' '_citation.page_first'                       
15 5 'Structure model' '_citation.page_last'                        
16 6 'Structure model' '_pdbx_nmr_software.name'                    
17 6 'Structure model' '_pdbx_nmr_spectrometer.model'               
18 7 'Structure model' '_pdbx_nmr_spectrometer.field_strength'      
19 8 'Structure model' '_database_2.pdbx_DOI'                       
20 8 'Structure model' '_database_2.pdbx_database_accession'        
21 8 'Structure model' '_pdbx_database_status.status_code_nmr_data' 
22 9 'Structure model' '_database_2.pdbx_DOI'                       
# 
_pdbx_database_status.status_code                     REL 
_pdbx_database_status.status_code_sf                  ? 
_pdbx_database_status.status_code_mr                  REL 
_pdbx_database_status.entry_id                        6F3Y 
_pdbx_database_status.recvd_initial_deposition_date   2017-11-29 
_pdbx_database_status.SG_entry                        N 
_pdbx_database_status.deposit_site                    PDBE 
_pdbx_database_status.process_site                    PDBE 
_pdbx_database_status.status_code_cs                  REL 
_pdbx_database_status.methods_development_category    ? 
_pdbx_database_status.pdb_format_compatible           Y 
_pdbx_database_status.status_code_nmr_data            REL 
# 
loop_
_pdbx_database_related.db_name 
_pdbx_database_related.details 
_pdbx_database_related.db_id 
_pdbx_database_related.content_type 
PDB  . 6F3X  unspecified 
PDB  . 6F3W  unspecified 
PDB  . 6F3V  unspecified 
PDB  . 6F27  unspecified 
BMRB 
;Backbone structure of Des-Arg10-Kallidin (DAKD) peptide bound to human Bradykinin 1 Receptor (B1R) determined by DNP-enhanced MAS SSNMR
;
34209 unspecified 
# 
loop_
_audit_author.name 
_audit_author.pdbx_ordinal 
_audit_author.identifier_ORCID 
'Mao, J.'      1 ? 
'Kuenze, G.'   2 ? 
'Joedicke, L.' 3 ? 
'Meiler, J.'   4 ? 
'Michel, H.'   5 ? 
'Glaubitz, C.' 6 ? 
# 
_citation.abstract                  ? 
_citation.abstract_id_CAS           ? 
_citation.book_id_ISBN              ? 
_citation.book_publisher            ? 
_citation.book_publisher_city       ? 
_citation.book_title                ? 
_citation.coordinate_linkage        ? 
_citation.country                   US 
_citation.database_id_Medline       ? 
_citation.details                   ? 
_citation.id                        primary 
_citation.journal_abbrev            'Nat. Chem. Biol.' 
_citation.journal_id_ASTM           ? 
_citation.journal_id_CSD            ? 
_citation.journal_id_ISSN           1552-4469 
_citation.journal_full              ? 
_citation.journal_issue             ? 
_citation.journal_volume            14 
_citation.language                  ? 
_citation.page_first                284 
_citation.page_last                 290 
_citation.title                     'The molecular basis of subtype selectivity of human kinin G-protein-coupled receptors.' 
_citation.year                      2018 
_citation.database_id_CSD           ? 
_citation.pdbx_database_id_DOI      10.1038/nchembio.2551 
_citation.pdbx_database_id_PubMed   29334381 
_citation.unpublished_flag          ? 
# 
loop_
_citation_author.citation_id 
_citation_author.name 
_citation_author.ordinal 
_citation_author.identifier_ORCID 
primary 'Joedicke, L.'     1  ? 
primary 'Mao, J.'          2  ? 
primary 'Kuenze, G.'       3  ? 
primary 'Reinhart, C.'     4  ? 
primary 'Kalavacherla, T.' 5  ? 
primary 'Jonker, H.R.A.'   6  ? 
primary 'Richter, C.'      7  ? 
primary 'Schwalbe, H.'     8  ? 
primary 'Meiler, J.'       9  ? 
primary 'Preu, J.'         10 ? 
primary 'Michel, H.'       11 ? 
primary 'Glaubitz, C.'     12 ? 
# 
_entity.id                         1 
_entity.type                       polymer 
_entity.src_method                 syn 
_entity.pdbx_description           Kininogen-1 
_entity.formula_weight             1034.210 
_entity.pdbx_number_of_molecules   1 
_entity.pdbx_ec                    ? 
_entity.pdbx_mutation              ? 
_entity.pdbx_fragment              ? 
_entity.details                    
;DAKD peptide bound to human B1R
Synonyms: Lys-des-Arg9 Bradykinin
;
# 
_entity_name_com.entity_id   1 
_entity_name_com.name        
'Alpha-2-thiol proteinase inhibitor,Fitzgerald factor,High molecular weight kininogen,HMWK,Williams-Fitzgerald-Flaujeac factor' 
# 
_entity_poly.entity_id                      1 
_entity_poly.type                           'polypeptide(L)' 
_entity_poly.nstd_linkage                   no 
_entity_poly.nstd_monomer                   no 
_entity_poly.pdbx_seq_one_letter_code       KRPPGFSPF 
_entity_poly.pdbx_seq_one_letter_code_can   KRPPGFSPF 
_entity_poly.pdbx_strand_id                 A 
_entity_poly.pdbx_target_identifier         ? 
# 
loop_
_entity_poly_seq.entity_id 
_entity_poly_seq.num 
_entity_poly_seq.mon_id 
_entity_poly_seq.hetero 
1 1 LYS n 
1 2 ARG n 
1 3 PRO n 
1 4 PRO n 
1 5 GLY n 
1 6 PHE n 
1 7 SER n 
1 8 PRO n 
1 9 PHE n 
# 
_pdbx_entity_src_syn.entity_id              1 
_pdbx_entity_src_syn.pdbx_src_id            1 
_pdbx_entity_src_syn.pdbx_alt_source_flag   sample 
_pdbx_entity_src_syn.pdbx_beg_seq_num       1 
_pdbx_entity_src_syn.pdbx_end_seq_num       9 
_pdbx_entity_src_syn.organism_scientific    'Homo sapiens' 
_pdbx_entity_src_syn.organism_common_name   Human 
_pdbx_entity_src_syn.ncbi_taxonomy_id       9606 
_pdbx_entity_src_syn.details                'This sequence occurs naturally in humans' 
# 
loop_
_chem_comp.id 
_chem_comp.type 
_chem_comp.mon_nstd_flag 
_chem_comp.name 
_chem_comp.pdbx_synonyms 
_chem_comp.formula 
_chem_comp.formula_weight 
ARG 'L-peptide linking' y ARGININE      ? 'C6 H15 N4 O2 1' 175.209 
GLY 'peptide linking'   y GLYCINE       ? 'C2 H5 N O2'     75.067  
LYS 'L-peptide linking' y LYSINE        ? 'C6 H15 N2 O2 1' 147.195 
PHE 'L-peptide linking' y PHENYLALANINE ? 'C9 H11 N O2'    165.189 
PRO 'L-peptide linking' y PROLINE       ? 'C5 H9 N O2'     115.130 
SER 'L-peptide linking' y SERINE        ? 'C3 H7 N O3'     105.093 
# 
loop_
_pdbx_poly_seq_scheme.asym_id 
_pdbx_poly_seq_scheme.entity_id 
_pdbx_poly_seq_scheme.seq_id 
_pdbx_poly_seq_scheme.mon_id 
_pdbx_poly_seq_scheme.ndb_seq_num 
_pdbx_poly_seq_scheme.pdb_seq_num 
_pdbx_poly_seq_scheme.auth_seq_num 
_pdbx_poly_seq_scheme.pdb_mon_id 
_pdbx_poly_seq_scheme.auth_mon_id 
_pdbx_poly_seq_scheme.pdb_strand_id 
_pdbx_poly_seq_scheme.pdb_ins_code 
_pdbx_poly_seq_scheme.hetero 
A 1 1 LYS 1 1 1 LYS LYS A . n 
A 1 2 ARG 2 2 2 ARG ARG A . n 
A 1 3 PRO 3 3 3 PRO PRO A . n 
A 1 4 PRO 4 4 4 PRO PRO A . n 
A 1 5 GLY 5 5 5 GLY GLY A . n 
A 1 6 PHE 6 6 6 PHE PHE A . n 
A 1 7 SER 7 7 7 SER SER A . n 
A 1 8 PRO 8 8 8 PRO PRO A . n 
A 1 9 PHE 9 9 9 PHE PHE A . n 
# 
_exptl.absorpt_coefficient_mu     ? 
_exptl.absorpt_correction_T_max   ? 
_exptl.absorpt_correction_T_min   ? 
_exptl.absorpt_correction_type    ? 
_exptl.absorpt_process_details    ? 
_exptl.entry_id                   6F3Y 
_exptl.crystals_number            ? 
_exptl.details                    ? 
_exptl.method                     'SOLID-STATE NMR' 
_exptl.method_details             ? 
# 
_struct.entry_id                     6F3Y 
_struct.title                        
;Backbone structure of Des-Arg10-Kallidin (DAKD) peptide bound to human Bradykinin 1 Receptor (B1R) determined by DNP-enhanced MAS SSNMR
;
_struct.pdbx_model_details           ? 
_struct.pdbx_formula_weight          ? 
_struct.pdbx_formula_weight_method   ? 
_struct.pdbx_model_type_details      ? 
_struct.pdbx_CASP_flag               N 
# 
_struct_keywords.entry_id        6F3Y 
_struct_keywords.text            'GPCR, DNP, MEMBRANE PROTEIN' 
_struct_keywords.pdbx_keywords   'MEMBRANE PROTEIN' 
# 
_struct_asym.id                            A 
_struct_asym.pdbx_blank_PDB_chainid_flag   N 
_struct_asym.pdbx_modified                 N 
_struct_asym.entity_id                     1 
_struct_asym.details                       ? 
# 
_struct_ref.id                         1 
_struct_ref.db_name                    UNP 
_struct_ref.db_code                    KNG1_HUMAN 
_struct_ref.pdbx_db_accession          P01042 
_struct_ref.pdbx_db_isoform            ? 
_struct_ref.entity_id                  1 
_struct_ref.pdbx_seq_one_letter_code   KRPPGFSPF 
_struct_ref.pdbx_align_begin           380 
# 
_struct_ref_seq.align_id                      1 
_struct_ref_seq.ref_id                        1 
_struct_ref_seq.pdbx_PDB_id_code              6F3Y 
_struct_ref_seq.pdbx_strand_id                A 
_struct_ref_seq.seq_align_beg                 1 
_struct_ref_seq.pdbx_seq_align_beg_ins_code   ? 
_struct_ref_seq.seq_align_end                 9 
_struct_ref_seq.pdbx_seq_align_end_ins_code   ? 
_struct_ref_seq.pdbx_db_accession             P01042 
_struct_ref_seq.db_align_beg                  380 
_struct_ref_seq.pdbx_db_align_beg_ins_code    ? 
_struct_ref_seq.db_align_end                  388 
_struct_ref_seq.pdbx_db_align_end_ins_code    ? 
_struct_ref_seq.pdbx_auth_seq_align_beg       1 
_struct_ref_seq.pdbx_auth_seq_align_end       9 
# 
_pdbx_struct_assembly.id                   1 
_pdbx_struct_assembly.details              software_defined_assembly 
_pdbx_struct_assembly.method_details       PISA 
_pdbx_struct_assembly.oligomeric_details   monomeric 
_pdbx_struct_assembly.oligomeric_count     1 
# 
loop_
_pdbx_struct_assembly_prop.biol_id 
_pdbx_struct_assembly_prop.type 
_pdbx_struct_assembly_prop.value 
_pdbx_struct_assembly_prop.details 
1 'ABSA (A^2)' 0    ? 
1 MORE         0    ? 
1 'SSA (A^2)'  1320 ? 
# 
_pdbx_struct_assembly_gen.assembly_id       1 
_pdbx_struct_assembly_gen.oper_expression   1 
_pdbx_struct_assembly_gen.asym_id_list      A 
# 
_pdbx_struct_assembly_auth_evidence.id                     1 
_pdbx_struct_assembly_auth_evidence.assembly_id            1 
_pdbx_struct_assembly_auth_evidence.experimental_support   none 
_pdbx_struct_assembly_auth_evidence.details                ? 
# 
_pdbx_struct_oper_list.id                   1 
_pdbx_struct_oper_list.type                 'identity operation' 
_pdbx_struct_oper_list.name                 1_555 
_pdbx_struct_oper_list.symmetry_operation   ? 
_pdbx_struct_oper_list.matrix[1][1]         1.0000000000 
_pdbx_struct_oper_list.matrix[1][2]         0.0000000000 
_pdbx_struct_oper_list.matrix[1][3]         0.0000000000 
_pdbx_struct_oper_list.vector[1]            0.0000000000 
_pdbx_struct_oper_list.matrix[2][1]         0.0000000000 
_pdbx_struct_oper_list.matrix[2][2]         1.0000000000 
_pdbx_struct_oper_list.matrix[2][3]         0.0000000000 
_pdbx_struct_oper_list.vector[2]            0.0000000000 
_pdbx_struct_oper_list.matrix[3][1]         0.0000000000 
_pdbx_struct_oper_list.matrix[3][2]         0.0000000000 
_pdbx_struct_oper_list.matrix[3][3]         1.0000000000 
_pdbx_struct_oper_list.vector[3]            0.0000000000 
# 
_pdbx_nmr_ensemble.entry_id                                      6F3Y 
_pdbx_nmr_ensemble.conformers_calculated_total_number            500 
_pdbx_nmr_ensemble.conformers_submitted_total_number             10 
_pdbx_nmr_ensemble.conformer_selection_criteria                  'structures with the least restraint violations' 
_pdbx_nmr_ensemble.representative_conformer                      ? 
_pdbx_nmr_ensemble.average_constraints_per_residue               ? 
_pdbx_nmr_ensemble.average_constraint_violations_per_residue     ? 
_pdbx_nmr_ensemble.maximum_distance_constraint_violation         ? 
_pdbx_nmr_ensemble.average_distance_constraint_violation         ? 
_pdbx_nmr_ensemble.maximum_upper_distance_constraint_violation   ? 
_pdbx_nmr_ensemble.maximum_lower_distance_constraint_violation   ? 
_pdbx_nmr_ensemble.distance_constraint_violation_method          ? 
_pdbx_nmr_ensemble.maximum_torsion_angle_constraint_violation    ? 
_pdbx_nmr_ensemble.average_torsion_angle_constraint_violation    ? 
_pdbx_nmr_ensemble.torsion_angle_constraint_violation_method     ? 
# 
_pdbx_nmr_representative.entry_id             6F3Y 
_pdbx_nmr_representative.conformer_id         4 
_pdbx_nmr_representative.selection_criteria   'closest to the average' 
# 
loop_
_pdbx_nmr_sample_details.solution_id 
_pdbx_nmr_sample_details.contents 
_pdbx_nmr_sample_details.solvent_system 
_pdbx_nmr_sample_details.label 
_pdbx_nmr_sample_details.type 
_pdbx_nmr_sample_details.details 
1 
;312.5 uM [U-13C; U-15N] K1 Des-Arg10-Kallidin (DAKD), 312.5 uM not labeled human B1R, 10 mM not labeled AMUPOL, 50 mM not labeled HEPES, 150 mM not labeled NaCl, 4 % w/v not labeled DDM, 0.4 % w/v not labeled CHS, 10% H2O/ 40%D2O/ 50% d8-glycerol
;
'10% H2O/ 40%D2O/ 50% d8-glycerol' 'UCN-K1 DAKD'   solid 'frozen solution of B1R-DAKD complex in DDM/CHS detergent micelle' 
2 
;312.5 uM [U-13C; U-15N] R2S7 Des-Arg10-Kallidin (DAKD), 312.5 uM not labeled human B1R, 10 mM not labeled AMUPOL, 50 mM not labeled HEPES, 150 mM not labeled NaCl, 4 % w/v not labeled DDM, 0.4 % w/v not labeled CHS, 10% H2O/ 40%D2O/ 50% d8-glycerol
;
'10% H2O/ 40%D2O/ 50% d8-glycerol' 'UCN-R2S7 DAKD' solid 'frozen solution of B1R-DAKD complex in DDM/CHS detergent micelle' 
3 
;312.5 uM [U-13C; U-15N] P3 Des-Arg10-Kallidin (DAKD), 312.5 uM not labeled human B1R, 10 mM not labeled AMUPOL, 50 mM not labeled HEPES, 150 mM not labeled NaCl, 4 % w/v not labeled DDM, 0.4 % w/v not labeled CHS, 10% H2O/ 40%D2O/ 50% d8-glycerol
;
'10% H2O/ 40%D2O/ 50% d8-glycerol' 'UCN-P3 DAKD'   solid 'frozen solution of B1R-DAKD complex in DDM/CHS detergent micelle' 
4 
;312.5 uM [U-13C; U-15N] P4 Des-Arg10-Kallidin (DAKD), 312.5 uM not labeled human B1R, 10 mM not labeled AMUPOL, 50 mM not labeled HEPES, 150 mM not labeled NaCl, 4 % w/v not labeled DDM, 0.4 % w/v not labeled CHS, 10% H2O/ 40%D2O/ 50% d8-glycerol
;
'10% H2O/ 40%D2O/ 50% d8-glycerol' 'UCN-P4 DAKD'   solid 'frozen solution of B1R-DAKD complex in DDM/CHS detergent micelle' 
5 
;312.5 uM [U-13C; U-15N] G5F6 Des-Arg10-Kallidin (DAKD), 312.5 uM not labeled human B1R, 10 mM not labeled AMUPOL, 50 mM not labeled HEPES, 150 mM not labeled NaCl, 4 % w/v not labeled DDM, 0.4 % w/v not labeled CHS, 10% H2O/ 40%D2O/ 50% d8-glycerol
;
'10% H2O/ 40%D2O/ 50% d8-glycerol' 'UCN-G5F6 DAKD' solid 'frozen solution of B1R-DAKD complex in DDM/CHS detergent micelle' 
6 
;312.5 uM [U-13C; U-15N] S7P9 Des-Arg10-Kallidin (DAKD), 312.5 uM not labeled human B1R, 10 mM not labeled AMUPOL, 50 mM not labeled HEPES, 150 mM not labeled NaCl, 4 % w/v not labeled DDM, 0.4 % w/v not labeled CHS, 10% H2O/ 40%D2O/ 50% d8-glycerol
;
'10% H2O/ 40%D2O/ 50% d8-glycerol' 'UCN-S7P9 DAKD' solid 'frozen solution of B1R-DAKD complex in DDM/CHS detergent micelle' 
# 
loop_
_pdbx_nmr_exptl_sample.solution_id 
_pdbx_nmr_exptl_sample.component 
_pdbx_nmr_exptl_sample.concentration 
_pdbx_nmr_exptl_sample.concentration_range 
_pdbx_nmr_exptl_sample.concentration_units 
_pdbx_nmr_exptl_sample.isotopic_labeling 
1 'Des-Arg10-Kallidin (DAKD)' 312.5 ? uM      '[U-13C; U-15N] K1'   
1 'human B1R'                 312.5 ? uM      'not labeled'         
1 AMUPOL                      10    ? mM      'not labeled'         
1 HEPES                       50    ? mM      'not labeled'         
1 NaCl                        150   ? mM      'not labeled'         
1 DDM                         4     ? '% w/v' 'not labeled'         
1 CHS                         0.4   ? '% w/v' 'not labeled'         
2 'Des-Arg10-Kallidin (DAKD)' 312.5 ? uM      '[U-13C; U-15N] R2S7' 
2 'human B1R'                 312.5 ? uM      'not labeled'         
2 AMUPOL                      10    ? mM      'not labeled'         
2 HEPES                       50    ? mM      'not labeled'         
2 NaCl                        150   ? mM      'not labeled'         
2 DDM                         4     ? '% w/v' 'not labeled'         
2 CHS                         0.4   ? '% w/v' 'not labeled'         
3 'Des-Arg10-Kallidin (DAKD)' 312.5 ? uM      '[U-13C; U-15N] P3'   
3 'human B1R'                 312.5 ? uM      'not labeled'         
3 AMUPOL                      10    ? mM      'not labeled'         
3 HEPES                       50    ? mM      'not labeled'         
3 NaCl                        150   ? mM      'not labeled'         
3 DDM                         4     ? '% w/v' 'not labeled'         
3 CHS                         0.4   ? '% w/v' 'not labeled'         
4 'Des-Arg10-Kallidin (DAKD)' 312.5 ? uM      '[U-13C; U-15N] P4'   
4 'human B1R'                 312.5 ? uM      'not labeled'         
4 AMUPOL                      10    ? mM      'not labeled'         
4 HEPES                       50    ? mM      'not labeled'         
4 NaCl                        150   ? mM      'not labeled'         
4 DDM                         4     ? '% w/v' 'not labeled'         
4 CHS                         0.4   ? '% w/v' 'not labeled'         
5 'Des-Arg10-Kallidin (DAKD)' 312.5 ? uM      '[U-13C; U-15N] G5F6' 
5 'human B1R'                 312.5 ? uM      'not labeled'         
5 AMUPOL                      10    ? mM      'not labeled'         
5 HEPES                       50    ? mM      'not labeled'         
5 NaCl                        150   ? mM      'not labeled'         
5 DDM                         4     ? '% w/v' 'not labeled'         
5 CHS                         0.4   ? '% w/v' 'not labeled'         
6 'Des-Arg10-Kallidin (DAKD)' 312.5 ? uM      '[U-13C; U-15N] S7P9' 
6 'human B1R'                 312.5 ? uM      'not labeled'         
6 AMUPOL                      10    ? mM      'not labeled'         
6 HEPES                       50    ? mM      'not labeled'         
6 NaCl                        150   ? mM      'not labeled'         
6 DDM                         4     ? '% w/v' 'not labeled'         
6 CHS                         0.4   ? '% w/v' 'not labeled'         
# 
_pdbx_nmr_exptl_sample_conditions.conditions_id          1 
_pdbx_nmr_exptl_sample_conditions.temperature            110 
_pdbx_nmr_exptl_sample_conditions.pressure_units         atm 
_pdbx_nmr_exptl_sample_conditions.pressure               1 
_pdbx_nmr_exptl_sample_conditions.pH                     7.6 
_pdbx_nmr_exptl_sample_conditions.ionic_strength         175 
_pdbx_nmr_exptl_sample_conditions.details                'frozen solution of B1R-DAKD complex in DDM/CHS detergent micelle' 
_pdbx_nmr_exptl_sample_conditions.ionic_strength_err     ? 
_pdbx_nmr_exptl_sample_conditions.ionic_strength_units   mM 
_pdbx_nmr_exptl_sample_conditions.label                  DNP 
_pdbx_nmr_exptl_sample_conditions.pH_err                 ? 
_pdbx_nmr_exptl_sample_conditions.pH_units               pH 
_pdbx_nmr_exptl_sample_conditions.pressure_err           ? 
_pdbx_nmr_exptl_sample_conditions.temperature_err        ? 
_pdbx_nmr_exptl_sample_conditions.temperature_units      K 
# 
loop_
_pdbx_nmr_exptl.experiment_id 
_pdbx_nmr_exptl.conditions_id 
_pdbx_nmr_exptl.solution_id 
_pdbx_nmr_exptl.type 
_pdbx_nmr_exptl.spectrometer_id 
_pdbx_nmr_exptl.sample_state 
1  1 1 '2D 13C-13C DQ-SQ'               1 isotropic 
2  1 1 '2D 15N-13C TEDOR'               1 isotropic 
3  1 2 '2D 13C-13C DQ-SQ'               1 isotropic 
4  1 2 '2D 15N-13C TEDOR'               1 isotropic 
5  1 3 '2D 13C-13C DQ-SQ'               1 isotropic 
9  1 3 '2D 15N-13C TEDOR'               1 isotropic 
8  1 4 '2D 13C-13C DQ-SQ'               1 isotropic 
7  1 4 '2D 15N-13C TEDOR'               1 isotropic 
6  1 5 '2D 13C-13C DQ-SQ'               1 isotropic 
10 1 5 '2D 15N-13C TEDOR'               1 isotropic 
11 1 6 '2D 13C-13C DQ-SQ'               1 isotropic 
13 1 6 '2D 13C-13C DQ-SQ'               1 isotropic 
12 1 6 '1D REDOR/DQF double-filter 13C' 1 isotropic 
# 
loop_
_pdbx_nmr_refine.entry_id 
_pdbx_nmr_refine.method 
_pdbx_nmr_refine.details 
_pdbx_nmr_refine.software_ordinal 
6F3Y 'torsion angle dynamics' ?                                                    1  
6F3Y na                       'used in joint analysis, see paper for more details' 7  
6F3Y na                       'used in joint analysis, see paper for more details' 8  
6F3Y na                       'used in joint analysis, see paper for more details' 9  
6F3Y na                       'used in joint analysis, see paper for more details' 10 
6F3Y na                       'used in joint analysis, see paper for more details' 11 
# 
loop_
_pdbx_nmr_software.ordinal 
_pdbx_nmr_software.classification 
_pdbx_nmr_software.name 
_pdbx_nmr_software.version 
_pdbx_nmr_software.authors 
1  'structure calculation'     CYANA            2.1    'Guntert, Mumenthaler and Wuthrich' 
2  'chemical shift assignment' TopSpin          ?      'Bruker Biospin' 
3  collection                  TopSpin          ?      'Bruker Biospin' 
4  'data analysis'             TopSpin          ?      'Bruker Biospin' 
5  processing                  TopSpin          ?      'Bruker Biospin' 
6  refinement                  CYANA            ?      'Guntert, Mumenthaler and Wuthrich' 
7  refinement                  TALOS-N          ?      'Shen, Bax' 
8  refinement                  PREDITOR         ?      'Berjanskii, Neal, Wishart' 
9  refinement                  Flexible-meccano ?      
'Ozone, Bauer, Salmon, Huang, Jensen, Segard, Bernado, Charavay, Blackledge' 
10 refinement                  SHIFTX           1.1    'Neal, Nip, Zhang, Wishart' 
11 refinement                  Circos           0.69.3 'Krzywinski, Schein, Birol, Connors, Gascoyne, Horsman, Jones, A Marra' 
12 'data analysis'             TALOS+           ?      'Shen, Delaglio, Cornilescu, Bax' 
# 
loop_
_chem_comp_atom.comp_id 
_chem_comp_atom.atom_id 
_chem_comp_atom.type_symbol 
_chem_comp_atom.pdbx_aromatic_flag 
_chem_comp_atom.pdbx_stereo_config 
_chem_comp_atom.pdbx_ordinal 
ARG N    N N N 1   
ARG CA   C N S 2   
ARG C    C N N 3   
ARG O    O N N 4   
ARG CB   C N N 5   
ARG CG   C N N 6   
ARG CD   C N N 7   
ARG NE   N N N 8   
ARG CZ   C N N 9   
ARG NH1  N N N 10  
ARG NH2  N N N 11  
ARG OXT  O N N 12  
ARG H    H N N 13  
ARG H2   H N N 14  
ARG HA   H N N 15  
ARG HB2  H N N 16  
ARG HB3  H N N 17  
ARG HG2  H N N 18  
ARG HG3  H N N 19  
ARG HD2  H N N 20  
ARG HD3  H N N 21  
ARG HE   H N N 22  
ARG HH11 H N N 23  
ARG HH12 H N N 24  
ARG HH21 H N N 25  
ARG HH22 H N N 26  
ARG HXT  H N N 27  
GLY N    N N N 28  
GLY CA   C N N 29  
GLY C    C N N 30  
GLY O    O N N 31  
GLY OXT  O N N 32  
GLY H    H N N 33  
GLY H2   H N N 34  
GLY HA2  H N N 35  
GLY HA3  H N N 36  
GLY HXT  H N N 37  
LYS N    N N N 38  
LYS CA   C N S 39  
LYS C    C N N 40  
LYS O    O N N 41  
LYS CB   C N N 42  
LYS CG   C N N 43  
LYS CD   C N N 44  
LYS CE   C N N 45  
LYS NZ   N N N 46  
LYS OXT  O N N 47  
LYS H    H N N 48  
LYS H2   H N N 49  
LYS HA   H N N 50  
LYS HB2  H N N 51  
LYS HB3  H N N 52  
LYS HG2  H N N 53  
LYS HG3  H N N 54  
LYS HD2  H N N 55  
LYS HD3  H N N 56  
LYS HE2  H N N 57  
LYS HE3  H N N 58  
LYS HZ1  H N N 59  
LYS HZ2  H N N 60  
LYS HZ3  H N N 61  
LYS HXT  H N N 62  
PHE N    N N N 63  
PHE CA   C N S 64  
PHE C    C N N 65  
PHE O    O N N 66  
PHE CB   C N N 67  
PHE CG   C Y N 68  
PHE CD1  C Y N 69  
PHE CD2  C Y N 70  
PHE CE1  C Y N 71  
PHE CE2  C Y N 72  
PHE CZ   C Y N 73  
PHE OXT  O N N 74  
PHE H    H N N 75  
PHE H2   H N N 76  
PHE HA   H N N 77  
PHE HB2  H N N 78  
PHE HB3  H N N 79  
PHE HD1  H N N 80  
PHE HD2  H N N 81  
PHE HE1  H N N 82  
PHE HE2  H N N 83  
PHE HZ   H N N 84  
PHE HXT  H N N 85  
PRO N    N N N 86  
PRO CA   C N S 87  
PRO C    C N N 88  
PRO O    O N N 89  
PRO CB   C N N 90  
PRO CG   C N N 91  
PRO CD   C N N 92  
PRO OXT  O N N 93  
PRO H    H N N 94  
PRO HA   H N N 95  
PRO HB2  H N N 96  
PRO HB3  H N N 97  
PRO HG2  H N N 98  
PRO HG3  H N N 99  
PRO HD2  H N N 100 
PRO HD3  H N N 101 
PRO HXT  H N N 102 
SER N    N N N 103 
SER CA   C N S 104 
SER C    C N N 105 
SER O    O N N 106 
SER CB   C N N 107 
SER OG   O N N 108 
SER OXT  O N N 109 
SER H    H N N 110 
SER H2   H N N 111 
SER HA   H N N 112 
SER HB2  H N N 113 
SER HB3  H N N 114 
SER HG   H N N 115 
SER HXT  H N N 116 
# 
loop_
_chem_comp_bond.comp_id 
_chem_comp_bond.atom_id_1 
_chem_comp_bond.atom_id_2 
_chem_comp_bond.value_order 
_chem_comp_bond.pdbx_aromatic_flag 
_chem_comp_bond.pdbx_stereo_config 
_chem_comp_bond.pdbx_ordinal 
ARG N   CA   sing N N 1   
ARG N   H    sing N N 2   
ARG N   H2   sing N N 3   
ARG CA  C    sing N N 4   
ARG CA  CB   sing N N 5   
ARG CA  HA   sing N N 6   
ARG C   O    doub N N 7   
ARG C   OXT  sing N N 8   
ARG CB  CG   sing N N 9   
ARG CB  HB2  sing N N 10  
ARG CB  HB3  sing N N 11  
ARG CG  CD   sing N N 12  
ARG CG  HG2  sing N N 13  
ARG CG  HG3  sing N N 14  
ARG CD  NE   sing N N 15  
ARG CD  HD2  sing N N 16  
ARG CD  HD3  sing N N 17  
ARG NE  CZ   sing N N 18  
ARG NE  HE   sing N N 19  
ARG CZ  NH1  sing N N 20  
ARG CZ  NH2  doub N N 21  
ARG NH1 HH11 sing N N 22  
ARG NH1 HH12 sing N N 23  
ARG NH2 HH21 sing N N 24  
ARG NH2 HH22 sing N N 25  
ARG OXT HXT  sing N N 26  
GLY N   CA   sing N N 27  
GLY N   H    sing N N 28  
GLY N   H2   sing N N 29  
GLY CA  C    sing N N 30  
GLY CA  HA2  sing N N 31  
GLY CA  HA3  sing N N 32  
GLY C   O    doub N N 33  
GLY C   OXT  sing N N 34  
GLY OXT HXT  sing N N 35  
LYS N   CA   sing N N 36  
LYS N   H    sing N N 37  
LYS N   H2   sing N N 38  
LYS CA  C    sing N N 39  
LYS CA  CB   sing N N 40  
LYS CA  HA   sing N N 41  
LYS C   O    doub N N 42  
LYS C   OXT  sing N N 43  
LYS CB  CG   sing N N 44  
LYS CB  HB2  sing N N 45  
LYS CB  HB3  sing N N 46  
LYS CG  CD   sing N N 47  
LYS CG  HG2  sing N N 48  
LYS CG  HG3  sing N N 49  
LYS CD  CE   sing N N 50  
LYS CD  HD2  sing N N 51  
LYS CD  HD3  sing N N 52  
LYS CE  NZ   sing N N 53  
LYS CE  HE2  sing N N 54  
LYS CE  HE3  sing N N 55  
LYS NZ  HZ1  sing N N 56  
LYS NZ  HZ2  sing N N 57  
LYS NZ  HZ3  sing N N 58  
LYS OXT HXT  sing N N 59  
PHE N   CA   sing N N 60  
PHE N   H    sing N N 61  
PHE N   H2   sing N N 62  
PHE CA  C    sing N N 63  
PHE CA  CB   sing N N 64  
PHE CA  HA   sing N N 65  
PHE C   O    doub N N 66  
PHE C   OXT  sing N N 67  
PHE CB  CG   sing N N 68  
PHE CB  HB2  sing N N 69  
PHE CB  HB3  sing N N 70  
PHE CG  CD1  doub Y N 71  
PHE CG  CD2  sing Y N 72  
PHE CD1 CE1  sing Y N 73  
PHE CD1 HD1  sing N N 74  
PHE CD2 CE2  doub Y N 75  
PHE CD2 HD2  sing N N 76  
PHE CE1 CZ   doub Y N 77  
PHE CE1 HE1  sing N N 78  
PHE CE2 CZ   sing Y N 79  
PHE CE2 HE2  sing N N 80  
PHE CZ  HZ   sing N N 81  
PHE OXT HXT  sing N N 82  
PRO N   CA   sing N N 83  
PRO N   CD   sing N N 84  
PRO N   H    sing N N 85  
PRO CA  C    sing N N 86  
PRO CA  CB   sing N N 87  
PRO CA  HA   sing N N 88  
PRO C   O    doub N N 89  
PRO C   OXT  sing N N 90  
PRO CB  CG   sing N N 91  
PRO CB  HB2  sing N N 92  
PRO CB  HB3  sing N N 93  
PRO CG  CD   sing N N 94  
PRO CG  HG2  sing N N 95  
PRO CG  HG3  sing N N 96  
PRO CD  HD2  sing N N 97  
PRO CD  HD3  sing N N 98  
PRO OXT HXT  sing N N 99  
SER N   CA   sing N N 100 
SER N   H    sing N N 101 
SER N   H2   sing N N 102 
SER CA  C    sing N N 103 
SER CA  CB   sing N N 104 
SER CA  HA   sing N N 105 
SER C   O    doub N N 106 
SER C   OXT  sing N N 107 
SER CB  OG   sing N N 108 
SER CB  HB2  sing N N 109 
SER CB  HB3  sing N N 110 
SER OG  HG   sing N N 111 
SER OXT HXT  sing N N 112 
# 
loop_
_pdbx_audit_support.funding_organization 
_pdbx_audit_support.country 
_pdbx_audit_support.grant_number 
_pdbx_audit_support.ordinal 
'German Research Foundation'    Germany         'SFB 807'                                                  1 
'German Research Foundation'    Germany         'Cluster of Excellence Frankfurt Macromolecular Complexes' 2 
'German Research Foundation'    Germany         'GL 307/8-1'                                               3 
'National Institutes of Health' 'United States' 'R01 GM080403, R01 GM099842, R01 GM073151'                 4 
# 
_pdbx_nmr_spectrometer.spectrometer_id   1 
_pdbx_nmr_spectrometer.model             'AVANCE II' 
_pdbx_nmr_spectrometer.type              ? 
_pdbx_nmr_spectrometer.manufacturer      Bruker 
_pdbx_nmr_spectrometer.field_strength    400 
_pdbx_nmr_spectrometer.details           'SSNMR spectrometer' 
# 
_atom_sites.entry_id                    6F3Y 
_atom_sites.fract_transf_matrix[1][1]   1.000000 
_atom_sites.fract_transf_matrix[1][2]   0.000000 
_atom_sites.fract_transf_matrix[1][3]   0.000000 
_atom_sites.fract_transf_matrix[2][1]   0.000000 
_atom_sites.fract_transf_matrix[2][2]   1.000000 
_atom_sites.fract_transf_matrix[2][3]   0.000000 
_atom_sites.fract_transf_matrix[3][1]   0.000000 
_atom_sites.fract_transf_matrix[3][2]   0.000000 
_atom_sites.fract_transf_matrix[3][3]   1.000000 
_atom_sites.fract_transf_vector[1]      0.00000 
_atom_sites.fract_transf_vector[2]      0.00000 
_atom_sites.fract_transf_vector[3]      0.00000 
# 
loop_
_atom_type.symbol 
C 
H 
N 
O 
# 
loop_
_atom_site.group_PDB 
_atom_site.id 
_atom_site.type_symbol 
_atom_site.label_atom_id 
_atom_site.label_alt_id 
_atom_site.label_comp_id 
_atom_site.label_asym_id 
_atom_site.label_entity_id 
_atom_site.label_seq_id 
_atom_site.pdbx_PDB_ins_code 
_atom_site.Cartn_x 
_atom_site.Cartn_y 
_atom_site.Cartn_z 
_atom_site.occupancy 
_atom_site.B_iso_or_equiv 
_atom_site.pdbx_formal_charge 
_atom_site.auth_seq_id 
_atom_site.auth_comp_id 
_atom_site.auth_asym_id 
_atom_site.auth_atom_id 
_atom_site.pdbx_PDB_model_num 
ATOM 1    N N    . LYS A 1 1 ? -4.585 6.607  -0.824 1.00 13.00 ? 1 LYS A N    1  
ATOM 2    C CA   . LYS A 1 1 ? -3.854 7.133  0.323  1.00 3.51  ? 1 LYS A CA   1  
ATOM 3    C C    . LYS A 1 1 ? -2.382 6.736  0.258  1.00 53.31 ? 1 LYS A C    1  
ATOM 4    O O    . LYS A 1 1 ? -1.498 7.556  0.504  1.00 24.11 ? 1 LYS A O    1  
ATOM 5    C CB   . LYS A 1 1 ? -4.475 6.623  1.626  1.00 4.11  ? 1 LYS A CB   1  
ATOM 6    C CG   . LYS A 1 1 ? -5.140 7.712  2.449  1.00 45.32 ? 1 LYS A CG   1  
ATOM 7    C CD   . LYS A 1 1 ? -6.622 7.821  2.137  1.00 33.24 ? 1 LYS A CD   1  
ATOM 8    C CE   . LYS A 1 1 ? -7.453 6.943  3.061  1.00 64.41 ? 1 LYS A CE   1  
ATOM 9    N NZ   . LYS A 1 1 ? -8.900 6.984  2.711  1.00 52.33 ? 1 LYS A NZ   1  
ATOM 10   H H1   . LYS A 1 1 ? -4.084 6.259  -1.591 1.00 5.14  ? 1 LYS A H1   1  
ATOM 11   H HA   . LYS A 1 1 ? -3.926 8.210  0.297  1.00 24.01 ? 1 LYS A HA   1  
ATOM 12   H HB2  . LYS A 1 1 ? -5.217 5.876  1.389  1.00 11.21 ? 1 LYS A HB2  1  
ATOM 13   H HB3  . LYS A 1 1 ? -3.698 6.170  2.226  1.00 10.54 ? 1 LYS A HB3  1  
ATOM 14   H HG2  . LYS A 1 1 ? -5.020 7.481  3.498  1.00 30.22 ? 1 LYS A HG2  1  
ATOM 15   H HG3  . LYS A 1 1 ? -4.664 8.658  2.231  1.00 0.54  ? 1 LYS A HG3  1  
ATOM 16   H HD2  . LYS A 1 1 ? -6.933 8.848  2.259  1.00 70.22 ? 1 LYS A HD2  1  
ATOM 17   H HD3  . LYS A 1 1 ? -6.789 7.512  1.114  1.00 72.12 ? 1 LYS A HD3  1  
ATOM 18   H HE2  . LYS A 1 1 ? -7.100 5.926  2.982  1.00 73.13 ? 1 LYS A HE2  1  
ATOM 19   H HE3  . LYS A 1 1 ? -7.327 7.291  4.075  1.00 5.54  ? 1 LYS A HE3  1  
ATOM 20   H HZ1  . LYS A 1 1 ? -9.369 6.111  3.030  1.00 63.42 ? 1 LYS A HZ1  1  
ATOM 21   H HZ2  . LYS A 1 1 ? -9.016 7.071  1.682  1.00 14.42 ? 1 LYS A HZ2  1  
ATOM 22   H HZ3  . LYS A 1 1 ? -9.356 7.797  3.171  1.00 43.13 ? 1 LYS A HZ3  1  
ATOM 23   N N    . ARG A 1 2 ? -2.128 5.475  -0.074 1.00 12.25 ? 2 ARG A N    1  
ATOM 24   C CA   . ARG A 1 2 ? -0.764 4.970  -0.171 1.00 70.44 ? 2 ARG A CA   1  
ATOM 25   C C    . ARG A 1 2 ? -0.389 4.694  -1.624 1.00 61.40 ? 2 ARG A C    1  
ATOM 26   O O    . ARG A 1 2 ? -1.245 4.549  -2.496 1.00 32.52 ? 2 ARG A O    1  
ATOM 27   C CB   . ARG A 1 2 ? -0.610 3.694  0.658  1.00 62.14 ? 2 ARG A CB   1  
ATOM 28   C CG   . ARG A 1 2 ? -0.037 3.935  2.045  1.00 70.11 ? 2 ARG A CG   1  
ATOM 29   C CD   . ARG A 1 2 ? -1.089 3.736  3.125  1.00 31.12 ? 2 ARG A CD   1  
ATOM 30   N NE   . ARG A 1 2 ? -0.493 3.433  4.423  1.00 2.23  ? 2 ARG A NE   1  
ATOM 31   C CZ   . ARG A 1 2 ? 0.071  2.267  4.717  1.00 3.24  ? 2 ARG A CZ   1  
ATOM 32   N NH1  . ARG A 1 2 ? 0.114  1.300  3.810  1.00 42.23 ? 2 ARG A NH1  1  
ATOM 33   N NH2  . ARG A 1 2 ? 0.594  2.066  5.920  1.00 55.54 ? 2 ARG A NH2  1  
ATOM 34   H H    . ARG A 1 2 ? -2.876 4.868  -0.259 1.00 61.35 ? 2 ARG A H    1  
ATOM 35   H HA   . ARG A 1 2 ? -0.102 5.727  0.222  1.00 62.14 ? 2 ARG A HA   1  
ATOM 36   H HB2  . ARG A 1 2 ? -1.579 3.231  0.769  1.00 1.55  ? 2 ARG A HB2  1  
ATOM 37   H HB3  . ARG A 1 2 ? 0.047  3.016  0.134  1.00 41.14 ? 2 ARG A HB3  1  
ATOM 38   H HG2  . ARG A 1 2 ? 0.773  3.241  2.216  1.00 52.21 ? 2 ARG A HG2  1  
ATOM 39   H HG3  . ARG A 1 2 ? 0.336  4.947  2.100  1.00 11.23 ? 2 ARG A HG3  1  
ATOM 40   H HD2  . ARG A 1 2 ? -1.673 4.641  3.211  1.00 64.33 ? 2 ARG A HD2  1  
ATOM 41   H HD3  . ARG A 1 2 ? -1.733 2.920  2.834  1.00 50.12 ? 2 ARG A HD3  1  
ATOM 42   H HE   . ARG A 1 2 ? -0.513 4.133  5.107  1.00 73.22 ? 2 ARG A HE   1  
ATOM 43   H HH11 . ARG A 1 2 ? -0.277 1.448  2.903  1.00 60.21 ? 2 ARG A HH11 1  
ATOM 44   H HH12 . ARG A 1 2 ? 0.541  0.423  4.035  1.00 13.43 ? 2 ARG A HH12 1  
ATOM 45   H HH21 . ARG A 1 2 ? 0.563  2.792  6.606  1.00 71.31 ? 2 ARG A HH21 1  
ATOM 46   H HH22 . ARG A 1 2 ? 1.017  1.188  6.141  1.00 14.35 ? 2 ARG A HH22 1  
ATOM 47   N N    . PRO A 1 3 ? 0.924  4.619  -1.892 1.00 21.33 ? 3 PRO A N    1  
ATOM 48   C CA   . PRO A 1 3 ? 1.443  4.360  -3.239 1.00 74.34 ? 3 PRO A CA   1  
ATOM 49   C C    . PRO A 1 3 ? 1.167  2.934  -3.702 1.00 53.25 ? 3 PRO A C    1  
ATOM 50   O O    . PRO A 1 3 ? 0.779  2.066  -2.919 1.00 35.14 ? 3 PRO A O    1  
ATOM 51   C CB   . PRO A 1 3 ? 2.948  4.592  -3.089 1.00 42.32 ? 3 PRO A CB   1  
ATOM 52   C CG   . PRO A 1 3 ? 3.230  4.338  -1.647 1.00 35.55 ? 3 PRO A CG   1  
ATOM 53   C CD   . PRO A 1 3 ? 2.001  4.782  -0.902 1.00 11.12 ? 3 PRO A CD   1  
ATOM 54   H HA   . PRO A 1 3 ? 1.039  5.056  -3.960 1.00 24.02 ? 3 PRO A HA   1  
ATOM 55   H HB2  . PRO A 1 3 ? 3.487  3.903  -3.725 1.00 54.12 ? 3 PRO A HB2  1  
ATOM 56   H HB3  . PRO A 1 3 ? 3.190  5.608  -3.364 1.00 15.01 ? 3 PRO A HB3  1  
ATOM 57   H HG2  . PRO A 1 3 ? 3.405  3.285  -1.489 1.00 63.14 ? 3 PRO A HG2  1  
ATOM 58   H HG3  . PRO A 1 3 ? 4.086  4.914  -1.334 1.00 64.54 ? 3 PRO A HG3  1  
ATOM 59   H HD2  . PRO A 1 3 ? 1.833  4.150  -0.042 1.00 4.24  ? 3 PRO A HD2  1  
ATOM 60   H HD3  . PRO A 1 3 ? 2.095  5.814  -0.601 1.00 50.03 ? 3 PRO A HD3  1  
ATOM 61   N N    . PRO A 1 4 ? 1.373  2.683  -5.003 1.00 21.20 ? 4 PRO A N    1  
ATOM 62   C CA   . PRO A 1 4 ? 1.153  1.361  -5.599 1.00 65.52 ? 4 PRO A CA   1  
ATOM 63   C C    . PRO A 1 4 ? 2.187  0.340  -5.138 1.00 13.32 ? 4 PRO A C    1  
ATOM 64   O O    . PRO A 1 4 ? 3.364  0.659  -4.982 1.00 53.43 ? 4 PRO A O    1  
ATOM 65   C CB   . PRO A 1 4 ? 1.292  1.623  -7.102 1.00 45.34 ? 4 PRO A CB   1  
ATOM 66   C CG   . PRO A 1 4 ? 2.161  2.830  -7.198 1.00 52.23 ? 4 PRO A CG   1  
ATOM 67   C CD   . PRO A 1 4 ? 1.836  3.670  -5.993 1.00 31.31 ? 4 PRO A CD   1  
ATOM 68   H HA   . PRO A 1 4 ? 0.162  0.991  -5.387 1.00 14.31 ? 4 PRO A HA   1  
ATOM 69   H HB2  . PRO A 1 4 ? 1.750  0.767  -7.577 1.00 53.42 ? 4 PRO A HB2  1  
ATOM 70   H HB3  . PRO A 1 4 ? 0.318  1.802  -7.531 1.00 64.00 ? 4 PRO A HB3  1  
ATOM 71   H HG2  . PRO A 1 4 ? 3.199  2.537  -7.182 1.00 71.14 ? 4 PRO A HG2  1  
ATOM 72   H HG3  . PRO A 1 4 ? 1.935  3.372  -8.103 1.00 21.51 ? 4 PRO A HG3  1  
ATOM 73   H HD2  . PRO A 1 4 ? 2.719  4.184  -5.642 1.00 13.45 ? 4 PRO A HD2  1  
ATOM 74   H HD3  . PRO A 1 4 ? 1.054  4.378  -6.226 1.00 1.41  ? 4 PRO A HD3  1  
ATOM 75   N N    . GLY A 1 5 ? 1.736  -0.894 -4.923 1.00 65.11 ? 5 GLY A N    1  
ATOM 76   C CA   . GLY A 1 5 ? 2.636  -1.945 -4.483 1.00 73.33 ? 5 GLY A CA   1  
ATOM 77   C C    . GLY A 1 5 ? 2.588  -2.157 -2.982 1.00 13.20 ? 5 GLY A C    1  
ATOM 78   O O    . GLY A 1 5 ? 2.963  -3.219 -2.487 1.00 41.41 ? 5 GLY A O    1  
ATOM 79   H H    . GLY A 1 5 ? 0.787  -1.091 -5.064 1.00 62.10 ? 5 GLY A H    1  
ATOM 80   H HA2  . GLY A 1 5 ? 2.363  -2.866 -4.975 1.00 30.43 ? 5 GLY A HA2  1  
ATOM 81   H HA3  . GLY A 1 5 ? 3.644  -1.681 -4.765 1.00 45.14 ? 5 GLY A HA3  1  
ATOM 82   N N    . PHE A 1 6 ? 2.128  -1.143 -2.257 1.00 1.12  ? 6 PHE A N    1  
ATOM 83   C CA   . PHE A 1 6 ? 2.036  -1.222 -0.804 1.00 55.11 ? 6 PHE A CA   1  
ATOM 84   C C    . PHE A 1 6 ? 0.765  -1.953 -0.379 1.00 31.41 ? 6 PHE A C    1  
ATOM 85   O O    . PHE A 1 6 ? -0.287 -1.804 -1.000 1.00 74.42 ? 6 PHE A O    1  
ATOM 86   C CB   . PHE A 1 6 ? 2.059  0.180  -0.192 1.00 22.40 ? 6 PHE A CB   1  
ATOM 87   C CG   . PHE A 1 6 ? 3.229  0.416  0.719  1.00 41.11 ? 6 PHE A CG   1  
ATOM 88   C CD1  . PHE A 1 6 ? 3.231  -0.088 2.010  1.00 10.01 ? 6 PHE A CD1  1  
ATOM 89   C CD2  . PHE A 1 6 ? 4.326  1.143  0.286  1.00 3.21  ? 6 PHE A CD2  1  
ATOM 90   C CE1  . PHE A 1 6 ? 4.306  0.128  2.852  1.00 41.31 ? 6 PHE A CE1  1  
ATOM 91   C CE2  . PHE A 1 6 ? 5.404  1.361  1.123  1.00 23.02 ? 6 PHE A CE2  1  
ATOM 92   C CZ   . PHE A 1 6 ? 5.394  0.854  2.407  1.00 42.43 ? 6 PHE A CZ   1  
ATOM 93   H H    . PHE A 1 6 ? 1.845  -0.321 -2.710 1.00 75.03 ? 6 PHE A H    1  
ATOM 94   H HA   . PHE A 1 6 ? 2.890  -1.776 -0.448 1.00 3.22  ? 6 PHE A HA   1  
ATOM 95   H HB2  . PHE A 1 6 ? 2.106  0.910  -0.987 1.00 73.15 ? 6 PHE A HB2  1  
ATOM 96   H HB3  . PHE A 1 6 ? 1.156  0.331  0.379  1.00 60.21 ? 6 PHE A HB3  1  
ATOM 97   H HD1  . PHE A 1 6 ? 2.380  -0.656 2.359  1.00 31.12 ? 6 PHE A HD1  1  
ATOM 98   H HD2  . PHE A 1 6 ? 4.336  1.542  -0.717 1.00 13.43 ? 6 PHE A HD2  1  
ATOM 99   H HE1  . PHE A 1 6 ? 4.294  -0.271 3.855  1.00 62.13 ? 6 PHE A HE1  1  
ATOM 100  H HE2  . PHE A 1 6 ? 6.253  1.929  0.774  1.00 63.33 ? 6 PHE A HE2  1  
ATOM 101  H HZ   . PHE A 1 6 ? 6.235  1.022  3.063  1.00 64.44 ? 6 PHE A HZ   1  
ATOM 102  N N    . SER A 1 7 ? 0.871  -2.745 0.683  1.00 61.42 ? 7 SER A N    1  
ATOM 103  C CA   . SER A 1 7 ? -0.267 -3.502 1.190  1.00 22.10 ? 7 SER A CA   1  
ATOM 104  C C    . SER A 1 7 ? -0.441 -3.285 2.689  1.00 61.45 ? 7 SER A C    1  
ATOM 105  O O    . SER A 1 7 ? 0.477  -2.860 3.392  1.00 24.23 ? 7 SER A O    1  
ATOM 106  C CB   . SER A 1 7 ? -0.085 -4.993 0.897  1.00 3.11  ? 7 SER A CB   1  
ATOM 107  O OG   . SER A 1 7 ? -0.842 -5.386 -0.234 1.00 14.54 ? 7 SER A OG   1  
ATOM 108  H H    . SER A 1 7 ? 1.737  -2.822 1.136  1.00 0.13  ? 7 SER A H    1  
ATOM 109  H HA   . SER A 1 7 ? -1.152 -3.150 0.681  1.00 62.53 ? 7 SER A HA   1  
ATOM 110  H HB2  . SER A 1 7 ? 0.957  -5.194 0.705  1.00 4.42  ? 7 SER A HB2  1  
ATOM 111  H HB3  . SER A 1 7 ? -0.412 -5.567 1.753  1.00 33.15 ? 7 SER A HB3  1  
ATOM 112  H HG   . SER A 1 7 ? -1.757 -5.523 0.024  1.00 61.32 ? 7 SER A HG   1  
ATOM 113  N N    . PRO A 1 8 ? -1.648 -3.581 3.193  1.00 43.53 ? 8 PRO A N    1  
ATOM 114  C CA   . PRO A 1 8 ? -1.973 -3.427 4.615  1.00 63.11 ? 8 PRO A CA   1  
ATOM 115  C C    . PRO A 1 8 ? -1.248 -4.445 5.489  1.00 32.13 ? 8 PRO A C    1  
ATOM 116  O O    . PRO A 1 8 ? -1.091 -5.605 5.107  1.00 51.44 ? 8 PRO A O    1  
ATOM 117  C CB   . PRO A 1 8 ? -3.484 -3.661 4.661  1.00 61.41 ? 8 PRO A CB   1  
ATOM 118  C CG   . PRO A 1 8 ? -3.773 -4.511 3.472  1.00 71.41 ? 8 PRO A CG   1  
ATOM 119  C CD   . PRO A 1 8 ? -2.789 -4.091 2.415  1.00 41.42 ? 8 PRO A CD   1  
ATOM 120  H HA   . PRO A 1 8 ? -1.750 -2.430 4.966  1.00 31.21 ? 8 PRO A HA   1  
ATOM 121  H HB2  . PRO A 1 8 ? -3.745 -4.165 5.581  1.00 21.11 ? 8 PRO A HB2  1  
ATOM 122  H HB3  . PRO A 1 8 ? -4.001 -2.714 4.604  1.00 3.41  ? 8 PRO A HB3  1  
ATOM 123  H HG2  . PRO A 1 8 ? -3.634 -5.551 3.722  1.00 44.43 ? 8 PRO A HG2  1  
ATOM 124  H HG3  . PRO A 1 8 ? -4.784 -4.337 3.133  1.00 64.32 ? 8 PRO A HG3  1  
ATOM 125  H HD2  . PRO A 1 8 ? -2.498 -4.940 1.813  1.00 64.33 ? 8 PRO A HD2  1  
ATOM 126  H HD3  . PRO A 1 8 ? -3.211 -3.314 1.795  1.00 44.14 ? 8 PRO A HD3  1  
ATOM 127  N N    . PHE A 1 9 ? -0.810 -4.005 6.663  1.00 61.44 ? 9 PHE A N    1  
ATOM 128  C CA   . PHE A 1 9 ? -0.102 -4.878 7.591  1.00 0.51  ? 9 PHE A CA   1  
ATOM 129  C C    . PHE A 1 9 ? 0.042  -4.217 8.959  1.00 23.50 ? 9 PHE A C    1  
ATOM 130  O O    . PHE A 1 9 ? 0.825  -3.281 9.127  1.00 11.42 ? 9 PHE A O    1  
ATOM 131  C CB   . PHE A 1 9 ? 1.279  -5.236 7.037  1.00 70.42 ? 9 PHE A CB   1  
ATOM 132  C CG   . PHE A 1 9 ? 1.966  -6.333 7.799  1.00 73.34 ? 9 PHE A CG   1  
ATOM 133  C CD1  . PHE A 1 9 ? 2.675  -6.052 8.955  1.00 74.23 ? 9 PHE A CD1  1  
ATOM 134  C CD2  . PHE A 1 9 ? 1.903  -7.645 7.358  1.00 75.50 ? 9 PHE A CD2  1  
ATOM 135  C CE1  . PHE A 1 9 ? 3.308  -7.059 9.659  1.00 61.03 ? 9 PHE A CE1  1  
ATOM 136  C CE2  . PHE A 1 9 ? 2.533  -8.656 8.058  1.00 25.23 ? 9 PHE A CE2  1  
ATOM 137  C CZ   . PHE A 1 9 ? 3.238  -8.362 9.209  1.00 53.31 ? 9 PHE A CZ   1  
ATOM 138  H H    . PHE A 1 9 ? -0.965 -3.069 6.911  1.00 64.12 ? 9 PHE A H    1  
ATOM 139  H HA   . PHE A 1 9 ? -0.680 -5.782 7.701  1.00 72.04 ? 9 PHE A HA   1  
ATOM 140  H HB2  . PHE A 1 9 ? 1.175  -5.559 6.012  1.00 24.21 ? 9 PHE A HB2  1  
ATOM 141  H HB3  . PHE A 1 9 ? 1.910  -4.360 7.071  1.00 44.21 ? 9 PHE A HB3  1  
ATOM 142  H HD1  . PHE A 1 9 ? 2.731  -5.031 9.309  1.00 33.00 ? 9 PHE A HD1  1  
ATOM 143  H HD2  . PHE A 1 9 ? 1.353  -7.875 6.457  1.00 42.41 ? 9 PHE A HD2  1  
ATOM 144  H HE1  . PHE A 1 9 ? 3.858  -6.826 10.559 1.00 72.32 ? 9 PHE A HE1  1  
ATOM 145  H HE2  . PHE A 1 9 ? 2.477  -9.674 7.703  1.00 0.53  ? 9 PHE A HE2  1  
ATOM 146  H HZ   . PHE A 1 9 ? 3.730  -9.151 9.758  1.00 23.15 ? 9 PHE A HZ   1  
ATOM 147  N N    . LYS A 1 1 ? -5.212 5.940  -1.323 1.00 30.43 ? 1 LYS A N    2  
ATOM 148  C CA   . LYS A 1 1 ? -4.552 6.658  -0.239 1.00 4.53  ? 1 LYS A CA   2  
ATOM 149  C C    . LYS A 1 1 ? -3.040 6.459  -0.298 1.00 62.54 ? 1 LYS A C    2  
ATOM 150  O O    . LYS A 1 1 ? -2.284 7.421  -0.437 1.00 34.24 ? 1 LYS A O    2  
ATOM 151  C CB   . LYS A 1 1 ? -5.087 6.183  1.114  1.00 25.32 ? 1 LYS A CB   2  
ATOM 152  C CG   . LYS A 1 1 ? -5.366 7.314  2.088  1.00 60.35 ? 1 LYS A CG   2  
ATOM 153  C CD   . LYS A 1 1 ? -4.563 7.159  3.369  1.00 23.02 ? 1 LYS A CD   2  
ATOM 154  C CE   . LYS A 1 1 ? -4.621 8.419  4.219  1.00 42.21 ? 1 LYS A CE   2  
ATOM 155  N NZ   . LYS A 1 1 ? -5.912 8.536  4.951  1.00 13.51 ? 1 LYS A NZ   2  
ATOM 156  H H1   . LYS A 1 1 ? -6.189 5.978  -1.395 1.00 32.21 ? 1 LYS A H1   2  
ATOM 157  H HA   . LYS A 1 1 ? -4.770 7.708  -0.355 1.00 44.22 ? 1 LYS A HA   2  
ATOM 158  H HB2  . LYS A 1 1 ? -6.005 5.638  0.954  1.00 23.24 ? 1 LYS A HB2  2  
ATOM 159  H HB3  . LYS A 1 1 ? -4.359 5.521  1.563  1.00 20.33 ? 1 LYS A HB3  2  
ATOM 160  H HG2  . LYS A 1 1 ? -5.102 8.253  1.622  1.00 1.40  ? 1 LYS A HG2  2  
ATOM 161  H HG3  . LYS A 1 1 ? -6.419 7.315  2.332  1.00 25.14 ? 1 LYS A HG3  2  
ATOM 162  H HD2  . LYS A 1 1 ? -4.966 6.335  3.939  1.00 22.42 ? 1 LYS A HD2  2  
ATOM 163  H HD3  . LYS A 1 1 ? -3.533 6.953  3.115  1.00 64.20 ? 1 LYS A HD3  2  
ATOM 164  H HE2  . LYS A 1 1 ? -3.813 8.392  4.934  1.00 62.30 ? 1 LYS A HE2  2  
ATOM 165  H HE3  . LYS A 1 1 ? -4.503 9.278  3.575  1.00 34.42 ? 1 LYS A HE3  2  
ATOM 166  H HZ1  . LYS A 1 1 ? -6.618 9.016  4.356  1.00 21.41 ? 1 LYS A HZ1  2  
ATOM 167  H HZ2  . LYS A 1 1 ? -5.781 9.085  5.824  1.00 44.30 ? 1 LYS A HZ2  2  
ATOM 168  H HZ3  . LYS A 1 1 ? -6.270 7.591  5.198  1.00 41.44 ? 1 LYS A HZ3  2  
ATOM 169  N N    . ARG A 1 2 ? -2.607 5.207  -0.193 1.00 21.10 ? 2 ARG A N    2  
ATOM 170  C CA   . ARG A 1 2 ? -1.186 4.884  -0.234 1.00 14.11 ? 2 ARG A CA   2  
ATOM 171  C C    . ARG A 1 2 ? -0.738 4.584  -1.662 1.00 52.43 ? 2 ARG A C    2  
ATOM 172  O O    . ARG A 1 2 ? -1.545 4.280  -2.541 1.00 55.35 ? 2 ARG A O    2  
ATOM 173  C CB   . ARG A 1 2 ? -0.887 3.686  0.668  1.00 40.12 ? 2 ARG A CB   2  
ATOM 174  C CG   . ARG A 1 2 ? -0.522 4.073  2.093  1.00 1.25  ? 2 ARG A CG   2  
ATOM 175  C CD   . ARG A 1 2 ? 0.905  3.671  2.431  1.00 12.45 ? 2 ARG A CD   2  
ATOM 176  N NE   . ARG A 1 2 ? 1.102  3.509  3.868  1.00 44.11 ? 2 ARG A NE   2  
ATOM 177  C CZ   . ARG A 1 2 ? 2.154  2.897  4.402  1.00 24.31 ? 2 ARG A CZ   2  
ATOM 178  N NH1  . ARG A 1 2 ? 3.099  2.393  3.620  1.00 3.32  ? 2 ARG A NH1  2  
ATOM 179  N NH2  . ARG A 1 2 ? 2.262  2.790  5.720  1.00 40.23 ? 2 ARG A NH2  2  
ATOM 180  H H    . ARG A 1 2 ? -3.259 4.484  -0.084 1.00 44.21 ? 2 ARG A H    2  
ATOM 181  H HA   . ARG A 1 2 ? -0.640 5.742  0.128  1.00 41.42 ? 2 ARG A HA   2  
ATOM 182  H HB2  . ARG A 1 2 ? -1.759 3.050  0.704  1.00 71.33 ? 2 ARG A HB2  2  
ATOM 183  H HB3  . ARG A 1 2 ? -0.063 3.130  0.246  1.00 41.15 ? 2 ARG A HB3  2  
ATOM 184  H HG2  . ARG A 1 2 ? -0.617 5.143  2.200  1.00 50.14 ? 2 ARG A HG2  2  
ATOM 185  H HG3  . ARG A 1 2 ? -1.198 3.578  2.774  1.00 43.23 ? 2 ARG A HG3  2  
ATOM 186  H HD2  . ARG A 1 2 ? 1.127  2.735  1.939  1.00 12.24 ? 2 ARG A HD2  2  
ATOM 187  H HD3  . ARG A 1 2 ? 1.576  4.435  2.068  1.00 51.12 ? 2 ARG A HD3  2  
ATOM 188  H HE   . ARG A 1 2 ? 0.416  3.874  4.465  1.00 13.34 ? 2 ARG A HE   2  
ATOM 189  H HH11 . ARG A 1 2 ? 3.020  2.474  2.627  1.00 1.14  ? 2 ARG A HH11 2  
ATOM 190  H HH12 . ARG A 1 2 ? 3.891  1.934  4.024  1.00 51.35 ? 2 ARG A HH12 2  
ATOM 191  H HH21 . ARG A 1 2 ? 1.552  3.169  6.312  1.00 4.31  ? 2 ARG A HH21 2  
ATOM 192  H HH22 . ARG A 1 2 ? 3.054  2.330  6.121  1.00 35.11 ? 2 ARG A HH22 2  
ATOM 193  N N    . PRO A 1 3 ? 0.579  4.669  -1.900 1.00 73.41 ? 3 PRO A N    2  
ATOM 194  C CA   . PRO A 1 3 ? 1.163  4.410  -3.219 1.00 3.14  ? 3 PRO A CA   2  
ATOM 195  C C    . PRO A 1 3 ? 1.090  2.937  -3.606 1.00 25.01 ? 3 PRO A C    2  
ATOM 196  O O    . PRO A 1 3 ? 0.798  2.068  -2.784 1.00 41.25 ? 3 PRO A O    2  
ATOM 197  C CB   . PRO A 1 3 ? 2.621  4.848  -3.053 1.00 34.05 ? 3 PRO A CB   2  
ATOM 198  C CG   . PRO A 1 3 ? 2.894  4.711  -1.595 1.00 62.23 ? 3 PRO A CG   2  
ATOM 199  C CD   . PRO A 1 3 ? 1.599  5.026  -0.899 1.00 35.04 ? 3 PRO A CD   2  
ATOM 200  H HA   . PRO A 1 3 ? 0.691  5.006  -3.986 1.00 21.20 ? 3 PRO A HA   2  
ATOM 201  H HB2  . PRO A 1 3 ? 3.262  4.204  -3.639 1.00 53.22 ? 3 PRO A HB2  2  
ATOM 202  H HB3  . PRO A 1 3 ? 2.733  5.870  -3.381 1.00 62.30 ? 3 PRO A HB3  2  
ATOM 203  H HG2  . PRO A 1 3 ? 3.203  3.701  -1.373 1.00 52.42 ? 3 PRO A HG2  2  
ATOM 204  H HG3  . PRO A 1 3 ? 3.659  5.413  -1.299 1.00 41.35 ? 3 PRO A HG3  2  
ATOM 205  H HD2  . PRO A 1 3 ? 1.493  4.424  -0.009 1.00 71.43 ? 3 PRO A HD2  2  
ATOM 206  H HD3  . PRO A 1 3 ? 1.547  6.077  -0.655 1.00 25.25 ? 3 PRO A HD3  2  
ATOM 207  N N    . PRO A 1 4 ? 1.362  2.647  -4.887 1.00 12.22 ? 4 PRO A N    2  
ATOM 208  C CA   . PRO A 1 4 ? 1.334  1.278  -5.412 1.00 63.11 ? 4 PRO A CA   2  
ATOM 209  C C    . PRO A 1 4 ? 2.481  0.428  -4.874 1.00 75.33 ? 4 PRO A C    2  
ATOM 210  O O    . PRO A 1 4 ? 3.587  0.922  -4.662 1.00 71.32 ? 4 PRO A O    2  
ATOM 211  C CB   . PRO A 1 4 ? 1.478  1.474  -6.922 1.00 32.41 ? 4 PRO A CB   2  
ATOM 212  C CG   . PRO A 1 4 ? 2.182  2.779  -7.070 1.00 72.04 ? 4 PRO A CG   2  
ATOM 213  C CD   . PRO A 1 4 ? 1.718  3.632  -5.922 1.00 72.32 ? 4 PRO A CD   2  
ATOM 214  H HA   . PRO A 1 4 ? 0.395  0.790  -5.198 1.00 61.42 ? 4 PRO A HA   2  
ATOM 215  H HB2  . PRO A 1 4 ? 2.057  0.663  -7.340 1.00 24.54 ? 4 PRO A HB2  2  
ATOM 216  H HB3  . PRO A 1 4 ? 0.501  1.499  -7.380 1.00 32.11 ? 4 PRO A HB3  2  
ATOM 217  H HG2  . PRO A 1 4 ? 3.249  2.628  -7.018 1.00 23.30 ? 4 PRO A HG2  2  
ATOM 218  H HG3  . PRO A 1 4 ? 1.912  3.237  -8.010 1.00 22.11 ? 4 PRO A HG3  2  
ATOM 219  H HD2  . PRO A 1 4 ? 2.516  4.276  -5.583 1.00 71.00 ? 4 PRO A HD2  2  
ATOM 220  H HD3  . PRO A 1 4 ? 0.855  4.216  -6.210 1.00 43.31 ? 4 PRO A HD3  2  
ATOM 221  N N    . GLY A 1 5 ? 2.207  -0.855 -4.655 1.00 64.42 ? 5 GLY A N    2  
ATOM 222  C CA   . GLY A 1 5 ? 3.226  -1.753 -4.143 1.00 3.05  ? 5 GLY A CA   2  
ATOM 223  C C    . GLY A 1 5 ? 3.043  -2.060 -2.671 1.00 65.24 ? 5 GLY A C    2  
ATOM 224  O O    . GLY A 1 5 ? 3.565  -3.055 -2.166 1.00 74.21 ? 5 GLY A O    2  
ATOM 225  H H    . GLY A 1 5 ? 1.307  -1.194 -4.842 1.00 65.34 ? 5 GLY A H    2  
ATOM 226  H HA2  . GLY A 1 5 ? 3.189  -2.677 -4.700 1.00 31.12 ? 5 GLY A HA2  2  
ATOM 227  H HA3  . GLY A 1 5 ? 4.196  -1.298 -4.286 1.00 62.34 ? 5 GLY A HA3  2  
ATOM 228  N N    . PHE A 1 6 ? 2.302  -1.202 -1.977 1.00 51.31 ? 6 PHE A N    2  
ATOM 229  C CA   . PHE A 1 6 ? 2.052  -1.384 -0.552 1.00 2.44  ? 6 PHE A CA   2  
ATOM 230  C C    . PHE A 1 6 ? 1.085  -2.540 -0.312 1.00 61.45 ? 6 PHE A C    2  
ATOM 231  O O    . PHE A 1 6 ? 0.062  -2.657 -0.988 1.00 74.03 ? 6 PHE A O    2  
ATOM 232  C CB   . PHE A 1 6 ? 1.491  -0.099 0.058  1.00 61.23 ? 6 PHE A CB   2  
ATOM 233  C CG   . PHE A 1 6 ? 1.101  -0.241 1.502  1.00 40.42 ? 6 PHE A CG   2  
ATOM 234  C CD1  . PHE A 1 6 ? 2.020  -0.681 2.441  1.00 61.35 ? 6 PHE A CD1  2  
ATOM 235  C CD2  . PHE A 1 6 ? -0.185 0.065  1.919  1.00 10.55 ? 6 PHE A CD2  2  
ATOM 236  C CE1  . PHE A 1 6 ? 1.664  -0.811 3.771  1.00 12.32 ? 6 PHE A CE1  2  
ATOM 237  C CE2  . PHE A 1 6 ? -0.546 -0.065 3.247  1.00 1.33  ? 6 PHE A CE2  2  
ATOM 238  C CZ   . PHE A 1 6 ? 0.379  -0.505 4.174  1.00 22.31 ? 6 PHE A CZ   2  
ATOM 239  H H    . PHE A 1 6 ? 1.912  -0.428 -2.435 1.00 64.04 ? 6 PHE A H    2  
ATOM 240  H HA   . PHE A 1 6 ? 2.995  -1.616 -0.079 1.00 15.22 ? 6 PHE A HA   2  
ATOM 241  H HB2  . PHE A 1 6 ? 2.237  0.678  -0.007 1.00 21.14 ? 6 PHE A HB2  2  
ATOM 242  H HB3  . PHE A 1 6 ? 0.615  0.201  -0.496 1.00 11.22 ? 6 PHE A HB3  2  
ATOM 243  H HD1  . PHE A 1 6 ? 3.026  -0.920 2.127  1.00 11.52 ? 6 PHE A HD1  2  
ATOM 244  H HD2  . PHE A 1 6 ? -0.909 0.406  1.195  1.00 73.34 ? 6 PHE A HD2  2  
ATOM 245  H HE1  . PHE A 1 6 ? 2.390  -1.155 4.493  1.00 0.43  ? 6 PHE A HE1  2  
ATOM 246  H HE2  . PHE A 1 6 ? -1.551 0.175  3.559  1.00 51.13 ? 6 PHE A HE2  2  
ATOM 247  H HZ   . PHE A 1 6 ? 0.099  -0.606 5.212  1.00 10.13 ? 6 PHE A HZ   2  
ATOM 248  N N    . SER A 1 7 ? 1.415  -3.391 0.654  1.00 4.03  ? 7 SER A N    2  
ATOM 249  C CA   . SER A 1 7 ? 0.579  -4.540 0.980  1.00 34.33 ? 7 SER A CA   2  
ATOM 250  C C    . SER A 1 7 ? -0.253 -4.268 2.230  1.00 45.02 ? 7 SER A C    2  
ATOM 251  O O    . SER A 1 7 ? 0.052  -3.382 3.029  1.00 0.30  ? 7 SER A O    2  
ATOM 252  C CB   . SER A 1 7 ? 1.444  -5.784 1.190  1.00 14.15 ? 7 SER A CB   2  
ATOM 253  O OG   . SER A 1 7 ? 1.208  -6.746 0.175  1.00 53.32 ? 7 SER A OG   2  
ATOM 254  H H    . SER A 1 7 ? 2.244  -3.244 1.156  1.00 72.22 ? 7 SER A H    2  
ATOM 255  H HA   . SER A 1 7 ? -0.088 -4.711 0.149  1.00 22.04 ? 7 SER A HA   2  
ATOM 256  H HB2  . SER A 1 7 ? 2.485  -5.503 1.167  1.00 1.54  ? 7 SER A HB2  2  
ATOM 257  H HB3  . SER A 1 7 ? 1.209  -6.224 2.149  1.00 20.14 ? 7 SER A HB3  2  
ATOM 258  H HG   . SER A 1 7 ? 1.291  -7.628 0.545  1.00 52.33 ? 7 SER A HG   2  
ATOM 259  N N    . PRO A 1 8 ? -1.330 -5.048 2.404  1.00 21.52 ? 8 PRO A N    2  
ATOM 260  C CA   . PRO A 1 8 ? -2.229 -4.912 3.554  1.00 60.23 ? 8 PRO A CA   2  
ATOM 261  C C    . PRO A 1 8 ? -1.574 -5.358 4.856  1.00 70.24 ? 8 PRO A C    2  
ATOM 262  O O    . PRO A 1 8 ? -0.719 -6.244 4.862  1.00 61.24 ? 8 PRO A O    2  
ATOM 263  C CB   . PRO A 1 8 ? -3.399 -5.833 3.200  1.00 51.25 ? 8 PRO A CB   2  
ATOM 264  C CG   . PRO A 1 8 ? -2.819 -6.842 2.270  1.00 53.52 ? 8 PRO A CG   2  
ATOM 265  C CD   . PRO A 1 8 ? -1.754 -6.123 1.491  1.00 34.34 ? 8 PRO A CD   2  
ATOM 266  H HA   . PRO A 1 8 ? -2.586 -3.897 3.661  1.00 3.15  ? 8 PRO A HA   2  
ATOM 267  H HB2  . PRO A 1 8 ? -3.781 -6.296 4.100  1.00 44.12 ? 8 PRO A HB2  2  
ATOM 268  H HB3  . PRO A 1 8 ? -4.182 -5.260 2.724  1.00 45.31 ? 8 PRO A HB3  2  
ATOM 269  H HG2  . PRO A 1 8 ? -2.388 -7.655 2.833  1.00 41.55 ? 8 PRO A HG2  2  
ATOM 270  H HG3  . PRO A 1 8 ? -3.587 -7.211 1.605  1.00 62.43 ? 8 PRO A HG3  2  
ATOM 271  H HD2  . PRO A 1 8 ? -0.933 -6.789 1.271  1.00 61.44 ? 8 PRO A HD2  2  
ATOM 272  H HD3  . PRO A 1 8 ? -2.164 -5.714 0.579  1.00 51.31 ? 8 PRO A HD3  2  
ATOM 273  N N    . PHE A 1 9 ? -1.982 -4.739 5.960  1.00 13.53 ? 9 PHE A N    2  
ATOM 274  C CA   . PHE A 1 9 ? -1.435 -5.073 7.270  1.00 24.34 ? 9 PHE A CA   2  
ATOM 275  C C    . PHE A 1 9 ? -2.552 -5.343 8.274  1.00 23.34 ? 9 PHE A C    2  
ATOM 276  O O    . PHE A 1 9 ? -3.009 -4.435 8.966  1.00 54.03 ? 9 PHE A O    2  
ATOM 277  C CB   . PHE A 1 9 ? -0.541 -3.939 7.777  1.00 72.32 ? 9 PHE A CB   2  
ATOM 278  C CG   . PHE A 1 9 ? 0.922  -4.172 7.532  1.00 5.25  ? 9 PHE A CG   2  
ATOM 279  C CD1  . PHE A 1 9 ? 1.423  -4.215 6.241  1.00 22.31 ? 9 PHE A CD1  2  
ATOM 280  C CD2  . PHE A 1 9 ? 1.796  -4.350 8.592  1.00 61.10 ? 9 PHE A CD2  2  
ATOM 281  C CE1  . PHE A 1 9 ? 2.769  -4.429 6.011  1.00 45.21 ? 9 PHE A CE1  2  
ATOM 282  C CE2  . PHE A 1 9 ? 3.143  -4.565 8.369  1.00 24.12 ? 9 PHE A CE2  2  
ATOM 283  C CZ   . PHE A 1 9 ? 3.630  -4.606 7.076  1.00 71.34 ? 9 PHE A CZ   2  
ATOM 284  H H    . PHE A 1 9 ? -2.667 -4.041 5.892  1.00 11.32 ? 9 PHE A H    2  
ATOM 285  H HA   . PHE A 1 9 ? -0.840 -5.967 7.162  1.00 71.12 ? 9 PHE A HA   2  
ATOM 286  H HB2  . PHE A 1 9 ? -0.818 -3.022 7.279  1.00 31.54 ? 9 PHE A HB2  2  
ATOM 287  H HB3  . PHE A 1 9 ? -0.687 -3.824 8.840  1.00 42.12 ? 9 PHE A HB3  2  
ATOM 288  H HD1  . PHE A 1 9 ? 0.751  -4.077 5.405  1.00 54.53 ? 9 PHE A HD1  2  
ATOM 289  H HD2  . PHE A 1 9 ? 1.416  -4.320 9.603  1.00 2.15  ? 9 PHE A HD2  2  
ATOM 290  H HE1  . PHE A 1 9 ? 3.147  -4.461 5.000  1.00 22.52 ? 9 PHE A HE1  2  
ATOM 291  H HE2  . PHE A 1 9 ? 3.814  -4.703 9.203  1.00 51.45 ? 9 PHE A HE2  2  
ATOM 292  H HZ   . PHE A 1 9 ? 4.682  -4.772 6.899  1.00 40.42 ? 9 PHE A HZ   2  
ATOM 293  N N    . LYS A 1 1 ? -4.204 7.612  3.771  1.00 44.30 ? 1 LYS A N    3  
ATOM 294  C CA   . LYS A 1 1 ? -4.149 6.629  2.696  1.00 15.02 ? 1 LYS A CA   3  
ATOM 295  C C    . LYS A 1 1 ? -2.705 6.282  2.348  1.00 61.34 ? 1 LYS A C    3  
ATOM 296  O O    . LYS A 1 1 ? -1.782 7.026  2.677  1.00 52.00 ? 1 LYS A O    3  
ATOM 297  C CB   . LYS A 1 1 ? -4.871 7.159  1.455  1.00 62.41 ? 1 LYS A CB   3  
ATOM 298  C CG   . LYS A 1 1 ? -4.241 8.414  0.875  1.00 43.33 ? 1 LYS A CG   3  
ATOM 299  C CD   . LYS A 1 1 ? -4.687 8.651  -0.558 1.00 50.11 ? 1 LYS A CD   3  
ATOM 300  C CE   . LYS A 1 1 ? -3.673 9.484  -1.327 1.00 74.24 ? 1 LYS A CE   3  
ATOM 301  N NZ   . LYS A 1 1 ? -3.477 8.980  -2.714 1.00 14.22 ? 1 LYS A NZ   3  
ATOM 302  H H1   . LYS A 1 1 ? -4.888 7.521  4.468  1.00 22.31 ? 1 LYS A H1   3  
ATOM 303  H HA   . LYS A 1 1 ? -4.650 5.736  3.038  1.00 43.43 ? 1 LYS A HA   3  
ATOM 304  H HB2  . LYS A 1 1 ? -4.864 6.394  0.694  1.00 11.20 ? 1 LYS A HB2  3  
ATOM 305  H HB3  . LYS A 1 1 ? -5.895 7.385  1.718  1.00 21.44 ? 1 LYS A HB3  3  
ATOM 306  H HG2  . LYS A 1 1 ? -4.532 9.263  1.476  1.00 21.33 ? 1 LYS A HG2  3  
ATOM 307  H HG3  . LYS A 1 1 ? -3.166 8.308  0.895  1.00 5.34  ? 1 LYS A HG3  3  
ATOM 308  H HD2  . LYS A 1 1 ? -4.801 7.698  -1.053 1.00 53.12 ? 1 LYS A HD2  3  
ATOM 309  H HD3  . LYS A 1 1 ? -5.635 9.170  -0.550 1.00 50.11 ? 1 LYS A HD3  3  
ATOM 310  H HE2  . LYS A 1 1 ? -4.024 10.503 -1.370 1.00 65.42 ? 1 LYS A HE2  3  
ATOM 311  H HE3  . LYS A 1 1 ? -2.729 9.451  -0.804 1.00 2.20  ? 1 LYS A HE3  3  
ATOM 312  H HZ1  . LYS A 1 1 ? -3.490 7.939  -2.720 1.00 43.03 ? 1 LYS A HZ1  3  
ATOM 313  H HZ2  . LYS A 1 1 ? -2.563 9.306  -3.088 1.00 72.01 ? 1 LYS A HZ2  3  
ATOM 314  H HZ3  . LYS A 1 1 ? -4.237 9.328  -3.332 1.00 71.33 ? 1 LYS A HZ3  3  
ATOM 315  N N    . ARG A 1 2 ? -2.519 5.149  1.679  1.00 63.13 ? 2 ARG A N    3  
ATOM 316  C CA   . ARG A 1 2 ? -1.187 4.704  1.287  1.00 23.11 ? 2 ARG A CA   3  
ATOM 317  C C    . ARG A 1 2 ? -1.061 4.643  -0.233 1.00 1.55  ? 2 ARG A C    3  
ATOM 318  O O    . ARG A 1 2 ? -2.052 4.593  -0.961 1.00 5.30  ? 2 ARG A O    3  
ATOM 319  C CB   . ARG A 1 2 ? -0.885 3.331  1.891  1.00 34.20 ? 2 ARG A CB   3  
ATOM 320  C CG   . ARG A 1 2 ? -0.244 3.399  3.267  1.00 63.34 ? 2 ARG A CG   3  
ATOM 321  C CD   . ARG A 1 2 ? -1.248 3.086  4.365  1.00 51.32 ? 2 ARG A CD   3  
ATOM 322  N NE   . ARG A 1 2 ? -1.829 1.755  4.212  1.00 54.20 ? 2 ARG A NE   3  
ATOM 323  C CZ   . ARG A 1 2 ? -1.215 0.638  4.585  1.00 13.31 ? 2 ARG A CZ   3  
ATOM 324  N NH1  . ARG A 1 2 ? -0.008 0.691  5.131  1.00 13.22 ? 2 ARG A NH1  3  
ATOM 325  N NH2  . ARG A 1 2 ? -1.809 -0.536 4.413  1.00 41.50 ? 2 ARG A NH2  3  
ATOM 326  H H    . ARG A 1 2 ? -3.294 4.598  1.445  1.00 51.35 ? 2 ARG A H    3  
ATOM 327  H HA   . ARG A 1 2 ? -0.473 5.420  1.666  1.00 44.30 ? 2 ARG A HA   3  
ATOM 328  H HB2  . ARG A 1 2 ? -1.808 2.777  1.975  1.00 52.15 ? 2 ARG A HB2  3  
ATOM 329  H HB3  . ARG A 1 2 ? -0.216 2.801  1.232  1.00 24.14 ? 2 ARG A HB3  3  
ATOM 330  H HG2  . ARG A 1 2 ? 0.561  2.681  3.315  1.00 2.21  ? 2 ARG A HG2  3  
ATOM 331  H HG3  . ARG A 1 2 ? 0.148  4.393  3.423  1.00 15.01 ? 2 ARG A HG3  3  
ATOM 332  H HD2  . ARG A 1 2 ? -0.746 3.142  5.320  1.00 13.45 ? 2 ARG A HD2  3  
ATOM 333  H HD3  . ARG A 1 2 ? -2.039 3.821  4.332  1.00 14.23 ? 2 ARG A HD3  3  
ATOM 334  H HE   . ARG A 1 2 ? -2.721 1.692  3.811  1.00 73.11 ? 2 ARG A HE   3  
ATOM 335  H HH11 . ARG A 1 2 ? 0.441  1.574  5.263  1.00 22.35 ? 2 ARG A HH11 3  
ATOM 336  H HH12 . ARG A 1 2 ? 0.452  -0.152 5.411  1.00 54.23 ? 2 ARG A HH12 3  
ATOM 337  H HH21 . ARG A 1 2 ? -2.719 -0.580 4.002  1.00 54.43 ? 2 ARG A HH21 3  
ATOM 338  H HH22 . ARG A 1 2 ? -1.347 -1.377 4.693  1.00 63.12 ? 2 ARG A HH22 3  
ATOM 339  N N    . PRO A 1 3 ? 0.188  4.645  -0.723 1.00 32.54 ? 3 PRO A N    3  
ATOM 340  C CA   . PRO A 1 3 ? 0.473  4.589  -2.160 1.00 21.42 ? 3 PRO A CA   3  
ATOM 341  C C    . PRO A 1 3 ? 0.133  3.233  -2.767 1.00 1.51  ? 3 PRO A C    3  
ATOM 342  O O    . PRO A 1 3 ? -0.112 2.254  -2.061 1.00 45.41 ? 3 PRO A O    3  
ATOM 343  C CB   . PRO A 1 3 ? 1.982  4.844  -2.233 1.00 55.33 ? 3 PRO A CB   3  
ATOM 344  C CG   . PRO A 1 3 ? 2.503  4.403  -0.909 1.00 0.21  ? 3 PRO A CG   3  
ATOM 345  C CD   . PRO A 1 3 ? 1.417  4.702  0.086  1.00 33.51 ? 3 PRO A CD   3  
ATOM 346  H HA   . PRO A 1 3 ? -0.051 5.365  -2.699 1.00 24.35 ? 3 PRO A HA   3  
ATOM 347  H HB2  . PRO A 1 3 ? 2.408  4.266  -3.039 1.00 5.34  ? 3 PRO A HB2  3  
ATOM 348  H HB3  . PRO A 1 3 ? 2.165  5.895  -2.398 1.00 11.34 ? 3 PRO A HB3  3  
ATOM 349  H HG2  . PRO A 1 3 ? 2.711  3.344  -0.930 1.00 30.04 ? 3 PRO A HG2  3  
ATOM 350  H HG3  . PRO A 1 3 ? 3.398  4.957  -0.665 1.00 53.14 ? 3 PRO A HG3  3  
ATOM 351  H HD2  . PRO A 1 3 ? 1.401  3.954  0.864  1.00 11.41 ? 3 PRO A HD2  3  
ATOM 352  H HD3  . PRO A 1 3 ? 1.553  5.686  0.509  1.00 74.43 ? 3 PRO A HD3  3  
ATOM 353  N N    . PRO A 1 4 ? 0.117  3.169  -4.106 1.00 3.24  ? 4 PRO A N    3  
ATOM 354  C CA   . PRO A 1 4 ? -0.191 1.936  -4.838 1.00 60.53 ? 4 PRO A CA   3  
ATOM 355  C C    . PRO A 1 4 ? 0.912  0.893  -4.703 1.00 10.54 ? 4 PRO A C    3  
ATOM 356  O O    . PRO A 1 4 ? 2.097  1.221  -4.716 1.00 65.44 ? 4 PRO A O    3  
ATOM 357  C CB   . PRO A 1 4 ? -0.310 2.405  -6.290 1.00 11.40 ? 4 PRO A CB   3  
ATOM 358  C CG   . PRO A 1 4 ? 0.521  3.640  -6.359 1.00 41.43 ? 4 PRO A CG   3  
ATOM 359  C CD   . PRO A 1 4 ? 0.400  4.296  -5.011 1.00 61.34 ? 4 PRO A CD   3  
ATOM 360  H HA   . PRO A 1 4 ? -1.130 1.509  -4.517 1.00 31.14 ? 4 PRO A HA   3  
ATOM 361  H HB2  . PRO A 1 4 ? 0.068  1.637  -6.950 1.00 75.40 ? 4 PRO A HB2  3  
ATOM 362  H HB3  . PRO A 1 4 ? -1.344 2.612  -6.521 1.00 22.04 ? 4 PRO A HB3  3  
ATOM 363  H HG2  . PRO A 1 4 ? 1.550  3.379  -6.557 1.00 60.50 ? 4 PRO A HG2  3  
ATOM 364  H HG3  . PRO A 1 4 ? 0.142  4.294  -7.129 1.00 24.41 ? 4 PRO A HG3  3  
ATOM 365  H HD2  . PRO A 1 4 ? 1.326  4.783  -4.743 1.00 34.21 ? 4 PRO A HD2  3  
ATOM 366  H HD3  . PRO A 1 4 ? -0.416 5.005  -5.009 1.00 21.02 ? 4 PRO A HD3  3  
ATOM 367  N N    . GLY A 1 5 ? 0.514  -0.370 -4.577 1.00 42.42 ? 5 GLY A N    3  
ATOM 368  C CA   . GLY A 1 5 ? 1.481  -1.444 -4.442 1.00 64.43 ? 5 GLY A CA   3  
ATOM 369  C C    . GLY A 1 5 ? 1.658  -1.889 -3.004 1.00 33.41 ? 5 GLY A C    3  
ATOM 370  O O    . GLY A 1 5 ? 2.125  -2.997 -2.743 1.00 3.41  ? 5 GLY A O    3  
ATOM 371  H H    . GLY A 1 5 ? -0.445 -0.574 -4.573 1.00 44.30 ? 5 GLY A H    3  
ATOM 372  H HA2  . GLY A 1 5 ? 1.152  -2.287 -5.031 1.00 71.41 ? 5 GLY A HA2  3  
ATOM 373  H HA3  . GLY A 1 5 ? 2.435  -1.103 -4.820 1.00 34.11 ? 5 GLY A HA3  3  
ATOM 374  N N    . PHE A 1 6 ? 1.285  -1.022 -2.068 1.00 10.11 ? 6 PHE A N    3  
ATOM 375  C CA   . PHE A 1 6 ? 1.407  -1.331 -0.648 1.00 2.31  ? 6 PHE A CA   3  
ATOM 376  C C    . PHE A 1 6 ? 0.331  -2.322 -0.213 1.00 4.42  ? 6 PHE A C    3  
ATOM 377  O O    . PHE A 1 6 ? -0.848 -2.150 -0.521 1.00 41.53 ? 6 PHE A O    3  
ATOM 378  C CB   . PHE A 1 6 ? 1.304  -0.052 0.185  1.00 4.33  ? 6 PHE A CB   3  
ATOM 379  C CG   . PHE A 1 6 ? 2.575  0.296  0.906  1.00 64.54 ? 6 PHE A CG   3  
ATOM 380  C CD1  . PHE A 1 6 ? 3.735  0.571  0.200  1.00 60.34 ? 6 PHE A CD1  3  
ATOM 381  C CD2  . PHE A 1 6 ? 2.609  0.349  2.290  1.00 44.22 ? 6 PHE A CD2  3  
ATOM 382  C CE1  . PHE A 1 6 ? 4.906  0.894  0.861  1.00 54.35 ? 6 PHE A CE1  3  
ATOM 383  C CE2  . PHE A 1 6 ? 3.777  0.671  2.956  1.00 51.22 ? 6 PHE A CE2  3  
ATOM 384  C CZ   . PHE A 1 6 ? 4.926  0.942  2.241  1.00 61.22 ? 6 PHE A CZ   3  
ATOM 385  H H    . PHE A 1 6 ? 0.920  -0.154 -2.339 1.00 12.13 ? 6 PHE A H    3  
ATOM 386  H HA   . PHE A 1 6 ? 2.377  -1.778 -0.489 1.00 34.53 ? 6 PHE A HA   3  
ATOM 387  H HB2  . PHE A 1 6 ? 1.056  0.773  -0.466 1.00 72.44 ? 6 PHE A HB2  3  
ATOM 388  H HB3  . PHE A 1 6 ? 0.525  -0.173 0.922  1.00 31.33 ? 6 PHE A HB3  3  
ATOM 389  H HD1  . PHE A 1 6 ? 3.720  0.534  -0.880 1.00 54.05 ? 6 PHE A HD1  3  
ATOM 390  H HD2  . PHE A 1 6 ? 1.711  0.136  2.851  1.00 31.21 ? 6 PHE A HD2  3  
ATOM 391  H HE1  . PHE A 1 6 ? 5.803  1.106  0.299  1.00 1.34  ? 6 PHE A HE1  3  
ATOM 392  H HE2  . PHE A 1 6 ? 3.791  0.708  4.036  1.00 12.34 ? 6 PHE A HE2  3  
ATOM 393  H HZ   . PHE A 1 6 ? 5.840  1.193  2.760  1.00 31.43 ? 6 PHE A HZ   3  
ATOM 394  N N    . SER A 1 7 ? 0.747  -3.362 0.505  1.00 63.40 ? 7 SER A N    3  
ATOM 395  C CA   . SER A 1 7 ? -0.178 -4.383 0.979  1.00 34.14 ? 7 SER A CA   3  
ATOM 396  C C    . SER A 1 7 ? -0.084 -4.541 2.493  1.00 65.22 ? 7 SER A C    3  
ATOM 397  O O    . SER A 1 7 ? 0.897  -4.148 3.124  1.00 44.34 ? 7 SER A O    3  
ATOM 398  C CB   . SER A 1 7 ? 0.112  -5.721 0.296  1.00 22.30 ? 7 SER A CB   3  
ATOM 399  O OG   . SER A 1 7 ? 0.971  -5.550 -0.817 1.00 23.14 ? 7 SER A OG   3  
ATOM 400  H H    . SER A 1 7 ? 1.702  -3.444 0.717  1.00 75.32 ? 7 SER A H    3  
ATOM 401  H HA   . SER A 1 7 ? -1.179 -4.068 0.723  1.00 71.04 ? 7 SER A HA   3  
ATOM 402  H HB2  . SER A 1 7 ? 0.585  -6.387 1.001  1.00 61.25 ? 7 SER A HB2  3  
ATOM 403  H HB3  . SER A 1 7 ? -0.816 -6.157 -0.045 1.00 54.22 ? 7 SER A HB3  3  
ATOM 404  H HG   . SER A 1 7 ? 1.882  -5.675 -0.540 1.00 30.24 ? 7 SER A HG   3  
ATOM 405  N N    . PRO A 1 8 ? -1.129 -5.130 3.093  1.00 34.21 ? 8 PRO A N    3  
ATOM 406  C CA   . PRO A 1 8 ? -1.189 -5.354 4.540  1.00 53.21 ? 8 PRO A CA   3  
ATOM 407  C C    . PRO A 1 8 ? -0.200 -6.417 5.003  1.00 40.31 ? 8 PRO A C    3  
ATOM 408  O O    . PRO A 1 8 ? 0.124  -7.344 4.260  1.00 3.21  ? 8 PRO A O    3  
ATOM 409  C CB   . PRO A 1 8 ? -2.628 -5.827 4.766  1.00 32.31 ? 8 PRO A CB   3  
ATOM 410  C CG   . PRO A 1 8 ? -3.041 -6.419 3.464  1.00 11.33 ? 8 PRO A CG   3  
ATOM 411  C CD   . PRO A 1 8 ? -2.334 -5.622 2.403  1.00 33.23 ? 8 PRO A CD   3  
ATOM 412  H HA   . PRO A 1 8 ? -1.018 -4.440 5.090  1.00 0.52  ? 8 PRO A HA   3  
ATOM 413  H HB2  . PRO A 1 8 ? -2.647 -6.561 5.560  1.00 33.35 ? 8 PRO A HB2  3  
ATOM 414  H HB3  . PRO A 1 8 ? -3.250 -4.984 5.032  1.00 3.34  ? 8 PRO A HB3  3  
ATOM 415  H HG2  . PRO A 1 8 ? -2.739 -7.455 3.418  1.00 51.04 ? 8 PRO A HG2  3  
ATOM 416  H HG3  . PRO A 1 8 ? -4.112 -6.333 3.345  1.00 4.11  ? 8 PRO A HG3  3  
ATOM 417  H HD2  . PRO A 1 8 ? -2.069 -6.255 1.568  1.00 40.24 ? 8 PRO A HD2  3  
ATOM 418  H HD3  . PRO A 1 8 ? -2.952 -4.800 2.073  1.00 12.40 ? 8 PRO A HD3  3  
ATOM 419  N N    . PHE A 1 9 ? 0.277  -6.279 6.236  1.00 15.23 ? 9 PHE A N    3  
ATOM 420  C CA   . PHE A 1 9 ? 1.230  -7.228 6.798  1.00 53.31 ? 9 PHE A CA   3  
ATOM 421  C C    . PHE A 1 9 ? 0.844  -7.605 8.226  1.00 62.21 ? 9 PHE A C    3  
ATOM 422  O O    . PHE A 1 9 ? -0.305 -7.440 8.633  1.00 35.13 ? 9 PHE A O    3  
ATOM 423  C CB   . PHE A 1 9 ? 2.642  -6.639 6.778  1.00 33.32 ? 9 PHE A CB   3  
ATOM 424  C CG   . PHE A 1 9 ? 2.802  -5.436 7.662  1.00 54.31 ? 9 PHE A CG   3  
ATOM 425  C CD1  . PHE A 1 9 ? 3.472  -5.533 8.872  1.00 35.53 ? 9 PHE A CD1  3  
ATOM 426  C CD2  . PHE A 1 9 ? 2.281  -4.209 7.286  1.00 62.50 ? 9 PHE A CD2  3  
ATOM 427  C CE1  . PHE A 1 9 ? 3.621  -4.428 9.688  1.00 31.24 ? 9 PHE A CE1  3  
ATOM 428  C CE2  . PHE A 1 9 ? 2.428  -3.100 8.098  1.00 73.14 ? 9 PHE A CE2  3  
ATOM 429  C CZ   . PHE A 1 9 ? 3.098  -3.210 9.301  1.00 72.33 ? 9 PHE A CZ   3  
ATOM 430  H H    . PHE A 1 9 ? -0.020 -5.520 6.780  1.00 62.50 ? 9 PHE A H    3  
ATOM 431  H HA   . PHE A 1 9 ? 1.211  -8.117 6.187  1.00 11.22 ? 9 PHE A HA   3  
ATOM 432  H HB2  . PHE A 1 9 ? 3.342  -7.389 7.109  1.00 3.40  ? 9 PHE A HB2  3  
ATOM 433  H HB3  . PHE A 1 9 ? 2.886  -6.345 5.768  1.00 31.32 ? 9 PHE A HB3  3  
ATOM 434  H HD1  . PHE A 1 9 ? 3.882  -6.486 9.174  1.00 42.14 ? 9 PHE A HD1  3  
ATOM 435  H HD2  . PHE A 1 9 ? 1.756  -4.121 6.346  1.00 61.51 ? 9 PHE A HD2  3  
ATOM 436  H HE1  . PHE A 1 9 ? 4.145  -4.517 10.628 1.00 22.04 ? 9 PHE A HE1  3  
ATOM 437  H HE2  . PHE A 1 9 ? 2.016  -2.149 7.794  1.00 64.32 ? 9 PHE A HE2  3  
ATOM 438  H HZ   . PHE A 1 9 ? 3.213  -2.345 9.937  1.00 64.22 ? 9 PHE A HZ   3  
ATOM 439  N N    . LYS A 1 1 ? -4.528 5.878  1.920  1.00 74.52 ? 1 LYS A N    4  
ATOM 440  C CA   . LYS A 1 1 ? -3.822 6.902  1.158  1.00 0.14  ? 1 LYS A CA   4  
ATOM 441  C C    . LYS A 1 1 ? -2.370 6.499  0.922  1.00 71.21 ? 1 LYS A C    4  
ATOM 442  O O    . LYS A 1 1 ? -1.462 7.325  1.027  1.00 12.41 ? 1 LYS A O    4  
ATOM 443  C CB   . LYS A 1 1 ? -3.878 8.243  1.892  1.00 60.12 ? 1 LYS A CB   4  
ATOM 444  C CG   . LYS A 1 1 ? -5.266 8.607  2.390  1.00 43.54 ? 1 LYS A CG   4  
ATOM 445  C CD   . LYS A 1 1 ? -5.631 10.038 2.032  1.00 44.43 ? 1 LYS A CD   4  
ATOM 446  C CE   . LYS A 1 1 ? -6.662 10.088 0.917  1.00 35.33 ? 1 LYS A CE   4  
ATOM 447  N NZ   . LYS A 1 1 ? -6.092 9.647  -0.387 1.00 14.02 ? 1 LYS A NZ   4  
ATOM 448  H H1   . LYS A 1 1 ? -4.884 5.095  1.451  1.00 12.33 ? 1 LYS A H1   4  
ATOM 449  H HA   . LYS A 1 1 ? -4.315 7.003  0.202  1.00 42.45 ? 1 LYS A HA   4  
ATOM 450  H HB2  . LYS A 1 1 ? -3.212 8.203  2.742  1.00 31.41 ? 1 LYS A HB2  4  
ATOM 451  H HB3  . LYS A 1 1 ? -3.544 9.021  1.221  1.00 73.31 ? 1 LYS A HB3  4  
ATOM 452  H HG2  . LYS A 1 1 ? -5.986 7.940  1.939  1.00 52.32 ? 1 LYS A HG2  4  
ATOM 453  H HG3  . LYS A 1 1 ? -5.294 8.496  3.465  1.00 3.12  ? 1 LYS A HG3  4  
ATOM 454  H HD2  . LYS A 1 1 ? -6.036 10.526 2.905  1.00 74.12 ? 1 LYS A HD2  4  
ATOM 455  H HD3  . LYS A 1 1 ? -4.739 10.557 1.710  1.00 2.24  ? 1 LYS A HD3  4  
ATOM 456  H HE2  . LYS A 1 1 ? -7.487 9.441  1.176  1.00 5.32  ? 1 LYS A HE2  4  
ATOM 457  H HE3  . LYS A 1 1 ? -7.018 11.103 0.819  1.00 14.43 ? 1 LYS A HE3  4  
ATOM 458  H HZ1  . LYS A 1 1 ? -5.317 10.280 -0.669 1.00 4.44  ? 1 LYS A HZ1  4  
ATOM 459  H HZ2  . LYS A 1 1 ? -6.826 9.668  -1.123 1.00 21.11 ? 1 LYS A HZ2  4  
ATOM 460  H HZ3  . LYS A 1 1 ? -5.724 8.678  -0.306 1.00 33.41 ? 1 LYS A HZ3  4  
ATOM 461  N N    . ARG A 1 2 ? -2.158 5.227  0.601  1.00 64.41 ? 2 ARG A N    4  
ATOM 462  C CA   . ARG A 1 2 ? -0.816 4.716  0.350  1.00 25.33 ? 2 ARG A CA   4  
ATOM 463  C C    . ARG A 1 2 ? -0.579 4.519  -1.144 1.00 33.32 ? 2 ARG A C    4  
ATOM 464  O O    . ARG A 1 2 ? -1.516 4.432  -1.939 1.00 2.45  ? 2 ARG A O    4  
ATOM 465  C CB   . ARG A 1 2 ? -0.604 3.394  1.089  1.00 65.35 ? 2 ARG A CB   4  
ATOM 466  C CG   . ARG A 1 2 ? 0.019  3.560  2.466  1.00 71.11 ? 2 ARG A CG   4  
ATOM 467  C CD   . ARG A 1 2 ? -0.784 2.831  3.532  1.00 2.33  ? 2 ARG A CD   4  
ATOM 468  N NE   . ARG A 1 2 ? -1.894 3.639  4.030  1.00 63.42 ? 2 ARG A NE   4  
ATOM 469  C CZ   . ARG A 1 2 ? -1.741 4.667  4.858  1.00 44.10 ? 2 ARG A CZ   4  
ATOM 470  N NH1  . ARG A 1 2 ? -0.530 5.010  5.278  1.00 15.10 ? 2 ARG A NH1  4  
ATOM 471  N NH2  . ARG A 1 2 ? -2.799 5.355  5.266  1.00 32.30 ? 2 ARG A NH2  4  
ATOM 472  H H    . ARG A 1 2 ? -2.922 4.618  0.532  1.00 3.41  ? 2 ARG A H    4  
ATOM 473  H HA   . ARG A 1 2 ? -0.109 5.443  0.721  1.00 21.41 ? 2 ARG A HA   4  
ATOM 474  H HB2  . ARG A 1 2 ? -1.558 2.904  1.208  1.00 14.13 ? 2 ARG A HB2  4  
ATOM 475  H HB3  . ARG A 1 2 ? 0.045  2.765  0.499  1.00 61.41 ? 2 ARG A HB3  4  
ATOM 476  H HG2  . ARG A 1 2 ? 1.021  3.157  2.449  1.00 22.13 ? 2 ARG A HG2  4  
ATOM 477  H HG3  . ARG A 1 2 ? 0.055  4.611  2.711  1.00 61.21 ? 2 ARG A HG3  4  
ATOM 478  H HD2  . ARG A 1 2 ? -1.177 1.919  3.107  1.00 73.42 ? 2 ARG A HD2  4  
ATOM 479  H HD3  . ARG A 1 2 ? -0.128 2.590  4.356  1.00 32.24 ? 2 ARG A HD3  4  
ATOM 480  H HE   . ARG A 1 2 ? -2.796 3.404  3.731  1.00 54.44 ? 2 ARG A HE   4  
ATOM 481  H HH11 . ARG A 1 2 ? 0.269  4.494  4.971  1.00 32.22 ? 2 ARG A HH11 4  
ATOM 482  H HH12 . ARG A 1 2 ? -0.418 5.785  5.900  1.00 40.23 ? 2 ARG A HH12 4  
ATOM 483  H HH21 . ARG A 1 2 ? -3.713 5.100  4.951  1.00 15.20 ? 2 ARG A HH21 4  
ATOM 484  H HH22 . ARG A 1 2 ? -2.683 6.128  5.889  1.00 32.01 ? 2 ARG A HH22 4  
ATOM 485  N N    . PRO A 1 3 ? 0.701  4.447  -1.538 1.00 40.22 ? 3 PRO A N    4  
ATOM 486  C CA   . PRO A 1 3 ? 1.090  4.260  -2.939 1.00 54.54 ? 3 PRO A CA   4  
ATOM 487  C C    . PRO A 1 3 ? 0.752  2.864  -3.452 1.00 52.03 ? 3 PRO A C    4  
ATOM 488  O O    . PRO A 1 3 ? 0.424  1.958  -2.686 1.00 2.42  ? 3 PRO A O    4  
ATOM 489  C CB   . PRO A 1 3 ? 2.605  4.469  -2.917 1.00 24.42 ? 3 PRO A CB   4  
ATOM 490  C CG   . PRO A 1 3 ? 3.015  4.132  -1.525 1.00 13.41 ? 3 PRO A CG   4  
ATOM 491  C CD   . PRO A 1 3 ? 1.868  4.544  -0.645 1.00 53.32 ? 3 PRO A CD   4  
ATOM 492  H HA   . PRO A 1 3 ? 0.631  4.998  -3.580 1.00 61.31 ? 3 PRO A HA   4  
ATOM 493  H HB2  . PRO A 1 3 ? 3.073  3.812  -3.638 1.00 41.33 ? 3 PRO A HB2  4  
ATOM 494  H HB3  . PRO A 1 3 ? 2.835  5.497  -3.157 1.00 12.33 ? 3 PRO A HB3  4  
ATOM 495  H HG2  . PRO A 1 3 ? 3.189  3.070  -1.440 1.00 23.35 ? 3 PRO A HG2  4  
ATOM 496  H HG3  . PRO A 1 3 ? 3.906  4.682  -1.260 1.00 34.15 ? 3 PRO A HG3  4  
ATOM 497  H HD2  . PRO A 1 3 ? 1.771  3.866  0.191  1.00 1.10  ? 3 PRO A HD2  4  
ATOM 498  H HD3  . PRO A 1 3 ? 2.004  5.558  -0.297 1.00 10.34 ? 3 PRO A HD3  4  
ATOM 499  N N    . PRO A 1 4 ? 0.833  2.685  -4.778 1.00 34.31 ? 4 PRO A N    4  
ATOM 500  C CA   . PRO A 1 4 ? 0.540  1.401  -5.424 1.00 62.23 ? 4 PRO A CA   4  
ATOM 501  C C    . PRO A 1 4 ? 1.596  0.345  -5.118 1.00 65.01 ? 4 PRO A C    4  
ATOM 502  O O    . PRO A 1 4 ? 2.787  0.647  -5.042 1.00 71.11 ? 4 PRO A O    4  
ATOM 503  C CB   . PRO A 1 4 ? 0.543  1.746  -6.915 1.00 12.51 ? 4 PRO A CB   4  
ATOM 504  C CG   . PRO A 1 4 ? 1.416  2.947  -7.025 1.00 64.23 ? 4 PRO A CG   4  
ATOM 505  C CD   . PRO A 1 4 ? 1.216  3.722  -5.752 1.00 42.32 ? 4 PRO A CD   4  
ATOM 506  H HA   . PRO A 1 4 ? -0.433 1.028  -5.140 1.00 34.11 ? 4 PRO A HA   4  
ATOM 507  H HB2  . PRO A 1 4 ? 0.943  0.913  -7.478 1.00 71.41 ? 4 PRO A HB2  4  
ATOM 508  H HB3  . PRO A 1 4 ? -0.463 1.957  -7.241 1.00 32.02 ? 4 PRO A HB3  4  
ATOM 509  H HG2  . PRO A 1 4 ? 2.447  2.645  -7.122 1.00 23.22 ? 4 PRO A HG2  4  
ATOM 510  H HG3  . PRO A 1 4 ? 1.116  3.542  -7.875 1.00 32.14 ? 4 PRO A HG3  4  
ATOM 511  H HD2  . PRO A 1 4 ? 2.135  4.206  -5.456 1.00 22.00 ? 4 PRO A HD2  4  
ATOM 512  H HD3  . PRO A 1 4 ? 0.427  4.448  -5.871 1.00 75.43 ? 4 PRO A HD3  4  
ATOM 513  N N    . GLY A 1 5 ? 1.153  -0.896 -4.943 1.00 13.43 ? 5 GLY A N    4  
ATOM 514  C CA   . GLY A 1 5 ? 2.073  -1.979 -4.648 1.00 33.42 ? 5 GLY A CA   4  
ATOM 515  C C    . GLY A 1 5 ? 2.139  -2.296 -3.168 1.00 13.31 ? 5 GLY A C    4  
ATOM 516  O O    . GLY A 1 5 ? 2.560  -3.386 -2.777 1.00 33.42 ? 5 GLY A O    4  
ATOM 517  H H    . GLY A 1 5 ? 0.192  -1.078 -5.016 1.00 54.12 ? 5 GLY A H    4  
ATOM 518  H HA2  . GLY A 1 5 ? 1.756  -2.862 -5.182 1.00 35.42 ? 5 GLY A HA2  4  
ATOM 519  H HA3  . GLY A 1 5 ? 3.060  -1.700 -4.988 1.00 31.41 ? 5 GLY A HA3  4  
ATOM 520  N N    . PHE A 1 6 ? 1.722  -1.344 -2.340 1.00 63.31 ? 6 PHE A N    4  
ATOM 521  C CA   . PHE A 1 6 ? 1.738  -1.526 -0.893 1.00 4.23  ? 6 PHE A CA   4  
ATOM 522  C C    . PHE A 1 6 ? 0.786  -2.644 -0.477 1.00 62.34 ? 6 PHE A C    4  
ATOM 523  O O    . PHE A 1 6 ? -0.306 -2.781 -1.027 1.00 73.15 ? 6 PHE A O    4  
ATOM 524  C CB   . PHE A 1 6 ? 1.354  -0.223 -0.190 1.00 53.51 ? 6 PHE A CB   4  
ATOM 525  C CG   . PHE A 1 6 ? 1.839  -0.144 1.230  1.00 21.34 ? 6 PHE A CG   4  
ATOM 526  C CD1  . PHE A 1 6 ? 1.215  -0.870 2.231  1.00 72.22 ? 6 PHE A CD1  4  
ATOM 527  C CD2  . PHE A 1 6 ? 2.919  0.657  1.562  1.00 63.53 ? 6 PHE A CD2  4  
ATOM 528  C CE1  . PHE A 1 6 ? 1.659  -0.799 3.538  1.00 62.42 ? 6 PHE A CE1  4  
ATOM 529  C CE2  . PHE A 1 6 ? 3.368  0.733  2.867  1.00 4.22  ? 6 PHE A CE2  4  
ATOM 530  C CZ   . PHE A 1 6 ? 2.736  0.005  3.857  1.00 4.24  ? 6 PHE A CZ   4  
ATOM 531  H H    . PHE A 1 6 ? 1.398  -0.496 -2.712 1.00 40.34 ? 6 PHE A H    4  
ATOM 532  H HA   . PHE A 1 6 ? 2.741  -1.798 -0.606 1.00 4.51  ? 6 PHE A HA   4  
ATOM 533  H HB2  . PHE A 1 6 ? 1.776  0.608  -0.732 1.00 64.33 ? 6 PHE A HB2  4  
ATOM 534  H HB3  . PHE A 1 6 ? 0.278  -0.132 -0.179 1.00 11.52 ? 6 PHE A HB3  4  
ATOM 535  H HD1  . PHE A 1 6 ? 0.370  -1.498 1.983  1.00 62.14 ? 6 PHE A HD1  4  
ATOM 536  H HD2  . PHE A 1 6 ? 3.413  1.229  0.790  1.00 4.44  ? 6 PHE A HD2  4  
ATOM 537  H HE1  . PHE A 1 6 ? 1.163  -1.369 4.310  1.00 21.13 ? 6 PHE A HE1  4  
ATOM 538  H HE2  . PHE A 1 6 ? 4.211  1.361  3.113  1.00 53.21 ? 6 PHE A HE2  4  
ATOM 539  H HZ   . PHE A 1 6 ? 3.085  0.061  4.876  1.00 45.33 ? 6 PHE A HZ   4  
ATOM 540  N N    . SER A 1 7 ? 1.210  -3.440 0.500  1.00 71.12 ? 7 SER A N    4  
ATOM 541  C CA   . SER A 1 7 ? 0.398  -4.548 0.989  1.00 15.21 ? 7 SER A CA   4  
ATOM 542  C C    . SER A 1 7 ? 0.061  -4.366 2.465  1.00 61.34 ? 7 SER A C    4  
ATOM 543  O O    . SER A 1 7 ? 0.714  -3.612 3.188  1.00 51.12 ? 7 SER A O    4  
ATOM 544  C CB   . SER A 1 7 ? 1.130  -5.875 0.781  1.00 43.51 ? 7 SER A CB   4  
ATOM 545  O OG   . SER A 1 7 ? 0.762  -6.475 -0.448 1.00 73.40 ? 7 SER A OG   4  
ATOM 546  H H    . SER A 1 7 ? 2.090  -3.281 0.899  1.00 64.51 ? 7 SER A H    4  
ATOM 547  H HA   . SER A 1 7 ? -0.521 -4.562 0.421  1.00 0.03  ? 7 SER A HA   4  
ATOM 548  H HB2  . SER A 1 7 ? 2.195  -5.699 0.777  1.00 13.14 ? 7 SER A HB2  4  
ATOM 549  H HB3  . SER A 1 7 ? 0.880  -6.551 1.587  1.00 22.12 ? 7 SER A HB3  4  
ATOM 550  H HG   . SER A 1 7 ? 0.467  -7.375 -0.290 1.00 21.33 ? 7 SER A HG   4  
ATOM 551  N N    . PRO A 1 8 ? -0.983 -5.071 2.925  1.00 51.03 ? 8 PRO A N    4  
ATOM 552  C CA   . PRO A 1 8 ? -1.430 -5.003 4.320  1.00 13.24 ? 8 PRO A CA   4  
ATOM 553  C C    . PRO A 1 8 ? -0.442 -5.658 5.278  1.00 22.02 ? 8 PRO A C    4  
ATOM 554  O O    . PRO A 1 8 ? 0.179  -6.669 4.950  1.00 64.22 ? 8 PRO A O    4  
ATOM 555  C CB   . PRO A 1 8 ? -2.752 -5.776 4.305  1.00 30.03 ? 8 PRO A CB   4  
ATOM 556  C CG   . PRO A 1 8 ? -2.634 -6.708 3.148  1.00 62.12 ? 8 PRO A CG   4  
ATOM 557  C CD   . PRO A 1 8 ? -1.807 -5.988 2.120  1.00 62.52 ? 8 PRO A CD   4  
ATOM 558  H HA   . PRO A 1 8 ? -1.611 -3.985 4.630  1.00 71.34 ? 8 PRO A HA   4  
ATOM 559  H HB2  . PRO A 1 8 ? -2.867 -6.314 5.236  1.00 34.22 ? 8 PRO A HB2  4  
ATOM 560  H HB3  . PRO A 1 8 ? -3.574 -5.090 4.175  1.00 74.55 ? 8 PRO A HB3  4  
ATOM 561  H HG2  . PRO A 1 8 ? -2.139 -7.616 3.457  1.00 55.21 ? 8 PRO A HG2  4  
ATOM 562  H HG3  . PRO A 1 8 ? -3.615 -6.928 2.753  1.00 45.45 ? 8 PRO A HG3  4  
ATOM 563  H HD2  . PRO A 1 8 ? -1.188 -6.686 1.577  1.00 22.54 ? 8 PRO A HD2  4  
ATOM 564  H HD3  . PRO A 1 8 ? -2.443 -5.438 1.442  1.00 22.34 ? 8 PRO A HD3  4  
ATOM 565  N N    . PHE A 1 9 ? -0.300 -5.076 6.464  1.00 64.51 ? 9 PHE A N    4  
ATOM 566  C CA   . PHE A 1 9 ? 0.615  -5.602 7.470  1.00 21.11 ? 9 PHE A CA   4  
ATOM 567  C C    . PHE A 1 9 ? 0.340  -4.977 8.835  1.00 23.31 ? 9 PHE A C    4  
ATOM 568  O O    . PHE A 1 9 ? -0.117 -5.651 9.756  1.00 54.11 ? 9 PHE A O    4  
ATOM 569  C CB   . PHE A 1 9 ? 2.065  -5.339 7.058  1.00 52.24 ? 9 PHE A CB   4  
ATOM 570  C CG   . PHE A 1 9 ? 3.028  -6.376 7.563  1.00 70.55 ? 9 PHE A CG   4  
ATOM 571  C CD1  . PHE A 1 9 ? 2.893  -7.705 7.193  1.00 72.05 ? 9 PHE A CD1  4  
ATOM 572  C CD2  . PHE A 1 9 ? 4.068  -6.021 8.407  1.00 43.50 ? 9 PHE A CD2  4  
ATOM 573  C CE1  . PHE A 1 9 ? 3.777  -8.661 7.656  1.00 34.25 ? 9 PHE A CE1  4  
ATOM 574  C CE2  . PHE A 1 9 ? 4.956  -6.974 8.871  1.00 44.24 ? 9 PHE A CE2  4  
ATOM 575  C CZ   . PHE A 1 9 ? 4.809  -8.295 8.497  1.00 22.35 ? 9 PHE A CZ   4  
ATOM 576  H H    . PHE A 1 9 ? -0.822 -4.271 6.666  1.00 54.45 ? 9 PHE A H    4  
ATOM 577  H HA   . PHE A 1 9 ? 0.455  -6.667 7.537  1.00 62.54 ? 9 PHE A HA   4  
ATOM 578  H HB2  . PHE A 1 9 ? 2.129  -5.323 5.981  1.00 3.53  ? 9 PHE A HB2  4  
ATOM 579  H HB3  . PHE A 1 9 ? 2.374  -4.380 7.447  1.00 1.33  ? 9 PHE A HB3  4  
ATOM 580  H HD1  . PHE A 1 9 ? 2.084  -7.992 6.535  1.00 60.32 ? 9 PHE A HD1  4  
ATOM 581  H HD2  . PHE A 1 9 ? 4.184  -4.989 8.701  1.00 52.54 ? 9 PHE A HD2  4  
ATOM 582  H HE1  . PHE A 1 9 ? 3.660  -9.693 7.360  1.00 52.22 ? 9 PHE A HE1  4  
ATOM 583  H HE2  . PHE A 1 9 ? 5.762  -6.685 9.529  1.00 4.31  ? 9 PHE A HE2  4  
ATOM 584  H HZ   . PHE A 1 9 ? 5.502  -9.041 8.858  1.00 62.40 ? 9 PHE A HZ   4  
ATOM 585  N N    . LYS A 1 1 ? -3.126 6.395  4.710  1.00 13.13 ? 1 LYS A N    5  
ATOM 586  C CA   . LYS A 1 1 ? -3.169 5.931  3.329  1.00 35.22 ? 1 LYS A CA   5  
ATOM 587  C C    . LYS A 1 1 ? -1.785 5.495  2.857  1.00 71.54 ? 1 LYS A C    5  
ATOM 588  O O    . LYS A 1 1 ? -0.776 5.812  3.488  1.00 72.54 ? 1 LYS A O    5  
ATOM 589  C CB   . LYS A 1 1 ? -3.708 7.034  2.415  1.00 5.44  ? 1 LYS A CB   5  
ATOM 590  C CG   . LYS A 1 1 ? -4.639 6.523  1.330  1.00 33.44 ? 1 LYS A CG   5  
ATOM 591  C CD   . LYS A 1 1 ? -5.550 7.625  0.813  1.00 1.50  ? 1 LYS A CD   5  
ATOM 592  C CE   . LYS A 1 1 ? -4.767 8.690  0.061  1.00 42.41 ? 1 LYS A CE   5  
ATOM 593  N NZ   . LYS A 1 1 ? -5.571 9.302  -1.031 1.00 35.30 ? 1 LYS A NZ   5  
ATOM 594  H H1   . LYS A 1 1 ? -2.518 7.127  4.950  1.00 73.01 ? 1 LYS A H1   5  
ATOM 595  H HA   . LYS A 1 1 ? -3.834 5.082  3.284  1.00 52.23 ? 1 LYS A HA   5  
ATOM 596  H HB2  . LYS A 1 1 ? -4.247 7.751  3.015  1.00 50.34 ? 1 LYS A HB2  5  
ATOM 597  H HB3  . LYS A 1 1 ? -2.873 7.530  1.940  1.00 73.31 ? 1 LYS A HB3  5  
ATOM 598  H HG2  . LYS A 1 1 ? -4.049 6.146  0.508  1.00 4.33  ? 1 LYS A HG2  5  
ATOM 599  H HG3  . LYS A 1 1 ? -5.246 5.727  1.735  1.00 14.13 ? 1 LYS A HG3  5  
ATOM 600  H HD2  . LYS A 1 1 ? -6.281 7.192  0.145  1.00 63.44 ? 1 LYS A HD2  5  
ATOM 601  H HD3  . LYS A 1 1 ? -6.054 8.085  1.651  1.00 73.51 ? 1 LYS A HD3  5  
ATOM 602  H HE2  . LYS A 1 1 ? -4.474 9.462  0.758  1.00 3.44  ? 1 LYS A HE2  5  
ATOM 603  H HE3  . LYS A 1 1 ? -3.884 8.235  -0.364 1.00 63.44 ? 1 LYS A HE3  5  
ATOM 604  H HZ1  . LYS A 1 1 ? -5.012 10.032 -1.521 1.00 12.50 ? 1 LYS A HZ1  5  
ATOM 605  H HZ2  . LYS A 1 1 ? -6.428 9.743  -0.641 1.00 1.01  ? 1 LYS A HZ2  5  
ATOM 606  H HZ3  . LYS A 1 1 ? -5.851 8.575  -1.720 1.00 35.50 ? 1 LYS A HZ3  5  
ATOM 607  N N    . ARG A 1 2 ? -1.745 4.769  1.745  1.00 64.05 ? 2 ARG A N    5  
ATOM 608  C CA   . ARG A 1 2 ? -0.484 4.291  1.190  1.00 73.43 ? 2 ARG A CA   5  
ATOM 609  C C    . ARG A 1 2 ? -0.497 4.372  -0.334 1.00 33.31 ? 2 ARG A C    5  
ATOM 610  O O    . ARG A 1 2 ? -1.549 4.450  -0.968 1.00 33.10 ? 2 ARG A O    5  
ATOM 611  C CB   . ARG A 1 2 ? -0.220 2.852  1.633  1.00 53.24 ? 2 ARG A CB   5  
ATOM 612  C CG   . ARG A 1 2 ? 0.629  2.747  2.889  1.00 30.01 ? 2 ARG A CG   5  
ATOM 613  C CD   . ARG A 1 2 ? 0.108  1.669  3.826  1.00 13.10 ? 2 ARG A CD   5  
ATOM 614  N NE   . ARG A 1 2 ? -1.112 2.084  4.513  1.00 51.03 ? 2 ARG A NE   5  
ATOM 615  C CZ   . ARG A 1 2 ? -1.123 2.889  5.569  1.00 72.14 ? 2 ARG A CZ   5  
ATOM 616  N NH1  . ARG A 1 2 ? 0.014  3.364  6.058  1.00 10.11 ? 2 ARG A NH1  5  
ATOM 617  N NH2  . ARG A 1 2 ? -2.275 3.221  6.140  1.00 22.34 ? 2 ARG A NH2  5  
ATOM 618  H H    . ARG A 1 2 ? -2.583 4.549  1.288  1.00 34.12 ? 2 ARG A H    5  
ATOM 619  H HA   . ARG A 1 2 ? 0.305  4.925  1.566  1.00 21.23 ? 2 ARG A HA   5  
ATOM 620  H HB2  . ARG A 1 2 ? -1.166 2.366  1.824  1.00 73.32 ? 2 ARG A HB2  5  
ATOM 621  H HB3  . ARG A 1 2 ? 0.288  2.330  0.836  1.00 74.13 ? 2 ARG A HB3  5  
ATOM 622  H HG2  . ARG A 1 2 ? 1.644  2.504  2.608  1.00 35.52 ? 2 ARG A HG2  5  
ATOM 623  H HG3  . ARG A 1 2 ? 0.614  3.697  3.403  1.00 63.31 ? 2 ARG A HG3  5  
ATOM 624  H HD2  . ARG A 1 2 ? -0.099 0.779  3.251  1.00 62.51 ? 2 ARG A HD2  5  
ATOM 625  H HD3  . ARG A 1 2 ? 0.868  1.453  4.562  1.00 41.12 ? 2 ARG A HD3  5  
ATOM 626  H HE   . ARG A 1 2 ? -1.965 1.745  4.169  1.00 64.31 ? 2 ARG A HE   5  
ATOM 627  H HH11 . ARG A 1 2 ? 0.883  3.116  5.630  1.00 32.04 ? 2 ARG A HH11 5  
ATOM 628  H HH12 . ARG A 1 2 ? 0.003  3.970  6.853  1.00 32.40 ? 2 ARG A HH12 5  
ATOM 629  H HH21 . ARG A 1 2 ? -3.135 2.866  5.774  1.00 64.35 ? 2 ARG A HH21 5  
ATOM 630  H HH22 . ARG A 1 2 ? -2.282 3.827  6.935  1.00 71.50 ? 2 ARG A HH22 5  
ATOM 631  N N    . PRO A 1 3 ? 0.701  4.353  -0.937 1.00 32.20 ? 3 PRO A N    5  
ATOM 632  C CA   . PRO A 1 3 ? 0.855  4.422  -2.394 1.00 75.31 ? 3 PRO A CA   5  
ATOM 633  C C    . PRO A 1 3 ? 0.375  3.153  -3.089 1.00 3.32  ? 3 PRO A C    5  
ATOM 634  O O    . PRO A 1 3 ? 0.131  2.125  -2.457 1.00 55.54 ? 3 PRO A O    5  
ATOM 635  C CB   . PRO A 1 3 ? 2.363  4.598  -2.583 1.00 62.42 ? 3 PRO A CB   5  
ATOM 636  C CG   . PRO A 1 3 ? 2.971  4.001  -1.361 1.00 61.34 ? 3 PRO A CG   5  
ATOM 637  C CD   . PRO A 1 3 ? 1.998  4.261  -0.245 1.00 74.43 ? 3 PRO A CD   5  
ATOM 638  H HA   . PRO A 1 3 ? 0.337  5.275  -2.807 1.00 32.40 ? 3 PRO A HA   5  
ATOM 639  H HB2  . PRO A 1 3 ? 2.680  4.079  -3.477 1.00 73.12 ? 3 PRO A HB2  5  
ATOM 640  H HB3  . PRO A 1 3 ? 2.600  5.649  -2.668 1.00 12.21 ? 3 PRO A HB3  5  
ATOM 641  H HG2  . PRO A 1 3 ? 3.107  2.940  -1.500 1.00 44.32 ? 3 PRO A HG2  5  
ATOM 642  H HG3  . PRO A 1 3 ? 3.917  4.478  -1.151 1.00 31.02 ? 3 PRO A HG3  5  
ATOM 643  H HD2  . PRO A 1 3 ? 2.001  3.443  0.459  1.00 22.24 ? 3 PRO A HD2  5  
ATOM 644  H HD3  . PRO A 1 3 ? 2.234  5.191  0.253  1.00 12.22 ? 3 PRO A HD3  5  
ATOM 645  N N    . PRO A 1 4 ? 0.237  3.223  -4.421 1.00 5.25  ? 4 PRO A N    5  
ATOM 646  C CA   . PRO A 1 4 ? -0.213 2.086  -5.230 1.00 22.45 ? 4 PRO A CA   5  
ATOM 647  C C    . PRO A 1 4 ? 0.828  0.974  -5.298 1.00 50.02 ? 4 PRO A C    5  
ATOM 648  O O    . PRO A 1 4 ? 2.028  1.236  -5.368 1.00 71.55 ? 4 PRO A O    5  
ATOM 649  C CB   . PRO A 1 4 ? -0.428 2.702  -6.616 1.00 12.33 ? 4 PRO A CB   5  
ATOM 650  C CG   . PRO A 1 4 ? 0.471  3.889  -6.647 1.00 2.01  ? 4 PRO A CG   5  
ATOM 651  C CD   . PRO A 1 4 ? 0.512  4.416  -5.240 1.00 12.52 ? 4 PRO A CD   5  
ATOM 652  H HA   . PRO A 1 4 ? -1.145 1.684  -4.865 1.00 53.22 ? 4 PRO A HA   5  
ATOM 653  H HB2  . PRO A 1 4 ? -0.162 1.982  -7.378 1.00 45.33 ? 4 PRO A HB2  5  
ATOM 654  H HB3  . PRO A 1 4 ? -1.463 2.988  -6.729 1.00 22.34 ? 4 PRO A HB3  5  
ATOM 655  H HG2  . PRO A 1 4 ? 1.459  3.592  -6.965 1.00 22.04 ? 4 PRO A HG2  5  
ATOM 656  H HG3  . PRO A 1 4 ? 0.069  4.635  -7.316 1.00 71.42 ? 4 PRO A HG3  5  
ATOM 657  H HD2  . PRO A 1 4 ? 1.488  4.821  -5.017 1.00 54.21 ? 4 PRO A HD2  5  
ATOM 658  H HD3  . PRO A 1 4 ? -0.252 5.165  -5.095 1.00 33.51 ? 4 PRO A HD3  5  
ATOM 659  N N    . GLY A 1 5 ? 0.360  -0.270 -5.278 1.00 41.41 ? 5 GLY A N    5  
ATOM 660  C CA   . GLY A 1 5 ? 1.264  -1.404 -5.337 1.00 1.14  ? 5 GLY A CA   5  
ATOM 661  C C    . GLY A 1 5 ? 1.600  -1.950 -3.964 1.00 4.42  ? 5 GLY A C    5  
ATOM 662  O O    . GLY A 1 5 ? 2.042  -3.092 -3.833 1.00 62.01 ? 5 GLY A O    5  
ATOM 663  H H    . GLY A 1 5 ? -0.607 -0.420 -5.221 1.00 71.33 ? 5 GLY A H    5  
ATOM 664  H HA2  . GLY A 1 5 ? 0.804  -2.186 -5.922 1.00 3.12  ? 5 GLY A HA2  5  
ATOM 665  H HA3  . GLY A 1 5 ? 2.178  -1.095 -5.822 1.00 31.03 ? 5 GLY A HA3  5  
ATOM 666  N N    . PHE A 1 6 ? 1.392  -1.134 -2.936 1.00 23.03 ? 6 PHE A N    5  
ATOM 667  C CA   . PHE A 1 6 ? 1.679  -1.540 -1.566 1.00 13.23 ? 6 PHE A CA   5  
ATOM 668  C C    . PHE A 1 6 ? 0.690  -2.603 -1.096 1.00 62.11 ? 6 PHE A C    5  
ATOM 669  O O    . PHE A 1 6 ? -0.454 -2.647 -1.550 1.00 64.52 ? 6 PHE A O    5  
ATOM 670  C CB   . PHE A 1 6 ? 1.628  -0.331 -0.631 1.00 53.14 ? 6 PHE A CB   5  
ATOM 671  C CG   . PHE A 1 6 ? 2.452  -0.500 0.613  1.00 62.24 ? 6 PHE A CG   5  
ATOM 672  C CD1  . PHE A 1 6 ? 3.835  -0.532 0.545  1.00 50.53 ? 6 PHE A CD1  5  
ATOM 673  C CD2  . PHE A 1 6 ? 1.843  -0.626 1.852  1.00 34.01 ? 6 PHE A CD2  5  
ATOM 674  C CE1  . PHE A 1 6 ? 4.596  -0.687 1.688  1.00 5.41  ? 6 PHE A CE1  5  
ATOM 675  C CE2  . PHE A 1 6 ? 2.599  -0.781 2.998  1.00 12.02 ? 6 PHE A CE2  5  
ATOM 676  C CZ   . PHE A 1 6 ? 3.977  -0.813 2.916  1.00 3.30  ? 6 PHE A CZ   5  
ATOM 677  H H    . PHE A 1 6 ? 1.038  -0.235 -3.105 1.00 43.24 ? 6 PHE A H    5  
ATOM 678  H HA   . PHE A 1 6 ? 2.673  -1.958 -1.546 1.00 3.41  ? 6 PHE A HA   5  
ATOM 679  H HB2  . PHE A 1 6 ? 1.996  0.537  -1.156 1.00 24.50 ? 6 PHE A HB2  5  
ATOM 680  H HB3  . PHE A 1 6 ? 0.605  -0.159 -0.332 1.00 34.45 ? 6 PHE A HB3  5  
ATOM 681  H HD1  . PHE A 1 6 ? 4.321  -0.434 -0.416 1.00 52.34 ? 6 PHE A HD1  5  
ATOM 682  H HD2  . PHE A 1 6 ? 0.765  -0.603 1.917  1.00 60.33 ? 6 PHE A HD2  5  
ATOM 683  H HE1  . PHE A 1 6 ? 5.675  -0.711 1.620  1.00 54.41 ? 6 PHE A HE1  5  
ATOM 684  H HE2  . PHE A 1 6 ? 2.113  -0.880 3.958  1.00 20.32 ? 6 PHE A HE2  5  
ATOM 685  H HZ   . PHE A 1 6 ? 4.571  -0.933 3.810  1.00 54.51 ? 6 PHE A HZ   5  
ATOM 686  N N    . SER A 1 7 ? 1.139  -3.460 -0.184 1.00 63.21 ? 7 SER A N    5  
ATOM 687  C CA   . SER A 1 7 ? 0.296  -4.525 0.345  1.00 23.02 ? 7 SER A CA   5  
ATOM 688  C C    . SER A 1 7 ? -0.124 -4.224 1.780  1.00 61.10 ? 7 SER A C    5  
ATOM 689  O O    . SER A 1 7 ? 0.490  -3.415 2.477  1.00 15.11 ? 7 SER A O    5  
ATOM 690  C CB   . SER A 1 7 ? 1.034  -5.864 0.287  1.00 52.31 ? 7 SER A CB   5  
ATOM 691  O OG   . SER A 1 7 ? 2.217  -5.762 -0.485 1.00 63.25 ? 7 SER A OG   5  
ATOM 692  H H    . SER A 1 7 ? 2.061  -3.374 0.139  1.00 33.43 ? 7 SER A H    5  
ATOM 693  H HA   . SER A 1 7 ? -0.589 -4.585 -0.271 1.00 70.40 ? 7 SER A HA   5  
ATOM 694  H HB2  . SER A 1 7 ? 1.297  -6.170 1.288  1.00 52.52 ? 7 SER A HB2  5  
ATOM 695  H HB3  . SER A 1 7 ? 0.390  -6.608 -0.160 1.00 52.12 ? 7 SER A HB3  5  
ATOM 696  H HG   . SER A 1 7 ? 2.122  -6.277 -1.289 1.00 74.10 ? 7 SER A HG   5  
ATOM 697  N N    . PRO A 1 8 ? -1.195 -4.891 2.235  1.00 32.42 ? 8 PRO A N    5  
ATOM 698  C CA   . PRO A 1 8 ? -1.722 -4.712 3.591  1.00 42.21 ? 8 PRO A CA   5  
ATOM 699  C C    . PRO A 1 8 ? -0.792 -5.287 4.654  1.00 61.23 ? 8 PRO A C    5  
ATOM 700  O O    . PRO A 1 8 ? -0.069 -6.251 4.405  1.00 21.24 ? 8 PRO A O    5  
ATOM 701  C CB   . PRO A 1 8 ? -3.043 -5.484 3.563  1.00 60.21 ? 8 PRO A CB   5  
ATOM 702  C CG   . PRO A 1 8 ? -2.862 -6.506 2.494  1.00 35.10 ? 8 PRO A CG   5  
ATOM 703  C CD   . PRO A 1 8 ? -1.975 -5.870 1.459  1.00 52.42 ? 8 PRO A CD   5  
ATOM 704  H HA   . PRO A 1 8 ? -1.916 -3.671 3.808  1.00 1.21  ? 8 PRO A HA   5  
ATOM 705  H HB2  . PRO A 1 8 ? -3.215 -5.945 4.526  1.00 1.14  ? 8 PRO A HB2  5  
ATOM 706  H HB3  . PRO A 1 8 ? -3.853 -4.810 3.331  1.00 54.04 ? 8 PRO A HB3  5  
ATOM 707  H HG2  . PRO A 1 8 ? -2.391 -7.386 2.903  1.00 44.10 ? 8 PRO A HG2  5  
ATOM 708  H HG3  . PRO A 1 8 ? -3.820 -6.758 2.062  1.00 52.11 ? 8 PRO A HG3  5  
ATOM 709  H HD2  . PRO A 1 8 ? -1.329 -6.609 1.011  1.00 12.13 ? 8 PRO A HD2  5  
ATOM 710  H HD3  . PRO A 1 8 ? -2.570 -5.377 0.704  1.00 3.24  ? 8 PRO A HD3  5  
ATOM 711  N N    . PHE A 1 9 ? -0.816 -4.688 5.840  1.00 51.41 ? 9 PHE A N    5  
ATOM 712  C CA   . PHE A 1 9 ? 0.026  -5.141 6.942  1.00 61.42 ? 9 PHE A CA   5  
ATOM 713  C C    . PHE A 1 9 ? -0.718 -6.145 7.818  1.00 62.23 ? 9 PHE A C    5  
ATOM 714  O O    . PHE A 1 9 ? -1.946 -6.132 7.888  1.00 62.33 ? 9 PHE A O    5  
ATOM 715  C CB   . PHE A 1 9 ? 0.481  -3.948 7.787  1.00 31.21 ? 9 PHE A CB   5  
ATOM 716  C CG   . PHE A 1 9 ? 1.853  -4.119 8.374  1.00 73.04 ? 9 PHE A CG   5  
ATOM 717  C CD1  . PHE A 1 9 ? 2.081  -5.046 9.378  1.00 11.42 ? 9 PHE A CD1  5  
ATOM 718  C CD2  . PHE A 1 9 ? 2.914  -3.351 7.922  1.00 42.44 ? 9 PHE A CD2  5  
ATOM 719  C CE1  . PHE A 1 9 ? 3.342  -5.206 9.920  1.00 2.01  ? 9 PHE A CE1  5  
ATOM 720  C CE2  . PHE A 1 9 ? 4.179  -3.508 8.460  1.00 74.44 ? 9 PHE A CE2  5  
ATOM 721  C CZ   . PHE A 1 9 ? 4.392  -4.435 9.461  1.00 74.14 ? 9 PHE A CZ   5  
ATOM 722  H H    . PHE A 1 9 ? -1.414 -3.923 5.978  1.00 0.21  ? 9 PHE A H    5  
ATOM 723  H HA   . PHE A 1 9 ? 0.894  -5.623 6.519  1.00 74.01 ? 9 PHE A HA   5  
ATOM 724  H HB2  . PHE A 1 9 ? 0.493  -3.062 7.170  1.00 23.14 ? 9 PHE A HB2  5  
ATOM 725  H HB3  . PHE A 1 9 ? -0.214 -3.806 8.600  1.00 13.41 ? 9 PHE A HB3  5  
ATOM 726  H HD1  . PHE A 1 9 ? 1.260  -5.651 9.738  1.00 65.55 ? 9 PHE A HD1  5  
ATOM 727  H HD2  . PHE A 1 9 ? 2.749  -2.625 7.140  1.00 22.11 ? 9 PHE A HD2  5  
ATOM 728  H HE1  . PHE A 1 9 ? 3.506  -5.932 10.702 1.00 51.41 ? 9 PHE A HE1  5  
ATOM 729  H HE2  . PHE A 1 9 ? 4.997  -2.902 8.101  1.00 32.13 ? 9 PHE A HE2  5  
ATOM 730  H HZ   . PHE A 1 9 ? 5.378  -4.558 9.883  1.00 4.35  ? 9 PHE A HZ   5  
ATOM 731  N N    . LYS A 1 1 ? -4.847 5.549  0.468  1.00 23.52 ? 1 LYS A N    6  
ATOM 732  C CA   . LYS A 1 1 ? -3.979 5.920  1.580  1.00 24.30 ? 1 LYS A CA   6  
ATOM 733  C C    . LYS A 1 1 ? -2.510 5.751  1.204  1.00 40.34 ? 1 LYS A C    6  
ATOM 734  O O    . LYS A 1 1 ? -1.697 6.649  1.420  1.00 12.32 ? 1 LYS A O    6  
ATOM 735  C CB   . LYS A 1 1 ? -4.304 5.073  2.812  1.00 4.12  ? 1 LYS A CB   6  
ATOM 736  C CG   . LYS A 1 1 ? -4.982 5.852  3.925  1.00 53.40 ? 1 LYS A CG   6  
ATOM 737  C CD   . LYS A 1 1 ? -6.477 5.978  3.685  1.00 31.43 ? 1 LYS A CD   6  
ATOM 738  C CE   . LYS A 1 1 ? -6.936 7.425  3.779  1.00 72.44 ? 1 LYS A CE   6  
ATOM 739  N NZ   . LYS A 1 1 ? -6.721 8.160  2.502  1.00 32.40 ? 1 LYS A NZ   6  
ATOM 740  H H1   . LYS A 1 1 ? -4.483 5.001  -0.259 1.00 31.21 ? 1 LYS A H1   6  
ATOM 741  H HA   . LYS A 1 1 ? -4.161 6.959  1.810  1.00 52.03 ? 1 LYS A HA   6  
ATOM 742  H HB2  . LYS A 1 1 ? -4.955 4.264  2.516  1.00 14.12 ? 1 LYS A HB2  6  
ATOM 743  H HB3  . LYS A 1 1 ? -3.384 4.657  3.200  1.00 34.43 ? 1 LYS A HB3  6  
ATOM 744  H HG2  . LYS A 1 1 ? -4.822 5.338  4.861  1.00 42.14 ? 1 LYS A HG2  6  
ATOM 745  H HG3  . LYS A 1 1 ? -4.549 6.840  3.975  1.00 72.12 ? 1 LYS A HG3  6  
ATOM 746  H HD2  . LYS A 1 1 ? -6.708 5.603  2.699  1.00 21.43 ? 1 LYS A HD2  6  
ATOM 747  H HD3  . LYS A 1 1 ? -7.004 5.393  4.426  1.00 63.45 ? 1 LYS A HD3  6  
ATOM 748  H HE2  . LYS A 1 1 ? -7.987 7.441  4.021  1.00 32.40 ? 1 LYS A HE2  6  
ATOM 749  H HE3  . LYS A 1 1 ? -6.379 7.915  4.564  1.00 42.20 ? 1 LYS A HE3  6  
ATOM 750  H HZ1  . LYS A 1 1 ? -6.714 7.493  1.703  1.00 51.22 ? 1 LYS A HZ1  6  
ATOM 751  H HZ2  . LYS A 1 1 ? -5.812 8.662  2.527  1.00 24.10 ? 1 LYS A HZ2  6  
ATOM 752  H HZ3  . LYS A 1 1 ? -7.483 8.852  2.354  1.00 50.14 ? 1 LYS A HZ3  6  
ATOM 753  N N    . ARG A 1 2 ? -2.179 4.594  0.641  1.00 3.33  ? 2 ARG A N    6  
ATOM 754  C CA   . ARG A 1 2 ? -0.808 4.307  0.235  1.00 31.41 ? 2 ARG A CA   6  
ATOM 755  C C    . ARG A 1 2 ? -0.686 4.278  -1.286 1.00 41.42 ? 2 ARG A C    6  
ATOM 756  O O    . ARG A 1 2 ? -1.670 4.126  -2.010 1.00 43.43 ? 2 ARG A O    6  
ATOM 757  C CB   . ARG A 1 2 ? -0.350 2.970  0.820  1.00 13.52 ? 2 ARG A CB   6  
ATOM 758  C CG   . ARG A 1 2 ? 0.491  3.112  2.078  1.00 4.35  ? 2 ARG A CG   6  
ATOM 759  C CD   . ARG A 1 2 ? -0.374 3.384  3.299  1.00 2.24  ? 2 ARG A CD   6  
ATOM 760  N NE   . ARG A 1 2 ? 0.166  4.460  4.124  1.00 24.25 ? 2 ARG A NE   6  
ATOM 761  C CZ   . ARG A 1 2 ? 1.220  4.318  4.920  1.00 24.31 ? 2 ARG A CZ   6  
ATOM 762  N NH1  . ARG A 1 2 ? 1.844  3.151  4.998  1.00 13.41 ? 2 ARG A NH1  6  
ATOM 763  N NH2  . ARG A 1 2 ? 1.652  5.345  5.640  1.00 24.04 ? 2 ARG A NH2  6  
ATOM 764  H H    . ARG A 1 2 ? -2.872 3.917  0.494  1.00 43.11 ? 2 ARG A H    6  
ATOM 765  H HA   . ARG A 1 2 ? -0.176 5.094  0.620  1.00 15.42 ? 2 ARG A HA   6  
ATOM 766  H HB2  . ARG A 1 2 ? -1.220 2.377  1.060  1.00 73.04 ? 2 ARG A HB2  6  
ATOM 767  H HB3  . ARG A 1 2 ? 0.236  2.448  0.078  1.00 35.13 ? 2 ARG A HB3  6  
ATOM 768  H HG2  . ARG A 1 2 ? 1.041  2.196  2.237  1.00 14.34 ? 2 ARG A HG2  6  
ATOM 769  H HG3  . ARG A 1 2 ? 1.182  3.931  1.947  1.00 42.31 ? 2 ARG A HG3  6  
ATOM 770  H HD2  . ARG A 1 2 ? -1.364 3.659  2.967  1.00 53.11 ? 2 ARG A HD2  6  
ATOM 771  H HD3  . ARG A 1 2 ? -0.431 2.482  3.891  1.00 62.33 ? 2 ARG A HD3  6  
ATOM 772  H HE   . ARG A 1 2 ? -0.279 5.331  4.081  1.00 61.34 ? 2 ARG A HE   6  
ATOM 773  H HH11 . ARG A 1 2 ? 1.521  2.375  4.456  1.00 74.13 ? 2 ARG A HH11 6  
ATOM 774  H HH12 . ARG A 1 2 ? 2.637  3.046  5.598  1.00 73.32 ? 2 ARG A HH12 6  
ATOM 775  H HH21 . ARG A 1 2 ? 1.186  6.227  5.584  1.00 21.54 ? 2 ARG A HH21 6  
ATOM 776  H HH22 . ARG A 1 2 ? 2.445  5.237  6.239  1.00 22.42 ? 2 ARG A HH22 6  
ATOM 777  N N    . PRO A 1 3 ? 0.551  4.428  -1.783 1.00 12.45 ? 3 PRO A N    6  
ATOM 778  C CA   . PRO A 1 3 ? 0.831  4.422  -3.222 1.00 5.03  ? 3 PRO A CA   6  
ATOM 779  C C    . PRO A 1 3 ? 0.642  3.042  -3.844 1.00 74.22 ? 3 PRO A C    6  
ATOM 780  O O    . PRO A 1 3 ? 0.514  2.034  -3.150 1.00 52.34 ? 3 PRO A O    6  
ATOM 781  C CB   . PRO A 1 3 ? 2.300  4.846  -3.299 1.00 61.11 ? 3 PRO A CB   6  
ATOM 782  C CG   . PRO A 1 3 ? 2.878  4.450  -1.984 1.00 62.22 ? 3 PRO A CG   6  
ATOM 783  C CD   . PRO A 1 3 ? 1.770  4.613  -0.979 1.00 3.42  ? 3 PRO A CD   6  
ATOM 784  H HA   . PRO A 1 3 ? 0.220  5.140  -3.748 1.00 31.33 ? 3 PRO A HA   6  
ATOM 785  H HB2  . PRO A 1 3 ? 2.785  4.329  -4.115 1.00 35.25 ? 3 PRO A HB2  6  
ATOM 786  H HB3  . PRO A 1 3 ? 2.363  5.912  -3.452 1.00 25.53 ? 3 PRO A HB3  6  
ATOM 787  H HG2  . PRO A 1 3 ? 3.203  3.422  -2.020 1.00 32.12 ? 3 PRO A HG2  6  
ATOM 788  H HG3  . PRO A 1 3 ? 3.706  5.099  -1.737 1.00 14.03 ? 3 PRO A HG3  6  
ATOM 789  H HD2  . PRO A 1 3 ? 1.845  3.858  -0.211 1.00 13.32 ? 3 PRO A HD2  6  
ATOM 790  H HD3  . PRO A 1 3 ? 1.798  5.601  -0.544 1.00 32.24 ? 3 PRO A HD3  6  
ATOM 791  N N    . PRO A 1 4 ? 0.624  2.994  -5.184 1.00 22.44 ? 4 PRO A N    6  
ATOM 792  C CA   . PRO A 1 4 ? 0.452  1.744  -5.930 1.00 41.42 ? 4 PRO A CA   6  
ATOM 793  C C    . PRO A 1 4 ? 1.667  0.828  -5.815 1.00 75.35 ? 4 PRO A C    6  
ATOM 794  O O    . PRO A 1 4 ? 2.807  1.277  -5.930 1.00 12.44 ? 4 PRO A O    6  
ATOM 795  C CB   . PRO A 1 4 ? 0.271  2.214  -7.375 1.00 64.14 ? 4 PRO A CB   6  
ATOM 796  C CG   . PRO A 1 4 ? 0.957  3.535  -7.432 1.00 63.30 ? 4 PRO A CG   6  
ATOM 797  C CD   . PRO A 1 4 ? 0.772  4.157  -6.076 1.00 30.02 ? 4 PRO A CD   6  
ATOM 798  H HA   . PRO A 1 4 ? -0.431 1.210  -5.610 1.00 72.12 ? 4 PRO A HA   6  
ATOM 799  H HB2  . PRO A 1 4 ? 0.728  1.501  -8.048 1.00 70.24 ? 4 PRO A HB2  6  
ATOM 800  H HB3  . PRO A 1 4 ? -0.781 2.306  -7.599 1.00 42.43 ? 4 PRO A HB3  6  
ATOM 801  H HG2  . PRO A 1 4 ? 2.007  3.395  -7.640 1.00 12.11 ? 4 PRO A HG2  6  
ATOM 802  H HG3  . PRO A 1 4 ? 0.502  4.152  -8.193 1.00 11.42 ? 4 PRO A HG3  6  
ATOM 803  H HD2  . PRO A 1 4 ? 1.639  4.742  -5.807 1.00 12.52 ? 4 PRO A HD2  6  
ATOM 804  H HD3  . PRO A 1 4 ? -0.118 4.769  -6.060 1.00 34.55 ? 4 PRO A HD3  6  
ATOM 805  N N    . GLY A 1 5 ? 1.414  -0.457 -5.587 1.00 31.45 ? 5 GLY A N    6  
ATOM 806  C CA   . GLY A 1 5 ? 2.498  -1.414 -5.462 1.00 52.31 ? 5 GLY A CA   6  
ATOM 807  C C    . GLY A 1 5 ? 2.759  -1.808 -4.021 1.00 14.44 ? 5 GLY A C    6  
ATOM 808  O O    . GLY A 1 5 ? 3.367  -2.845 -3.754 1.00 71.23 ? 5 GLY A O    6  
ATOM 809  H H    . GLY A 1 5 ? 0.485  -0.758 -5.504 1.00 63.53 ? 5 GLY A H    6  
ATOM 810  H HA2  . GLY A 1 5 ? 2.247  -2.300 -6.026 1.00 24.41 ? 5 GLY A HA2  6  
ATOM 811  H HA3  . GLY A 1 5 ? 3.397  -0.979 -5.872 1.00 41.02 ? 5 GLY A HA3  6  
ATOM 812  N N    . PHE A 1 6 ? 2.298  -0.980 -3.090 1.00 64.41 ? 6 PHE A N    6  
ATOM 813  C CA   . PHE A 1 6 ? 2.489  -1.245 -1.669 1.00 53.14 ? 6 PHE A CA   6  
ATOM 814  C C    . PHE A 1 6 ? 1.385  -2.154 -1.134 1.00 24.01 ? 6 PHE A C    6  
ATOM 815  O O    . PHE A 1 6 ? 0.204  -1.935 -1.399 1.00 51.42 ? 6 PHE A O    6  
ATOM 816  C CB   . PHE A 1 6 ? 2.511  0.067  -0.881 1.00 13.12 ? 6 PHE A CB   6  
ATOM 817  C CG   . PHE A 1 6 ? 3.163  -0.054 0.465  1.00 52.34 ? 6 PHE A CG   6  
ATOM 818  C CD1  . PHE A 1 6 ? 2.402  -0.281 1.601  1.00 2.12  ? 6 PHE A CD1  6  
ATOM 819  C CD2  . PHE A 1 6 ? 4.538  0.061  0.597  1.00 55.04 ? 6 PHE A CD2  6  
ATOM 820  C CE1  . PHE A 1 6 ? 2.999  -0.392 2.842  1.00 54.42 ? 6 PHE A CE1  6  
ATOM 821  C CE2  . PHE A 1 6 ? 5.140  -0.051 1.836  1.00 64.33 ? 6 PHE A CE2  6  
ATOM 822  C CZ   . PHE A 1 6 ? 4.371  -0.277 2.960  1.00 75.45 ? 6 PHE A CZ   6  
ATOM 823  H H    . PHE A 1 6 ? 1.821  -0.168 -3.366 1.00 0.32  ? 6 PHE A H    6  
ATOM 824  H HA   . PHE A 1 6 ? 3.438  -1.743 -1.550 1.00 60.44 ? 6 PHE A HA   6  
ATOM 825  H HB2  . PHE A 1 6 ? 3.054  0.809  -1.447 1.00 33.22 ? 6 PHE A HB2  6  
ATOM 826  H HB3  . PHE A 1 6 ? 1.496  0.405  -0.732 1.00 51.25 ? 6 PHE A HB3  6  
ATOM 827  H HD1  . PHE A 1 6 ? 1.329  -0.372 1.510  1.00 52.10 ? 6 PHE A HD1  6  
ATOM 828  H HD2  . PHE A 1 6 ? 5.141  0.239  -0.280 1.00 24.21 ? 6 PHE A HD2  6  
ATOM 829  H HE1  . PHE A 1 6 ? 2.394  -0.569 3.719  1.00 51.02 ? 6 PHE A HE1  6  
ATOM 830  H HE2  . PHE A 1 6 ? 6.213  0.042  1.925  1.00 15.41 ? 6 PHE A HE2  6  
ATOM 831  H HZ   . PHE A 1 6 ? 4.839  -0.364 3.929  1.00 71.33 ? 6 PHE A HZ   6  
ATOM 832  N N    . SER A 1 7 ? 1.782  -3.174 -0.379 1.00 34.42 ? 7 SER A N    6  
ATOM 833  C CA   . SER A 1 7 ? 0.829  -4.120 0.190  1.00 61.11 ? 7 SER A CA   6  
ATOM 834  C C    . SER A 1 7 ? 0.422  -3.700 1.599  1.00 62.45 ? 7 SER A C    6  
ATOM 835  O O    . SER A 1 7 ? 1.105  -2.918 2.263  1.00 34.12 ? 7 SER A O    6  
ATOM 836  C CB   . SER A 1 7 ? 1.429  -5.527 0.218  1.00 31.52 ? 7 SER A CB   6  
ATOM 837  O OG   . SER A 1 7 ? 1.120  -6.237 -0.969 1.00 53.05 ? 7 SER A OG   6  
ATOM 838  H H    . SER A 1 7 ? 2.739  -3.295 -0.204 1.00 11.43 ? 7 SER A H    6  
ATOM 839  H HA   . SER A 1 7 ? -0.049 -4.124 -0.439 1.00 11.54 ? 7 SER A HA   6  
ATOM 840  H HB2  . SER A 1 7 ? 2.502  -5.455 0.312  1.00 14.25 ? 7 SER A HB2  6  
ATOM 841  H HB3  . SER A 1 7 ? 1.028  -6.069 1.062  1.00 71.33 ? 7 SER A HB3  6  
ATOM 842  H HG   . SER A 1 7 ? 1.698  -5.944 -1.677 1.00 32.54 ? 7 SER A HG   6  
ATOM 843  N N    . PRO A 1 8 ? -0.717 -4.229 2.068  1.00 43.22 ? 8 PRO A N    6  
ATOM 844  C CA   . PRO A 1 8 ? -1.240 -3.924 3.403  1.00 55.11 ? 8 PRO A CA   6  
ATOM 845  C C    . PRO A 1 8 ? -0.388 -4.530 4.513  1.00 24.31 ? 8 PRO A C    6  
ATOM 846  O O    . PRO A 1 8 ? 0.097  -5.655 4.393  1.00 71.22 ? 8 PRO A O    6  
ATOM 847  C CB   . PRO A 1 8 ? -2.632 -4.561 3.391  1.00 52.23 ? 8 PRO A CB   6  
ATOM 848  C CG   . PRO A 1 8 ? -2.542 -5.653 2.382  1.00 23.11 ? 8 PRO A CG   6  
ATOM 849  C CD   . PRO A 1 8 ? -1.582 -5.167 1.332  1.00 5.33  ? 8 PRO A CD   6  
ATOM 850  H HA   . PRO A 1 8 ? -1.331 -2.859 3.560  1.00 1.20  ? 8 PRO A HA   6  
ATOM 851  H HB2  . PRO A 1 8 ? -2.862 -4.948 4.374  1.00 0.12  ? 8 PRO A HB2  6  
ATOM 852  H HB3  . PRO A 1 8 ? -3.368 -3.822 3.109  1.00 1.33  ? 8 PRO A HB3  6  
ATOM 853  H HG2  . PRO A 1 8 ? -2.166 -6.552 2.846  1.00 53.10 ? 8 PRO A HG2  6  
ATOM 854  H HG3  . PRO A 1 8 ? -3.513 -5.832 1.946  1.00 73.45 ? 8 PRO A HG3  6  
ATOM 855  H HD2  . PRO A 1 8 ? -1.006 -5.991 0.936  1.00 12.43 ? 8 PRO A HD2  6  
ATOM 856  H HD3  . PRO A 1 8 ? -2.112 -4.660 0.540  1.00 70.14 ? 8 PRO A HD3  6  
ATOM 857  N N    . PHE A 1 9 ? -0.208 -3.776 5.592  1.00 62.24 ? 9 PHE A N    6  
ATOM 858  C CA   . PHE A 1 9 ? 0.588  -4.237 6.723  1.00 11.43 ? 9 PHE A CA   6  
ATOM 859  C C    . PHE A 1 9 ? 2.038  -4.470 6.310  1.00 23.14 ? 9 PHE A C    6  
ATOM 860  O O    . PHE A 1 9 ? 2.669  -3.602 5.709  1.00 32.24 ? 9 PHE A O    6  
ATOM 861  C CB   . PHE A 1 9 ? -0.003 -5.527 7.298  1.00 32.13 ? 9 PHE A CB   6  
ATOM 862  C CG   . PHE A 1 9 ? -0.044 -5.552 8.798  1.00 65.01 ? 9 PHE A CG   6  
ATOM 863  C CD1  . PHE A 1 9 ? -1.254 -5.558 9.473  1.00 71.40 ? 9 PHE A CD1  6  
ATOM 864  C CD2  . PHE A 1 9 ? 1.129  -5.568 9.535  1.00 40.24 ? 9 PHE A CD2  6  
ATOM 865  C CE1  . PHE A 1 9 ? -1.295 -5.581 10.854 1.00 63.51 ? 9 PHE A CE1  6  
ATOM 866  C CE2  . PHE A 1 9 ? 1.096  -5.592 10.917 1.00 74.42 ? 9 PHE A CE2  6  
ATOM 867  C CZ   . PHE A 1 9 ? -0.118 -5.596 11.577 1.00 11.41 ? 9 PHE A CZ   6  
ATOM 868  H H    . PHE A 1 9 ? -0.620 -2.887 5.628  1.00 64.44 ? 9 PHE A H    6  
ATOM 869  H HA   . PHE A 1 9 ? 0.561  -3.471 7.481  1.00 64.13 ? 9 PHE A HA   6  
ATOM 870  H HB2  . PHE A 1 9 ? -1.014 -5.642 6.937  1.00 53.31 ? 9 PHE A HB2  6  
ATOM 871  H HB3  . PHE A 1 9 ? 0.591  -6.366 6.966  1.00 72.03 ? 9 PHE A HB3  6  
ATOM 872  H HD1  . PHE A 1 9 ? -2.176 -5.544 8.907  1.00 0.44  ? 9 PHE A HD1  6  
ATOM 873  H HD2  . PHE A 1 9 ? 2.079  -5.563 9.021  1.00 52.43 ? 9 PHE A HD2  6  
ATOM 874  H HE1  . PHE A 1 9 ? -2.245 -5.584 11.366 1.00 14.50 ? 9 PHE A HE1  6  
ATOM 875  H HE2  . PHE A 1 9 ? 2.016  -5.604 11.481 1.00 2.30  ? 9 PHE A HE2  6  
ATOM 876  H HZ   . PHE A 1 9 ? -0.148 -5.615 12.657 1.00 10.05 ? 9 PHE A HZ   6  
ATOM 877  N N    . LYS A 1 1 ? -4.629 6.007  3.627  1.00 12.24 ? 1 LYS A N    7  
ATOM 878  C CA   . LYS A 1 1 ? -4.189 6.214  2.252  1.00 54.11 ? 1 LYS A CA   7  
ATOM 879  C C    . LYS A 1 1 ? -2.737 5.784  2.076  1.00 12.45 ? 1 LYS A C    7  
ATOM 880  O O    . LYS A 1 1 ? -1.823 6.415  2.607  1.00 0.55  ? 1 LYS A O    7  
ATOM 881  C CB   . LYS A 1 1 ? -4.348 7.685  1.860  1.00 43.00 ? 1 LYS A CB   7  
ATOM 882  C CG   . LYS A 1 1 ? -5.530 7.947  0.943  1.00 2.30  ? 1 LYS A CG   7  
ATOM 883  C CD   . LYS A 1 1 ? -5.243 7.495  -0.479 1.00 61.12 ? 1 LYS A CD   7  
ATOM 884  C CE   . LYS A 1 1 ? -6.009 8.329  -1.494 1.00 0.43  ? 1 LYS A CE   7  
ATOM 885  N NZ   . LYS A 1 1 ? -5.545 8.072  -2.885 1.00 33.13 ? 1 LYS A NZ   7  
ATOM 886  H H1   . LYS A 1 1 ? -4.075 5.469  4.230  1.00 1.53  ? 1 LYS A H1   7  
ATOM 887  H HA   . LYS A 1 1 ? -4.812 5.611  1.610  1.00 13.34 ? 1 LYS A HA   7  
ATOM 888  H HB2  . LYS A 1 1 ? -4.477 8.272  2.758  1.00 74.11 ? 1 LYS A HB2  7  
ATOM 889  H HB3  . LYS A 1 1 ? -3.449 8.009  1.356  1.00 23.35 ? 1 LYS A HB3  7  
ATOM 890  H HG2  . LYS A 1 1 ? -6.388 7.408  1.314  1.00 4.43  ? 1 LYS A HG2  7  
ATOM 891  H HG3  . LYS A 1 1 ? -5.742 9.006  0.939  1.00 54.00 ? 1 LYS A HG3  7  
ATOM 892  H HD2  . LYS A 1 1 ? -4.185 7.596  -0.673 1.00 13.32 ? 1 LYS A HD2  7  
ATOM 893  H HD3  . LYS A 1 1 ? -5.533 6.459  -0.584 1.00 62.34 ? 1 LYS A HD3  7  
ATOM 894  H HE2  . LYS A 1 1 ? -7.058 8.085  -1.422 1.00 4.12  ? 1 LYS A HE2  7  
ATOM 895  H HE3  . LYS A 1 1 ? -5.866 9.374  -1.263 1.00 55.35 ? 1 LYS A HE3  7  
ATOM 896  H HZ1  . LYS A 1 1 ? -4.549 8.353  -2.988 1.00 35.21 ? 1 LYS A HZ1  7  
ATOM 897  H HZ2  . LYS A 1 1 ? -6.119 8.618  -3.560 1.00 71.52 ? 1 LYS A HZ2  7  
ATOM 898  H HZ3  . LYS A 1 1 ? -5.634 7.061  -3.112 1.00 52.25 ? 1 LYS A HZ3  7  
ATOM 899  N N    . ARG A 1 2 ? -2.530 4.706  1.324  1.00 54.44 ? 2 ARG A N    7  
ATOM 900  C CA   . ARG A 1 2 ? -1.189 4.192  1.078  1.00 2.54  ? 2 ARG A CA   7  
ATOM 901  C C    . ARG A 1 2 ? -0.887 4.155  -0.417 1.00 74.51 ? 2 ARG A C    7  
ATOM 902  O O    . ARG A 1 2 ? -1.787 4.182  -1.258 1.00 43.51 ? 2 ARG A O    7  
ATOM 903  C CB   . ARG A 1 2 ? -1.040 2.790  1.673  1.00 60.41 ? 2 ARG A CB   7  
ATOM 904  C CG   . ARG A 1 2 ? -0.450 2.784  3.074  1.00 44.31 ? 2 ARG A CG   7  
ATOM 905  C CD   . ARG A 1 2 ? -1.535 2.696  4.135  1.00 55.41 ? 2 ARG A CD   7  
ATOM 906  N NE   . ARG A 1 2 ? -0.986 2.765  5.487  1.00 33.41 ? 2 ARG A NE   7  
ATOM 907  C CZ   . ARG A 1 2 ? -0.536 3.886  6.041  1.00 53.51 ? 2 ARG A CZ   7  
ATOM 908  N NH1  . ARG A 1 2 ? -0.572 5.025  5.364  1.00 23.12 ? 2 ARG A NH1  7  
ATOM 909  N NH2  . ARG A 1 2 ? -0.051 3.868  7.276  1.00 11.13 ? 2 ARG A NH2  7  
ATOM 910  H H    . ARG A 1 2 ? -3.299 4.246  0.928  1.00 35.13 ? 2 ARG A H    7  
ATOM 911  H HA   . ARG A 1 2 ? -0.486 4.855  1.560  1.00 24.43 ? 2 ARG A HA   7  
ATOM 912  H HB2  . ARG A 1 2 ? -2.013 2.323  1.715  1.00 25.51 ? 2 ARG A HB2  7  
ATOM 913  H HB3  . ARG A 1 2 ? -0.396 2.207  1.032  1.00 42.24 ? 2 ARG A HB3  7  
ATOM 914  H HG2  . ARG A 1 2 ? 0.206  1.932  3.174  1.00 12.21 ? 2 ARG A HG2  7  
ATOM 915  H HG3  . ARG A 1 2 ? 0.113  3.693  3.222  1.00 23.53 ? 2 ARG A HG3  7  
ATOM 916  H HD2  . ARG A 1 2 ? -2.225 3.515  3.995  1.00 42.01 ? 2 ARG A HD2  7  
ATOM 917  H HD3  . ARG A 1 2 ? -2.060 1.760  4.017  1.00 62.40 ? 2 ARG A HD3  7  
ATOM 918  H HE   . ARG A 1 2 ? -0.951 1.935  6.005  1.00 43.24 ? 2 ARG A HE   7  
ATOM 919  H HH11 . ARG A 1 2 ? -0.937 5.041  4.434  1.00 33.25 ? 2 ARG A HH11 7  
ATOM 920  H HH12 . ARG A 1 2 ? -0.233 5.867  5.784  1.00 21.11 ? 2 ARG A HH12 7  
ATOM 921  H HH21 . ARG A 1 2 ? -0.024 3.011  7.790  1.00 75.13 ? 2 ARG A HH21 7  
ATOM 922  H HH22 . ARG A 1 2 ? 0.287  4.711  7.693  1.00 34.55 ? 2 ARG A HH22 7  
ATOM 923  N N    . PRO A 1 3 ? 0.409  4.095  -0.758 1.00 33.31 ? 3 PRO A N    7  
ATOM 924  C CA   . PRO A 1 3 ? 0.859  4.054  -2.153 1.00 40.12 ? 3 PRO A CA   7  
ATOM 925  C C    . PRO A 1 3 ? 0.517  2.733  -2.834 1.00 32.15 ? 3 PRO A C    7  
ATOM 926  O O    . PRO A 1 3 ? 0.135  1.756  -2.191 1.00 53.04 ? 3 PRO A O    7  
ATOM 927  C CB   . PRO A 1 3 ? 2.377  4.220  -2.041 1.00 52.15 ? 3 PRO A CB   7  
ATOM 928  C CG   . PRO A 1 3 ? 2.712  3.720  -0.678 1.00 21.11 ? 3 PRO A CG   7  
ATOM 929  C CD   . PRO A 1 3 ? 1.533  4.061  0.190  1.00 44.44 ? 3 PRO A CD   7  
ATOM 930  H HA   . PRO A 1 3 ? 0.447  4.871  -2.727 1.00 44.01 ? 3 PRO A HA   7  
ATOM 931  H HB2  . PRO A 1 3 ? 2.863  3.636  -2.808 1.00 50.41 ? 3 PRO A HB2  7  
ATOM 932  H HB3  . PRO A 1 3 ? 2.638  5.261  -2.153 1.00 31.20 ? 3 PRO A HB3  7  
ATOM 933  H HG2  . PRO A 1 3 ? 2.861  2.651  -0.705 1.00 14.04 ? 3 PRO A HG2  7  
ATOM 934  H HG3  . PRO A 1 3 ? 3.602  4.214  -0.314 1.00 75.40 ? 3 PRO A HG3  7  
ATOM 935  H HD2  . PRO A 1 3 ? 1.383  3.298  0.939  1.00 43.54 ? 3 PRO A HD2  7  
ATOM 936  H HD3  . PRO A 1 3 ? 1.674  5.026  0.655  1.00 44.41 ? 3 PRO A HD3  7  
ATOM 937  N N    . PRO A 1 4 ? 0.657  2.700  -4.168 1.00 60.41 ? 4 PRO A N    7  
ATOM 938  C CA   . PRO A 1 4 ? 0.368  1.505  -4.965 1.00 62.22 ? 4 PRO A CA   7  
ATOM 939  C C    . PRO A 1 4 ? 1.387  0.394  -4.733 1.00 63.15 ? 4 PRO A C    7  
ATOM 940  O O    . PRO A 1 4 ? 2.594  0.623  -4.792 1.00 24.14 ? 4 PRO A O    7  
ATOM 941  C CB   . PRO A 1 4 ? 0.450  2.012  -6.407 1.00 54.55 ? 4 PRO A CB   7  
ATOM 942  C CG   . PRO A 1 4 ? 1.351  3.196  -6.342 1.00 62.23 ? 4 PRO A CG   7  
ATOM 943  C CD   . PRO A 1 4 ? 1.107  3.829  -5.000 1.00 41.43 ? 4 PRO A CD   7  
ATOM 944  H HA   . PRO A 1 4 ? -0.624 1.128  -4.769 1.00 54.12 ? 4 PRO A HA   7  
ATOM 945  H HB2  . PRO A 1 4 ? 0.857  1.237  -7.041 1.00 65.53 ? 4 PRO A HB2  7  
ATOM 946  H HB3  . PRO A 1 4 ? -0.537 2.285  -6.752 1.00 21.30 ? 4 PRO A HB3  7  
ATOM 947  H HG2  . PRO A 1 4 ? 2.379  2.879  -6.426 1.00 22.32 ? 4 PRO A HG2  7  
ATOM 948  H HG3  . PRO A 1 4 ? 1.103  3.889  -7.133 1.00 42.11 ? 4 PRO A HG3  7  
ATOM 949  H HD2  . PRO A 1 4 ? 2.022  4.253  -4.612 1.00 74.02 ? 4 PRO A HD2  7  
ATOM 950  H HD3  . PRO A 1 4 ? 0.339  4.584  -5.072 1.00 33.24 ? 4 PRO A HD3  7  
ATOM 951  N N    . GLY A 1 5 ? 0.892  -0.811 -4.468 1.00 73.14 ? 5 GLY A N    7  
ATOM 952  C CA   . GLY A 1 5 ? 1.772  -1.940 -4.232 1.00 64.24 ? 5 GLY A CA   7  
ATOM 953  C C    . GLY A 1 5 ? 1.920  -2.261 -2.757 1.00 23.22 ? 5 GLY A C    7  
ATOM 954  O O    . GLY A 1 5 ? 2.313  -3.370 -2.393 1.00 52.23 ? 5 GLY A O    7  
ATOM 955  H H    . GLY A 1 5 ? -0.080 -0.935 -4.433 1.00 13.01 ? 5 GLY A H    7  
ATOM 956  H HA2  . GLY A 1 5 ? 1.376  -2.805 -4.740 1.00 0.12  ? 5 GLY A HA2  7  
ATOM 957  H HA3  . GLY A 1 5 ? 2.748  -1.712 -4.637 1.00 15.14 ? 5 GLY A HA3  7  
ATOM 958  N N    . PHE A 1 6 ? 1.607  -1.289 -1.907 1.00 20.42 ? 6 PHE A N    7  
ATOM 959  C CA   . PHE A 1 6 ? 1.709  -1.473 -0.464 1.00 73.52 ? 6 PHE A CA   7  
ATOM 960  C C    . PHE A 1 6 ? 0.446  -2.124 0.092  1.00 52.31 ? 6 PHE A C    7  
ATOM 961  O O    . PHE A 1 6 ? -0.669 -1.740 -0.260 1.00 12.33 ? 6 PHE A O    7  
ATOM 962  C CB   . PHE A 1 6 ? 1.951  -0.130 0.227  1.00 72.30 ? 6 PHE A CB   7  
ATOM 963  C CG   . PHE A 1 6 ? 3.339  0.019  0.781  1.00 51.02 ? 6 PHE A CG   7  
ATOM 964  C CD1  . PHE A 1 6 ? 4.444  -0.315 0.016  1.00 33.15 ? 6 PHE A CD1  7  
ATOM 965  C CD2  . PHE A 1 6 ? 3.538  0.492  2.067  1.00 40.34 ? 6 PHE A CD2  7  
ATOM 966  C CE1  . PHE A 1 6 ? 5.722  -0.180 0.522  1.00 62.03 ? 6 PHE A CE1  7  
ATOM 967  C CE2  . PHE A 1 6 ? 4.814  0.631  2.580  1.00 42.20 ? 6 PHE A CE2  7  
ATOM 968  C CZ   . PHE A 1 6 ? 5.908  0.293  1.806  1.00 61.24 ? 6 PHE A CZ   7  
ATOM 969  H H    . PHE A 1 6 ? 1.300  -0.427 -2.259 1.00 22.13 ? 6 PHE A H    7  
ATOM 970  H HA   . PHE A 1 6 ? 2.549  -2.123 -0.273 1.00 51.10 ? 6 PHE A HA   7  
ATOM 971  H HB2  . PHE A 1 6 ? 1.791  0.667  -0.484 1.00 33.15 ? 6 PHE A HB2  7  
ATOM 972  H HB3  . PHE A 1 6 ? 1.253  -0.022 1.043  1.00 54.24 ? 6 PHE A HB3  7  
ATOM 973  H HD1  . PHE A 1 6 ? 4.299  -0.686 -0.990 1.00 62.35 ? 6 PHE A HD1  7  
ATOM 974  H HD2  . PHE A 1 6 ? 2.684  0.756  2.674  1.00 14.21 ? 6 PHE A HD2  7  
ATOM 975  H HE1  . PHE A 1 6 ? 6.575  -0.445 -0.086 1.00 41.03 ? 6 PHE A HE1  7  
ATOM 976  H HE2  . PHE A 1 6 ? 4.957  1.000  3.584  1.00 71.21 ? 6 PHE A HE2  7  
ATOM 977  H HZ   . PHE A 1 6 ? 6.906  0.400  2.204  1.00 10.10 ? 6 PHE A HZ   7  
ATOM 978  N N    . SER A 1 7 ? 0.631  -3.111 0.963  1.00 34.05 ? 7 SER A N    7  
ATOM 979  C CA   . SER A 1 7 ? -0.493 -3.820 1.565  1.00 34.12 ? 7 SER A CA   7  
ATOM 980  C C    . SER A 1 7 ? -0.390 -3.807 3.087  1.00 22.22 ? 7 SER A C    7  
ATOM 981  O O    . SER A 1 7 ? 0.676  -3.581 3.661  1.00 15.34 ? 7 SER A O    7  
ATOM 982  C CB   . SER A 1 7 ? -0.545 -5.262 1.058  1.00 44.21 ? 7 SER A CB   7  
ATOM 983  O OG   . SER A 1 7 ? 0.642  -5.601 0.361  1.00 62.14 ? 7 SER A OG   7  
ATOM 984  H H    . SER A 1 7 ? 1.545  -3.371 1.204  1.00 10.34 ? 7 SER A H    7  
ATOM 985  H HA   . SER A 1 7 ? -1.400 -3.312 1.273  1.00 21.42 ? 7 SER A HA   7  
ATOM 986  H HB2  . SER A 1 7 ? -0.660 -5.932 1.896  1.00 43.34 ? 7 SER A HB2  7  
ATOM 987  H HB3  . SER A 1 7 ? -1.386 -5.375 0.389  1.00 12.12 ? 7 SER A HB3  7  
ATOM 988  H HG   . SER A 1 7 ? 0.496  -5.511 -0.584 1.00 50.35 ? 7 SER A HG   7  
ATOM 989  N N    . PRO A 1 8 ? -1.525 -4.054 3.758  1.00 23.11 ? 8 PRO A N    7  
ATOM 990  C CA   . PRO A 1 8 ? -1.590 -4.077 5.222  1.00 4.41  ? 8 PRO A CA   7  
ATOM 991  C C    . PRO A 1 8 ? -0.862 -5.279 5.815  1.00 52.45 ? 8 PRO A C    7  
ATOM 992  O O    . PRO A 1 8 ? -0.728 -6.317 5.168  1.00 45.35 ? 8 PRO A O    7  
ATOM 993  C CB   . PRO A 1 8 ? -3.091 -4.166 5.509  1.00 20.23 ? 8 PRO A CB   7  
ATOM 994  C CG   . PRO A 1 8 ? -3.672 -4.801 4.294  1.00 31.33 ? 8 PRO A CG   7  
ATOM 995  C CD   . PRO A 1 8 ? -2.832 -4.330 3.138  1.00 50.21 ? 8 PRO A CD   7  
ATOM 996  H HA   . PRO A 1 8 ? -1.193 -3.169 5.651  1.00 3.52  ? 8 PRO A HA   7  
ATOM 997  H HB2  . PRO A 1 8 ? -3.256 -4.771 6.389  1.00 50.51 ? 8 PRO A HB2  7  
ATOM 998  H HB3  . PRO A 1 8 ? -3.490 -3.176 5.666  1.00 50.24 ? 8 PRO A HB3  7  
ATOM 999  H HG2  . PRO A 1 8 ? -3.622 -5.876 4.380  1.00 22.41 ? 8 PRO A HG2  7  
ATOM 1000 H HG3  . PRO A 1 8 ? -4.696 -4.482 4.166  1.00 65.22 ? 8 PRO A HG3  7  
ATOM 1001 H HD2  . PRO A 1 8 ? -2.749 -5.106 2.391  1.00 2.20  ? 8 PRO A HD2  7  
ATOM 1002 H HD3  . PRO A 1 8 ? -3.252 -3.434 2.708  1.00 63.52 ? 8 PRO A HD3  7  
ATOM 1003 N N    . PHE A 1 9 ? -0.394 -5.130 7.050  1.00 54.34 ? 9 PHE A N    7  
ATOM 1004 C CA   . PHE A 1 9 ? 0.321  -6.204 7.731  1.00 12.02 ? 9 PHE A CA   7  
ATOM 1005 C C    . PHE A 1 9 ? -0.356 -6.555 9.054  1.00 25.12 ? 9 PHE A C    7  
ATOM 1006 O O    . PHE A 1 9 ? -0.041 -7.570 9.672  1.00 0.13  ? 9 PHE A O    7  
ATOM 1007 C CB   . PHE A 1 9 ? 1.775  -5.799 7.980  1.00 53.24 ? 9 PHE A CB   7  
ATOM 1008 C CG   . PHE A 1 9 ? 2.635  -5.863 6.750  1.00 74.34 ? 9 PHE A CG   7  
ATOM 1009 C CD1  . PHE A 1 9 ? 3.433  -4.789 6.392  1.00 2.24  ? 9 PHE A CD1  7  
ATOM 1010 C CD2  . PHE A 1 9 ? 2.642  -6.995 5.953  1.00 33.31 ? 9 PHE A CD2  7  
ATOM 1011 C CE1  . PHE A 1 9 ? 4.226  -4.844 5.260  1.00 14.22 ? 9 PHE A CE1  7  
ATOM 1012 C CE2  . PHE A 1 9 ? 3.433  -7.056 4.821  1.00 22.10 ? 9 PHE A CE2  7  
ATOM 1013 C CZ   . PHE A 1 9 ? 4.225  -5.980 4.474  1.00 34.44 ? 9 PHE A CZ   7  
ATOM 1014 H H    . PHE A 1 9 ? -0.533 -4.278 7.515  1.00 50.51 ? 9 PHE A H    7  
ATOM 1015 H HA   . PHE A 1 9 ? 0.302  -7.072 7.090  1.00 62.34 ? 9 PHE A HA   7  
ATOM 1016 H HB2  . PHE A 1 9 ? 1.800  -4.785 8.350  1.00 73.23 ? 9 PHE A HB2  7  
ATOM 1017 H HB3  . PHE A 1 9 ? 2.202  -6.458 8.720  1.00 45.53 ? 9 PHE A HB3  7  
ATOM 1018 H HD1  . PHE A 1 9 ? 3.435  -3.900 7.007  1.00 11.43 ? 9 PHE A HD1  7  
ATOM 1019 H HD2  . PHE A 1 9 ? 2.023  -7.838 6.223  1.00 33.32 ? 9 PHE A HD2  7  
ATOM 1020 H HE1  . PHE A 1 9 ? 4.844  -4.000 4.992  1.00 0.55  ? 9 PHE A HE1  7  
ATOM 1021 H HE2  . PHE A 1 9 ? 3.430  -7.945 4.207  1.00 70.34 ? 9 PHE A HE2  7  
ATOM 1022 H HZ   . PHE A 1 9 ? 4.844  -6.025 3.590  1.00 13.22 ? 9 PHE A HZ   7  
ATOM 1023 N N    . LYS A 1 1 ? -5.384 4.661  0.925  1.00 50.34 ? 1 LYS A N    8  
ATOM 1024 C CA   . LYS A 1 1 ? -4.917 5.947  0.424  1.00 30.11 ? 1 LYS A CA   8  
ATOM 1025 C C    . LYS A 1 1 ? -3.403 5.940  0.233  1.00 51.43 ? 1 LYS A C    8  
ATOM 1026 O O    . LYS A 1 1 ? -2.725 6.921  0.539  1.00 11.30 ? 1 LYS A O    8  
ATOM 1027 C CB   . LYS A 1 1 ? -5.315 7.069  1.387  1.00 3.14  ? 1 LYS A CB   8  
ATOM 1028 C CG   . LYS A 1 1 ? -4.940 6.790  2.832  1.00 43.34 ? 1 LYS A CG   8  
ATOM 1029 C CD   . LYS A 1 1 ? -4.058 7.889  3.402  1.00 11.15 ? 1 LYS A CD   8  
ATOM 1030 C CE   . LYS A 1 1 ? -3.499 7.506  4.763  1.00 31.22 ? 1 LYS A CE   8  
ATOM 1031 N NZ   . LYS A 1 1 ? -3.944 8.446  5.830  1.00 11.24 ? 1 LYS A NZ   8  
ATOM 1032 H H1   . LYS A 1 1 ? -4.765 4.091  1.430  1.00 32.34 ? 1 LYS A H1   8  
ATOM 1033 H HA   . LYS A 1 1 ? -5.387 6.122  -0.532 1.00 3.32  ? 1 LYS A HA   8  
ATOM 1034 H HB2  . LYS A 1 1 ? -4.826 7.982  1.080  1.00 5.52  ? 1 LYS A HB2  8  
ATOM 1035 H HB3  . LYS A 1 1 ? -6.384 7.208  1.335  1.00 51.31 ? 1 LYS A HB3  8  
ATOM 1036 H HG2  . LYS A 1 1 ? -5.841 6.724  3.423  1.00 74.43 ? 1 LYS A HG2  8  
ATOM 1037 H HG3  . LYS A 1 1 ? -4.406 5.851  2.881  1.00 43.45 ? 1 LYS A HG3  8  
ATOM 1038 H HD2  . LYS A 1 1 ? -3.236 8.066  2.724  1.00 63.44 ? 1 LYS A HD2  8  
ATOM 1039 H HD3  . LYS A 1 1 ? -4.644 8.792  3.504  1.00 11.44 ? 1 LYS A HD3  8  
ATOM 1040 H HE2  . LYS A 1 1 ? -3.836 6.511  5.009  1.00 5.31  ? 1 LYS A HE2  8  
ATOM 1041 H HE3  . LYS A 1 1 ? -2.420 7.519  4.711  1.00 21.41 ? 1 LYS A HE3  8  
ATOM 1042 H HZ1  . LYS A 1 1 ? -4.128 7.924  6.711  1.00 12.05 ? 1 LYS A HZ1  8  
ATOM 1043 H HZ2  . LYS A 1 1 ? -4.817 8.929  5.538  1.00 64.31 ? 1 LYS A HZ2  8  
ATOM 1044 H HZ3  . LYS A 1 1 ? -3.208 9.158  6.009  1.00 11.05 ? 1 LYS A HZ3  8  
ATOM 1045 N N    . ARG A 1 2 ? -2.881 4.828  -0.275 1.00 74.12 ? 2 ARG A N    8  
ATOM 1046 C CA   . ARG A 1 2 ? -1.448 4.693  -0.506 1.00 72.42 ? 2 ARG A CA   8  
ATOM 1047 C C    . ARG A 1 2 ? -1.155 4.469  -1.987 1.00 50.32 ? 2 ARG A C    8  
ATOM 1048 O O    . ARG A 1 2 ? -2.024 4.072  -2.764 1.00 42.43 ? 2 ARG A O    8  
ATOM 1049 C CB   . ARG A 1 2 ? -0.883 3.535  0.318  1.00 5.11  ? 2 ARG A CB   8  
ATOM 1050 C CG   . ARG A 1 2 ? -0.286 3.967  1.648  1.00 30.21 ? 2 ARG A CG   8  
ATOM 1051 C CD   . ARG A 1 2 ? -0.313 2.837  2.664  1.00 54.24 ? 2 ARG A CD   8  
ATOM 1052 N NE   . ARG A 1 2 ? -1.313 3.060  3.706  1.00 64.20 ? 2 ARG A NE   8  
ATOM 1053 C CZ   . ARG A 1 2 ? -1.637 2.153  4.619  1.00 44.41 ? 2 ARG A CZ   8  
ATOM 1054 N NH1  . ARG A 1 2 ? -1.044 0.966  4.621  1.00 65.42 ? 2 ARG A NH1  8  
ATOM 1055 N NH2  . ARG A 1 2 ? -2.555 2.431  5.535  1.00 14.33 ? 2 ARG A NH2  8  
ATOM 1056 H H    . ARG A 1 2 ? -3.473 4.080  -0.498 1.00 54.31 ? 2 ARG A H    8  
ATOM 1057 H HA   . ARG A 1 2 ? -0.974 5.612  -0.192 1.00 21.13 ? 2 ARG A HA   8  
ATOM 1058 H HB2  . ARG A 1 2 ? -1.676 2.829  0.517  1.00 74.15 ? 2 ARG A HB2  8  
ATOM 1059 H HB3  . ARG A 1 2 ? -0.111 3.044  -0.256 1.00 74.34 ? 2 ARG A HB3  8  
ATOM 1060 H HG2  . ARG A 1 2 ? 0.738  4.271  1.490  1.00 50.34 ? 2 ARG A HG2  8  
ATOM 1061 H HG3  . ARG A 1 2 ? -0.856 4.800  2.032  1.00 53.44 ? 2 ARG A HG3  8  
ATOM 1062 H HD2  . ARG A 1 2 ? -0.541 1.915  2.151  1.00 14.32 ? 2 ARG A HD2  8  
ATOM 1063 H HD3  . ARG A 1 2 ? 0.661  2.761  3.123  1.00 60.24 ? 2 ARG A HD3  8  
ATOM 1064 H HE   . ARG A 1 2 ? -1.763 3.930  3.723  1.00 2.31  ? 2 ARG A HE   8  
ATOM 1065 H HH11 . ARG A 1 2 ? -0.350 0.755  3.933  1.00 63.43 ? 2 ARG A HH11 8  
ATOM 1066 H HH12 . ARG A 1 2 ? -1.289 0.286  5.310  1.00 51.53 ? 2 ARG A HH12 8  
ATOM 1067 H HH21 . ARG A 1 2 ? -3.005 3.324  5.537  1.00 51.34 ? 2 ARG A HH21 8  
ATOM 1068 H HH22 . ARG A 1 2 ? -2.799 1.747  6.222  1.00 54.11 ? 2 ARG A HH22 8  
ATOM 1069 N N    . PRO A 1 3 ? 0.098  4.729  -2.388 1.00 11.51 ? 3 PRO A N    8  
ATOM 1070 C CA   . PRO A 1 3 ? 0.535  4.563  -3.778 1.00 14.32 ? 3 PRO A CA   8  
ATOM 1071 C C    . PRO A 1 3 ? 0.601  3.097  -4.193 1.00 14.01 ? 3 PRO A C    8  
ATOM 1072 O O    . PRO A 1 3 ? 0.532  2.188  -3.364 1.00 30.03 ? 3 PRO A O    8  
ATOM 1073 C CB   . PRO A 1 3 ? 1.933  5.185  -3.788 1.00 40.34 ? 3 PRO A CB   8  
ATOM 1074 C CG   . PRO A 1 3 ? 2.409  5.069  -2.380 1.00 22.12 ? 3 PRO A CG   8  
ATOM 1075 C CD   . PRO A 1 3 ? 1.185  5.205  -1.517 1.00 23.13 ? 3 PRO A CD   8  
ATOM 1076 H HA   . PRO A 1 3 ? -0.105 5.100  -4.462 1.00 54.53 ? 3 PRO A HA   8  
ATOM 1077 H HB2  . PRO A 1 3 ? 2.570  4.635  -4.467 1.00 35.52 ? 3 PRO A HB2  8  
ATOM 1078 H HB3  . PRO A 1 3 ? 1.870  6.217  -4.099 1.00 13.32 ? 3 PRO A HB3  8  
ATOM 1079 H HG2  . PRO A 1 3 ? 2.871  4.105  -2.227 1.00 33.40 ? 3 PRO A HG2  8  
ATOM 1080 H HG3  . PRO A 1 3 ? 3.110  5.862  -2.164 1.00 2.32  ? 3 PRO A HG3  8  
ATOM 1081 H HD2  . PRO A 1 3 ? 1.274  4.585  -0.637 1.00 33.12 ? 3 PRO A HD2  8  
ATOM 1082 H HD3  . PRO A 1 3 ? 1.032  6.238  -1.240 1.00 40.12 ? 3 PRO A HD3  8  
ATOM 1083 N N    . PRO A 1 4 ? 0.739  2.858  -5.505 1.00 73.11 ? 4 PRO A N    8  
ATOM 1084 C CA   . PRO A 1 4 ? 0.818  1.503  -6.060 1.00 61.22 ? 4 PRO A CA   8  
ATOM 1085 C C    . PRO A 1 4 ? 2.124  0.804  -5.696 1.00 44.10 ? 4 PRO A C    8  
ATOM 1086 O O    . PRO A 1 4 ? 3.182  1.430  -5.650 1.00 3.22  ? 4 PRO A O    8  
ATOM 1087 C CB   . PRO A 1 4 ? 0.738  1.733  -7.571 1.00 51.00 ? 4 PRO A CB   8  
ATOM 1088 C CG   . PRO A 1 4 ? 1.244  3.119  -7.771 1.00 73.41 ? 4 PRO A CG   8  
ATOM 1089 C CD   . PRO A 1 4 ? 0.827  3.892  -6.549 1.00 24.44 ? 4 PRO A CD   8  
ATOM 1090 H HA   . PRO A 1 4 ? -0.015 0.894  -5.742 1.00 60.15 ? 4 PRO A HA   8  
ATOM 1091 H HB2  . PRO A 1 4 ? 1.357  1.008  -8.082 1.00 40.34 ? 4 PRO A HB2  8  
ATOM 1092 H HB3  . PRO A 1 4 ? -0.286 1.635  -7.899 1.00 22.30 ? 4 PRO A HB3  8  
ATOM 1093 H HG2  . PRO A 1 4 ? 2.320  3.109  -7.860 1.00 74.55 ? 4 PRO A HG2  8  
ATOM 1094 H HG3  . PRO A 1 4 ? 0.797  3.549  -8.655 1.00 34.43 ? 4 PRO A HG3  8  
ATOM 1095 H HD2  . PRO A 1 4 ? 1.574  4.631  -6.298 1.00 52.31 ? 4 PRO A HD2  8  
ATOM 1096 H HD3  . PRO A 1 4 ? -0.132 4.361  -6.709 1.00 20.52 ? 4 PRO A HD3  8  
ATOM 1097 N N    . GLY A 1 5 ? 2.041  -0.497 -5.438 1.00 11.41 ? 5 GLY A N    8  
ATOM 1098 C CA   . GLY A 1 5 ? 3.224  -1.260 -5.082 1.00 23.11 ? 5 GLY A CA   8  
ATOM 1099 C C    . GLY A 1 5 ? 3.291  -1.567 -3.599 1.00 4.44  ? 5 GLY A C    8  
ATOM 1100 O O    . GLY A 1 5 ? 3.966  -2.509 -3.183 1.00 74.12 ? 5 GLY A O    8  
ATOM 1101 H H    . GLY A 1 5 ? 1.170  -0.944 -5.490 1.00 3.14  ? 5 GLY A H    8  
ATOM 1102 H HA2  . GLY A 1 5 ? 3.219  -2.190 -5.632 1.00 30.42 ? 5 GLY A HA2  8  
ATOM 1103 H HA3  . GLY A 1 5 ? 4.101  -0.694 -5.361 1.00 73.02 ? 5 GLY A HA3  8  
ATOM 1104 N N    . PHE A 1 6 ? 2.592  -0.770 -2.800 1.00 75.13 ? 6 PHE A N    8  
ATOM 1105 C CA   . PHE A 1 6 ? 2.576  -0.959 -1.354 1.00 41.12 ? 6 PHE A CA   8  
ATOM 1106 C C    . PHE A 1 6 ? 1.778  -2.204 -0.977 1.00 44.33 ? 6 PHE A C    8  
ATOM 1107 O O    . PHE A 1 6 ? 0.762  -2.514 -1.597 1.00 51.31 ? 6 PHE A O    8  
ATOM 1108 C CB   . PHE A 1 6 ? 1.982  0.270  -0.662 1.00 25.54 ? 6 PHE A CB   8  
ATOM 1109 C CG   . PHE A 1 6 ? 2.494  0.478  0.734  1.00 60.43 ? 6 PHE A CG   8  
ATOM 1110 C CD1  . PHE A 1 6 ? 3.700  1.124  0.955  1.00 32.02 ? 6 PHE A CD1  8  
ATOM 1111 C CD2  . PHE A 1 6 ? 1.769  0.029  1.826  1.00 0.32  ? 6 PHE A CD2  8  
ATOM 1112 C CE1  . PHE A 1 6 ? 4.173  1.318  2.239  1.00 63.41 ? 6 PHE A CE1  8  
ATOM 1113 C CE2  . PHE A 1 6 ? 2.237  0.220  3.112  1.00 42.11 ? 6 PHE A CE2  8  
ATOM 1114 C CZ   . PHE A 1 6 ? 3.441  0.864  3.319  1.00 71.32 ? 6 PHE A CZ   8  
ATOM 1115 H H    . PHE A 1 6 ? 2.073  -0.035 -3.191 1.00 34.11 ? 6 PHE A H    8  
ATOM 1116 H HA   . PHE A 1 6 ? 3.596  -1.087 -1.027 1.00 44.43 ? 6 PHE A HA   8  
ATOM 1117 H HB2  . PHE A 1 6 ? 2.224  1.150  -1.239 1.00 22.24 ? 6 PHE A HB2  8  
ATOM 1118 H HB3  . PHE A 1 6 ? 0.909  0.162  -0.612 1.00 31.04 ? 6 PHE A HB3  8  
ATOM 1119 H HD1  . PHE A 1 6 ? 4.273  1.480  0.110  1.00 72.10 ? 6 PHE A HD1  8  
ATOM 1120 H HD2  . PHE A 1 6 ? 0.828  -0.477 1.666  1.00 30.33 ? 6 PHE A HD2  8  
ATOM 1121 H HE1  . PHE A 1 6 ? 5.115  1.823  2.397  1.00 11.23 ? 6 PHE A HE1  8  
ATOM 1122 H HE2  . PHE A 1 6 ? 1.663  -0.136 3.955  1.00 30.03 ? 6 PHE A HE2  8  
ATOM 1123 H HZ   . PHE A 1 6 ? 3.809  1.015  4.323  1.00 1.12  ? 6 PHE A HZ   8  
ATOM 1124 N N    . SER A 1 7 ? 2.248  -2.914 0.045  1.00 72.14 ? 7 SER A N    8  
ATOM 1125 C CA   . SER A 1 7 ? 1.581  -4.127 0.503  1.00 50.44 ? 7 SER A CA   8  
ATOM 1126 C C    . SER A 1 7 ? 0.871  -3.887 1.832  1.00 14.43 ? 7 SER A C    8  
ATOM 1127 O O    . SER A 1 7 ? 1.166  -2.941 2.562  1.00 11.41 ? 7 SER A O    8  
ATOM 1128 C CB   . SER A 1 7 ? 2.593  -5.265 0.650  1.00 52.13 ? 7 SER A CB   8  
ATOM 1129 O OG   . SER A 1 7 ? 3.808  -4.956 -0.010 1.00 13.13 ? 7 SER A OG   8  
ATOM 1130 H H    . SER A 1 7 ? 3.063  -2.614 0.499  1.00 52.35 ? 7 SER A H    8  
ATOM 1131 H HA   . SER A 1 7 ? 0.848  -4.402 -0.240 1.00 13.52 ? 7 SER A HA   8  
ATOM 1132 H HB2  . SER A 1 7 ? 2.798  -5.428 1.697  1.00 72.35 ? 7 SER A HB2  8  
ATOM 1133 H HB3  . SER A 1 7 ? 2.182  -6.166 0.219  1.00 53.21 ? 7 SER A HB3  8  
ATOM 1134 H HG   . SER A 1 7 ? 4.522  -5.466 0.377  1.00 42.20 ? 7 SER A HG   8  
ATOM 1135 N N    . PRO A 1 8 ? -0.090 -4.767 2.154  1.00 62.34 ? 8 PRO A N    8  
ATOM 1136 C CA   . PRO A 1 8 ? -0.863 -4.674 3.397  1.00 63.50 ? 8 PRO A CA   8  
ATOM 1137 C C    . PRO A 1 8 ? -0.023 -4.992 4.628  1.00 24.01 ? 8 PRO A C    8  
ATOM 1138 O O    . PRO A 1 8 ? 0.808  -5.901 4.607  1.00 72.00 ? 8 PRO A O    8  
ATOM 1139 C CB   . PRO A 1 8 ? -1.960 -5.726 3.211  1.00 25.42 ? 8 PRO A CB   8  
ATOM 1140 C CG   . PRO A 1 8 ? -1.383 -6.710 2.253  1.00 61.21 ? 8 PRO A CG   8  
ATOM 1141 C CD   . PRO A 1 8 ? -0.495 -5.918 1.332  1.00 15.43 ? 8 PRO A CD   8  
ATOM 1142 H HA   . PRO A 1 8 ? -1.314 -3.698 3.512  1.00 4.44  ? 8 PRO A HA   8  
ATOM 1143 H HB2  . PRO A 1 8 ? -2.185 -6.186 4.163  1.00 72.31 ? 8 PRO A HB2  8  
ATOM 1144 H HB3  . PRO A 1 8 ? -2.847 -5.259 2.811  1.00 41.10 ? 8 PRO A HB3  8  
ATOM 1145 H HG2  . PRO A 1 8 ? -0.806 -7.448 2.787  1.00 43.44 ? 8 PRO A HG2  8  
ATOM 1146 H HG3  . PRO A 1 8 ? -2.176 -7.183 1.692  1.00 43.41 ? 8 PRO A HG3  8  
ATOM 1147 H HD2  . PRO A 1 8 ? 0.363  -6.505 1.040  1.00 63.23 ? 8 PRO A HD2  8  
ATOM 1148 H HD3  . PRO A 1 8 ? -1.047 -5.595 0.462  1.00 4.44  ? 8 PRO A HD3  8  
ATOM 1149 N N    . PHE A 1 9 ? -0.243 -4.239 5.700  1.00 13.33 ? 9 PHE A N    8  
ATOM 1150 C CA   . PHE A 1 9 ? 0.495  -4.442 6.941  1.00 71.35 ? 9 PHE A CA   8  
ATOM 1151 C C    . PHE A 1 9 ? 1.999  -4.345 6.702  1.00 5.13  ? 9 PHE A C    8  
ATOM 1152 O O    . PHE A 1 9 ? 2.661  -3.439 7.206  1.00 73.23 ? 9 PHE A O    8  
ATOM 1153 C CB   . PHE A 1 9 ? 0.150  -5.803 7.549  1.00 45.11 ? 9 PHE A CB   8  
ATOM 1154 C CG   . PHE A 1 9 ? -0.108 -5.751 9.028  1.00 12.25 ? 9 PHE A CG   8  
ATOM 1155 C CD1  . PHE A 1 9 ? 0.787  -6.316 9.922  1.00 22.45 ? 9 PHE A CD1  8  
ATOM 1156 C CD2  . PHE A 1 9 ? -1.248 -5.138 9.523  1.00 53.34 ? 9 PHE A CD2  8  
ATOM 1157 C CE1  . PHE A 1 9 ? 0.553  -6.270 11.282 1.00 55.23 ? 9 PHE A CE1  8  
ATOM 1158 C CE2  . PHE A 1 9 ? -1.488 -5.089 10.884 1.00 10.23 ? 9 PHE A CE2  8  
ATOM 1159 C CZ   . PHE A 1 9 ? -0.587 -5.657 11.764 1.00 73.44 ? 9 PHE A CZ   8  
ATOM 1160 H H    . PHE A 1 9 ? -0.919 -3.530 5.656  1.00 23.43 ? 9 PHE A H    8  
ATOM 1161 H HA   . PHE A 1 9 ? 0.203  -3.665 7.630  1.00 73.55 ? 9 PHE A HA   8  
ATOM 1162 H HB2  . PHE A 1 9 ? -0.738 -6.187 7.071  1.00 4.33  ? 9 PHE A HB2  8  
ATOM 1163 H HB3  . PHE A 1 9 ? 0.971  -6.483 7.378  1.00 11.14 ? 9 PHE A HB3  8  
ATOM 1164 H HD1  . PHE A 1 9 ? 1.680  -6.797 9.545  1.00 71.14 ? 9 PHE A HD1  8  
ATOM 1165 H HD2  . PHE A 1 9 ? -1.953 -4.695 8.837  1.00 12.24 ? 9 PHE A HD2  8  
ATOM 1166 H HE1  . PHE A 1 9 ? 1.259  -6.715 11.968 1.00 31.22 ? 9 PHE A HE1  8  
ATOM 1167 H HE2  . PHE A 1 9 ? -2.380 -4.609 11.258 1.00 35.33 ? 9 PHE A HE2  8  
ATOM 1168 H HZ   . PHE A 1 9 ? -0.773 -5.619 12.827 1.00 43.11 ? 9 PHE A HZ   8  
ATOM 1169 N N    . LYS A 1 1 ? -4.101 6.068  3.796  1.00 1.43  ? 1 LYS A N    9  
ATOM 1170 C CA   . LYS A 1 1 ? -3.917 6.197  2.355  1.00 61.22 ? 1 LYS A CA   9  
ATOM 1171 C C    . LYS A 1 1 ? -2.464 5.941  1.967  1.00 73.53 ? 1 LYS A C    9  
ATOM 1172 O O    . LYS A 1 1 ? -1.566 6.681  2.370  1.00 21.53 ? 1 LYS A O    9  
ATOM 1173 C CB   . LYS A 1 1 ? -4.343 7.591  1.889  1.00 70.35 ? 1 LYS A CB   9  
ATOM 1174 C CG   . LYS A 1 1 ? -5.845 7.817  1.941  1.00 25.31 ? 1 LYS A CG   9  
ATOM 1175 C CD   . LYS A 1 1 ? -6.568 6.994  0.889  1.00 33.24 ? 1 LYS A CD   9  
ATOM 1176 C CE   . LYS A 1 1 ? -7.890 7.633  0.493  1.00 12.23 ? 1 LYS A CE   9  
ATOM 1177 N NZ   . LYS A 1 1 ? -7.694 8.809  -0.399 1.00 10.42 ? 1 LYS A NZ   9  
ATOM 1178 H H1   . LYS A 1 1 ? -3.554 6.614  4.399  1.00 34.42 ? 1 LYS A H1   9  
ATOM 1179 H HA   . LYS A 1 1 ? -4.540 5.460  1.873  1.00 54.32 ? 1 LYS A HA   9  
ATOM 1180 H HB2  . LYS A 1 1 ? -3.868 8.329  2.519  1.00 2.14  ? 1 LYS A HB2  9  
ATOM 1181 H HB3  . LYS A 1 1 ? -4.013 7.733  0.870  1.00 63.24 ? 1 LYS A HB3  9  
ATOM 1182 H HG2  . LYS A 1 1 ? -6.208 7.534  2.917  1.00 34.51 ? 1 LYS A HG2  9  
ATOM 1183 H HG3  . LYS A 1 1 ? -6.048 8.864  1.768  1.00 21.35 ? 1 LYS A HG3  9  
ATOM 1184 H HD2  . LYS A 1 1 ? -5.943 6.916  0.011  1.00 41.43 ? 1 LYS A HD2  9  
ATOM 1185 H HD3  . LYS A 1 1 ? -6.759 6.007  1.284  1.00 42.45 ? 1 LYS A HD3  9  
ATOM 1186 H HE2  . LYS A 1 1 ? -8.491 6.898  -0.021 1.00 72.01 ? 1 LYS A HE2  9  
ATOM 1187 H HE3  . LYS A 1 1 ? -8.402 7.952  1.389  1.00 75.22 ? 1 LYS A HE3  9  
ATOM 1188 H HZ1  . LYS A 1 1 ? -8.568 9.370  -0.449 1.00 52.53 ? 1 LYS A HZ1  9  
ATOM 1189 H HZ2  . LYS A 1 1 ? -7.445 8.492  -1.358 1.00 10.34 ? 1 LYS A HZ2  9  
ATOM 1190 H HZ3  . LYS A 1 1 ? -6.928 9.410  -0.035 1.00 0.04  ? 1 LYS A HZ3  9  
ATOM 1191 N N    . ARG A 1 2 ? -2.241 4.893  1.183  1.00 11.44 ? 2 ARG A N    9  
ATOM 1192 C CA   . ARG A 1 2 ? -0.897 4.541  0.740  1.00 41.33 ? 2 ARG A CA   9  
ATOM 1193 C C    . ARG A 1 2 ? -0.831 4.457  -0.782 1.00 63.14 ? 2 ARG A C    9  
ATOM 1194 O O    . ARG A 1 2 ? -1.844 4.319  -1.466 1.00 73.21 ? 2 ARG A O    9  
ATOM 1195 C CB   . ARG A 1 2 ? -0.468 3.207  1.354  1.00 12.12 ? 2 ARG A CB   9  
ATOM 1196 C CG   . ARG A 1 2 ? 0.380  3.358  2.607  1.00 42.21 ? 2 ARG A CG   9  
ATOM 1197 C CD   . ARG A 1 2 ? -0.458 3.215  3.868  1.00 14.22 ? 2 ARG A CD   9  
ATOM 1198 N NE   . ARG A 1 2 ? -0.613 1.819  4.267  1.00 1.34  ? 2 ARG A NE   9  
ATOM 1199 C CZ   . ARG A 1 2 ? 0.322  1.132  4.915  1.00 21.52 ? 2 ARG A CZ   9  
ATOM 1200 N NH1  . ARG A 1 2 ? 1.472  1.709  5.234  1.00 65.42 ? 2 ARG A NH1  9  
ATOM 1201 N NH2  . ARG A 1 2 ? 0.108  -0.135 5.244  1.00 0.11  ? 2 ARG A NH2  9  
ATOM 1202 H H    . ARG A 1 2 ? -2.998 4.341  0.895  1.00 51.23 ? 2 ARG A H    9  
ATOM 1203 H HA   . ARG A 1 2 ? -0.224 5.315  1.077  1.00 0.05  ? 2 ARG A HA   9  
ATOM 1204 H HB2  . ARG A 1 2 ? -1.351 2.641  1.611  1.00 30.44 ? 2 ARG A HB2  9  
ATOM 1205 H HB3  . ARG A 1 2 ? 0.103  2.656  0.623  1.00 42.14 ? 2 ARG A HB3  9  
ATOM 1206 H HG2  . ARG A 1 2 ? 1.143  2.594  2.607  1.00 42.10 ? 2 ARG A HG2  9  
ATOM 1207 H HG3  . ARG A 1 2 ? 0.843  4.333  2.602  1.00 21.14 ? 2 ARG A HG3  9  
ATOM 1208 H HD2  . ARG A 1 2 ? 0.024  3.757  4.667  1.00 13.31 ? 2 ARG A HD2  9  
ATOM 1209 H HD3  . ARG A 1 2 ? -1.435 3.637  3.684  1.00 21.31 ? 2 ARG A HD3  9  
ATOM 1210 H HE   . ARG A 1 2 ? -1.455 1.372  4.041  1.00 62.20 ? 2 ARG A HE   9  
ATOM 1211 H HH11 . ARG A 1 2 ? 1.636  2.665  4.988  1.00 22.42 ? 2 ARG A HH11 9  
ATOM 1212 H HH12 . ARG A 1 2 ? 2.174  1.191  5.722  1.00 13.10 ? 2 ARG A HH12 9  
ATOM 1213 H HH21 . ARG A 1 2 ? -0.758 -0.574 5.005  1.00 4.45  ? 2 ARG A HH21 9  
ATOM 1214 H HH22 . ARG A 1 2 ? 0.811  -0.651 5.730  1.00 45.24 ? 2 ARG A HH22 9  
ATOM 1215 N N    . PRO A 1 3 ? 0.392  4.544  -1.326 1.00 63.01 ? 3 PRO A N    9  
ATOM 1216 C CA   . PRO A 1 3 ? 0.621  4.480  -2.772 1.00 24.22 ? 3 PRO A CA   9  
ATOM 1217 C C    . PRO A 1 3 ? 0.359  3.090  -3.341 1.00 3.32  ? 3 PRO A C    9  
ATOM 1218 O O    . PRO A 1 3 ? 0.219  2.111  -2.608 1.00 14.33 ? 3 PRO A O    9  
ATOM 1219 C CB   . PRO A 1 3 ? 2.101  4.846  -2.914 1.00 14.23 ? 3 PRO A CB   9  
ATOM 1220 C CG   . PRO A 1 3 ? 2.710  4.472  -1.607 1.00 2.22  ? 3 PRO A CG   9  
ATOM 1221 C CD   . PRO A 1 3 ? 1.646  4.709  -0.571 1.00 21.15 ? 3 PRO A CD   9  
ATOM 1222 H HA   . PRO A 1 3 ? 0.018  5.203  -3.302 1.00 63.31 ? 3 PRO A HA   9  
ATOM 1223 H HB2  . PRO A 1 3 ? 2.537  4.285  -3.729 1.00 10.21 ? 3 PRO A HB2  9  
ATOM 1224 H HB3  . PRO A 1 3 ? 2.198  5.904  -3.106 1.00 75.01 ? 3 PRO A HB3  9  
ATOM 1225 H HG2  . PRO A 1 3 ? 2.996  3.431  -1.620 1.00 51.31 ? 3 PRO A HG2  9  
ATOM 1226 H HG3  . PRO A 1 3 ? 3.570  5.096  -1.411 1.00 54.34 ? 3 PRO A HG3  9  
ATOM 1227 H HD2  . PRO A 1 3 ? 1.720  3.977  0.219  1.00 71.15 ? 3 PRO A HD2  9  
ATOM 1228 H HD3  . PRO A 1 3 ? 1.726  5.709  -0.171 1.00 55.00 ? 3 PRO A HD3  9  
ATOM 1229 N N    . PRO A 1 4 ? 0.292  2.998  -4.677 1.00 62.11 ? 4 PRO A N    9  
ATOM 1230 C CA   . PRO A 1 4 ? 0.048  1.732  -5.373 1.00 30.12 ? 4 PRO A CA   9  
ATOM 1231 C C    . PRO A 1 4 ? 1.232  0.776  -5.269 1.00 54.12 ? 4 PRO A C    9  
ATOM 1232 O O    . PRO A 1 4 ? 2.378  1.166  -5.487 1.00 40.42 ? 4 PRO A O    9  
ATOM 1233 C CB   . PRO A 1 4 ? -0.166 2.161  -6.826 1.00 13.24 ? 4 PRO A CB   9  
ATOM 1234 C CG   . PRO A 1 4 ? 0.565  3.452  -6.951 1.00 21.45 ? 4 PRO A CG   9  
ATOM 1235 C CD   . PRO A 1 4 ? 0.451  4.125  -5.613 1.00 42.14 ? 4 PRO A CD   9  
ATOM 1236 H HA   . PRO A 1 4 ? -0.842 1.242  -5.005 1.00 63.21 ? 4 PRO A HA   9  
ATOM 1237 H HB2  . PRO A 1 4 ? 0.239  1.410  -7.489 1.00 25.14 ? 4 PRO A HB2  9  
ATOM 1238 H HB3  . PRO A 1 4 ? -1.221 2.285  -7.017 1.00 54.12 ? 4 PRO A HB3  9  
ATOM 1239 H HG2  . PRO A 1 4 ? 1.601  3.266  -7.191 1.00 44.34 ? 4 PRO A HG2  9  
ATOM 1240 H HG3  . PRO A 1 4 ? 0.106  4.061  -7.717 1.00 13.01 ? 4 PRO A HG3  9  
ATOM 1241 H HD2  . PRO A 1 4 ? 1.348  4.685  -5.393 1.00 4.51  ? 4 PRO A HD2  9  
ATOM 1242 H HD3  . PRO A 1 4 ? -0.414 4.771  -5.587 1.00 53.31 ? 4 PRO A HD3  9  
ATOM 1243 N N    . GLY A 1 5 ? 0.945  -0.479 -4.936 1.00 42.15 ? 5 GLY A N    9  
ATOM 1244 C CA   . GLY A 1 5 ? 1.997  -1.471 -4.809 1.00 42.41 ? 5 GLY A CA   9  
ATOM 1245 C C    . GLY A 1 5 ? 2.329  -1.783 -3.363 1.00 11.34 ? 5 GLY A C    9  
ATOM 1246 O O    . GLY A 1 5 ? 2.862  -2.851 -3.057 1.00 32.43 ? 5 GLY A O    9  
ATOM 1247 H H    . GLY A 1 5 ? 0.013  -0.733 -4.774 1.00 53.41 ? 5 GLY A H    9  
ATOM 1248 H HA2  . GLY A 1 5 ? 1.680  -2.381 -5.299 1.00 63.44 ? 5 GLY A HA2  9  
ATOM 1249 H HA3  . GLY A 1 5 ? 2.886  -1.102 -5.298 1.00 23.42 ? 5 GLY A HA3  9  
ATOM 1250 N N    . PHE A 1 6 ? 2.015  -0.850 -2.471 1.00 20.42 ? 6 PHE A N    9  
ATOM 1251 C CA   . PHE A 1 6 ? 2.286  -1.030 -1.049 1.00 73.20 ? 6 PHE A CA   9  
ATOM 1252 C C    . PHE A 1 6 ? 1.215  -1.898 -0.397 1.00 22.03 ? 6 PHE A C    9  
ATOM 1253 O O    . PHE A 1 6 ? 0.022  -1.720 -0.641 1.00 74.44 ? 6 PHE A O    9  
ATOM 1254 C CB   . PHE A 1 6 ? 2.355  0.328  -0.347 1.00 43.32 ? 6 PHE A CB   9  
ATOM 1255 C CG   . PHE A 1 6 ? 3.745  0.717  0.071  1.00 4.34  ? 6 PHE A CG   9  
ATOM 1256 C CD1  . PHE A 1 6 ? 4.046  0.935  1.406  1.00 22.23 ? 6 PHE A CD1  9  
ATOM 1257 C CD2  . PHE A 1 6 ? 4.749  0.865  -0.871 1.00 4.13  ? 6 PHE A CD2  9  
ATOM 1258 C CE1  . PHE A 1 6 ? 5.323  1.292  1.794  1.00 64.21 ? 6 PHE A CE1  9  
ATOM 1259 C CE2  . PHE A 1 6 ? 6.029  1.221  -0.490 1.00 43.24 ? 6 PHE A CE2  9  
ATOM 1260 C CZ   . PHE A 1 6 ? 6.316  1.436  0.844  1.00 30.31 ? 6 PHE A CZ   9  
ATOM 1261 H H    . PHE A 1 6 ? 1.592  -0.020 -2.776 1.00 14.31 ? 6 PHE A H    9  
ATOM 1262 H HA   . PHE A 1 6 ? 3.241  -1.524 -0.954 1.00 60.21 ? 6 PHE A HA   9  
ATOM 1263 H HB2  . PHE A 1 6 ? 1.985  1.091  -1.014 1.00 32.21 ? 6 PHE A HB2  9  
ATOM 1264 H HB3  . PHE A 1 6 ? 1.737  0.299  0.538  1.00 1.11  ? 6 PHE A HB3  9  
ATOM 1265 H HD1  . PHE A 1 6 ? 3.270  0.822  2.150  1.00 60.21 ? 6 PHE A HD1  9  
ATOM 1266 H HD2  . PHE A 1 6 ? 4.527  0.697  -1.915 1.00 75.15 ? 6 PHE A HD2  9  
ATOM 1267 H HE1  . PHE A 1 6 ? 5.545  1.460  2.837  1.00 10.42 ? 6 PHE A HE1  9  
ATOM 1268 H HE2  . PHE A 1 6 ? 6.803  1.334  -1.234 1.00 23.03 ? 6 PHE A HE2  9  
ATOM 1269 H HZ   . PHE A 1 6 ? 7.315  1.715  1.145  1.00 45.22 ? 6 PHE A HZ   9  
ATOM 1270 N N    . SER A 1 7 ? 1.650  -2.841 0.433  1.00 4.32  ? 7 SER A N    9  
ATOM 1271 C CA   . SER A 1 7 ? 0.730  -3.742 1.118  1.00 22.44 ? 7 SER A CA   9  
ATOM 1272 C C    . SER A 1 7 ? 0.896  -3.641 2.631  1.00 62.22 ? 7 SER A C    9  
ATOM 1273 O O    . SER A 1 7 ? 1.915  -3.173 3.140  1.00 21.15 ? 7 SER A O    9  
ATOM 1274 C CB   . SER A 1 7 ? 0.961  -5.183 0.662  1.00 43.54 ? 7 SER A CB   9  
ATOM 1275 O OG   . SER A 1 7 ? 2.133  -5.288 -0.129 1.00 61.25 ? 7 SER A OG   9  
ATOM 1276 H H    . SER A 1 7 ? 2.614  -2.934 0.586  1.00 23.21 ? 7 SER A H    9  
ATOM 1277 H HA   . SER A 1 7 ? -0.276 -3.448 0.857  1.00 72.55 ? 7 SER A HA   9  
ATOM 1278 H HB2  . SER A 1 7 ? 1.070  -5.819 1.529  1.00 33.32 ? 7 SER A HB2  9  
ATOM 1279 H HB3  . SER A 1 7 ? 0.115  -5.513 0.077  1.00 31.04 ? 7 SER A HB3  9  
ATOM 1280 H HG   . SER A 1 7 ? 1.939  -5.006 -1.026 1.00 71.32 ? 7 SER A HG   9  
ATOM 1281 N N    . PRO A 1 8 ? -0.129 -4.090 3.369  1.00 13.13 ? 8 PRO A N    9  
ATOM 1282 C CA   . PRO A 1 8 ? -0.121 -4.063 4.835  1.00 71.31 ? 8 PRO A CA   9  
ATOM 1283 C C    . PRO A 1 8 ? 0.870  -5.057 5.428  1.00 41.31 ? 8 PRO A C    9  
ATOM 1284 O O    . PRO A 1 8 ? 1.046  -6.158 4.907  1.00 3.55  ? 8 PRO A O    9  
ATOM 1285 C CB   . PRO A 1 8 ? -1.555 -4.451 5.204  1.00 30.11 ? 8 PRO A CB   9  
ATOM 1286 C CG   . PRO A 1 8 ? -2.044 -5.246 4.042  1.00 42.45 ? 8 PRO A CG   9  
ATOM 1287 C CD   . PRO A 1 8 ? -1.375 -4.662 2.830  1.00 70.41 ? 8 PRO A CD   9  
ATOM 1288 H HA   . PRO A 1 8 ? 0.094  -3.073 5.211  1.00 53.11 ? 8 PRO A HA   9  
ATOM 1289 H HB2  . PRO A 1 8 ? -1.549 -5.038 6.112  1.00 22.42 ? 8 PRO A HB2  9  
ATOM 1290 H HB3  . PRO A 1 8 ? -2.147 -3.560 5.350  1.00 33.35 ? 8 PRO A HB3  9  
ATOM 1291 H HG2  . PRO A 1 8 ? -1.763 -6.282 4.163  1.00 35.43 ? 8 PRO A HG2  9  
ATOM 1292 H HG3  . PRO A 1 8 ? -3.116 -5.154 3.960  1.00 71.43 ? 8 PRO A HG3  9  
ATOM 1293 H HD2  . PRO A 1 8 ? -1.163 -5.434 2.106  1.00 70.13 ? 8 PRO A HD2  9  
ATOM 1294 H HD3  . PRO A 1 8 ? -1.993 -3.891 2.393  1.00 35.13 ? 8 PRO A HD3  9  
ATOM 1295 N N    . PHE A 1 9 ? 1.514  -4.664 6.522  1.00 61.42 ? 9 PHE A N    9  
ATOM 1296 C CA   . PHE A 1 9 ? 2.489  -5.521 7.186  1.00 72.30 ? 9 PHE A CA   9  
ATOM 1297 C C    . PHE A 1 9 ? 3.664  -5.826 6.262  1.00 4.11  ? 9 PHE A C    9  
ATOM 1298 O O    . PHE A 1 9 ? 4.301  -4.916 5.732  1.00 0.21  ? 9 PHE A O    9  
ATOM 1299 C CB   . PHE A 1 9 ? 1.827  -6.826 7.636  1.00 64.13 ? 9 PHE A CB   9  
ATOM 1300 C CG   . PHE A 1 9 ? 0.566  -6.617 8.424  1.00 42.00 ? 9 PHE A CG   9  
ATOM 1301 C CD1  . PHE A 1 9 ? -0.639 -7.133 7.976  1.00 32.23 ? 9 PHE A CD1  9  
ATOM 1302 C CD2  . PHE A 1 9 ? 0.585  -5.906 9.613  1.00 33.32 ? 9 PHE A CD2  9  
ATOM 1303 C CE1  . PHE A 1 9 ? -1.802 -6.943 8.699  1.00 15.13 ? 9 PHE A CE1  9  
ATOM 1304 C CE2  . PHE A 1 9 ? -0.574 -5.714 10.340 1.00 11.41 ? 9 PHE A CE2  9  
ATOM 1305 C CZ   . PHE A 1 9 ? -1.770 -6.233 9.882  1.00 62.41 ? 9 PHE A CZ   9  
ATOM 1306 H H    . PHE A 1 9 ? 1.330  -3.774 6.890  1.00 64.33 ? 9 PHE A H    9  
ATOM 1307 H HA   . PHE A 1 9 ? 2.855  -4.995 8.053  1.00 62.04 ? 9 PHE A HA   9  
ATOM 1308 H HB2  . PHE A 1 9 ? 1.581  -7.415 6.766  1.00 44.42 ? 9 PHE A HB2  9  
ATOM 1309 H HB3  . PHE A 1 9 ? 2.520  -7.376 8.255  1.00 10.11 ? 9 PHE A HB3  9  
ATOM 1310 H HD1  . PHE A 1 9 ? -0.666 -7.690 7.049  1.00 44.11 ? 9 PHE A HD1  9  
ATOM 1311 H HD2  . PHE A 1 9 ? 1.519  -5.498 9.973  1.00 10.54 ? 9 PHE A HD2  9  
ATOM 1312 H HE1  . PHE A 1 9 ? -2.735 -7.350 8.337  1.00 41.30 ? 9 PHE A HE1  9  
ATOM 1313 H HE2  . PHE A 1 9 ? -0.546 -5.157 11.265 1.00 52.31 ? 9 PHE A HE2  9  
ATOM 1314 H HZ   . PHE A 1 9 ? -2.677 -6.084 10.448 1.00 23.40 ? 9 PHE A HZ   9  
ATOM 1315 N N    . LYS A 1 1 ? -4.504 4.869  3.518  1.00 64.14 ? 1 LYS A N    10 
ATOM 1316 C CA   . LYS A 1 1 ? -4.094 5.526  2.283  1.00 54.21 ? 1 LYS A CA   10 
ATOM 1317 C C    . LYS A 1 1 ? -2.611 5.297  2.010  1.00 34.30 ? 1 LYS A C    10 
ATOM 1318 O O    . LYS A 1 1 ? -1.756 5.992  2.558  1.00 24.21 ? 1 LYS A O    10 
ATOM 1319 C CB   . LYS A 1 1 ? -4.385 7.026  2.358  1.00 63.40 ? 1 LYS A CB   10 
ATOM 1320 C CG   . LYS A 1 1 ? -5.864 7.357  2.457  1.00 10.53 ? 1 LYS A CG   10 
ATOM 1321 C CD   . LYS A 1 1 ? -6.122 8.835  2.222  1.00 14.14 ? 1 LYS A CD   10 
ATOM 1322 C CE   . LYS A 1 1 ? -7.518 9.075  1.665  1.00 5.53  ? 1 LYS A CE   10 
ATOM 1323 N NZ   . LYS A 1 1 ? -8.336 9.929  2.569  1.00 14.24 ? 1 LYS A NZ   10 
ATOM 1324 H H1   . LYS A 1 1 ? -3.815 4.527  4.127  1.00 53.41 ? 1 LYS A H1   10 
ATOM 1325 H HA   . LYS A 1 1 ? -4.667 5.098  1.474  1.00 13.10 ? 1 LYS A HA   10 
ATOM 1326 H HB2  . LYS A 1 1 ? -3.887 7.434  3.227  1.00 31.44 ? 1 LYS A HB2  10 
ATOM 1327 H HB3  . LYS A 1 1 ? -3.989 7.502  1.472  1.00 73.40 ? 1 LYS A HB3  10 
ATOM 1328 H HG2  . LYS A 1 1 ? -6.402 6.785  1.716  1.00 23.24 ? 1 LYS A HG2  10 
ATOM 1329 H HG3  . LYS A 1 1 ? -6.217 7.091  3.444  1.00 21.23 ? 1 LYS A HG3  10 
ATOM 1330 H HD2  . LYS A 1 1 ? -6.027 9.362  3.159  1.00 65.02 ? 1 LYS A HD2  10 
ATOM 1331 H HD3  . LYS A 1 1 ? -5.393 9.212  1.519  1.00 14.34 ? 1 LYS A HD3  10 
ATOM 1332 H HE2  . LYS A 1 1 ? -7.429 9.561  0.706  1.00 22.22 ? 1 LYS A HE2  10 
ATOM 1333 H HE3  . LYS A 1 1 ? -8.009 8.121  1.540  1.00 34.21 ? 1 LYS A HE3  10 
ATOM 1334 H HZ1  . LYS A 1 1 ? -7.957 10.896 2.586  1.00 71.23 ? 1 LYS A HZ1  10 
ATOM 1335 H HZ2  . LYS A 1 1 ? -8.321 9.545  3.535  1.00 1.20  ? 1 LYS A HZ2  10 
ATOM 1336 H HZ3  . LYS A 1 1 ? -9.322 9.960  2.236  1.00 65.32 ? 1 LYS A HZ3  10 
ATOM 1337 N N    . ARG A 1 2 ? -2.315 4.320  1.159  1.00 20.12 ? 2 ARG A N    10 
ATOM 1338 C CA   . ARG A 1 2 ? -0.934 4.001  0.814  1.00 71.20 ? 2 ARG A CA   10 
ATOM 1339 C C    . ARG A 1 2 ? -0.722 4.072  -0.696 1.00 4.42  ? 2 ARG A C    10 
ATOM 1340 O O    . ARG A 1 2 ? -1.665 4.015  -1.484 1.00 55.13 ? 2 ARG A O    10 
ATOM 1341 C CB   . ARG A 1 2 ? -0.568 2.607  1.326  1.00 51.12 ? 2 ARG A CB   10 
ATOM 1342 C CG   . ARG A 1 2 ? 0.272  2.625  2.593  1.00 33.21 ? 2 ARG A CG   10 
ATOM 1343 C CD   . ARG A 1 2 ? -0.103 1.484  3.526  1.00 25.43 ? 2 ARG A CD   10 
ATOM 1344 N NE   . ARG A 1 2 ? 0.819  1.375  4.654  1.00 0.13  ? 2 ARG A NE   10 
ATOM 1345 C CZ   . ARG A 1 2 ? 0.929  0.288  5.410  1.00 24.43 ? 2 ARG A CZ   10 
ATOM 1346 N NH1  . ARG A 1 2 ? 0.180  -0.777 5.159  1.00 71.32 ? 2 ARG A NH1  10 
ATOM 1347 N NH2  . ARG A 1 2 ? 1.790  0.265  6.419  1.00 4.01  ? 2 ARG A NH2  10 
ATOM 1348 H H    . ARG A 1 2 ? -3.040 3.801  0.755  1.00 35.53 ? 2 ARG A H    10 
ATOM 1349 H HA   . ARG A 1 2 ? -0.296 4.730  1.290  1.00 1.12  ? 2 ARG A HA   10 
ATOM 1350 H HB2  . ARG A 1 2 ? -1.476 2.061  1.531  1.00 54.42 ? 2 ARG A HB2  10 
ATOM 1351 H HB3  . ARG A 1 2 ? -0.011 2.090  0.559  1.00 15.34 ? 2 ARG A HB3  10 
ATOM 1352 H HG2  . ARG A 1 2 ? 1.313  2.529  2.324  1.00 43.24 ? 2 ARG A HG2  10 
ATOM 1353 H HG3  . ARG A 1 2 ? 0.115  3.563  3.104  1.00 52.11 ? 2 ARG A HG3  10 
ATOM 1354 H HD2  . ARG A 1 2 ? -1.099 1.658  3.904  1.00 13.44 ? 2 ARG A HD2  10 
ATOM 1355 H HD3  . ARG A 1 2 ? -0.085 0.560  2.967  1.00 74.32 ? 2 ARG A HD3  10 
ATOM 1356 H HE   . ARG A 1 2 ? 1.382  2.150  4.856  1.00 52.40 ? 2 ARG A HE   10 
ATOM 1357 H HH11 . ARG A 1 2 ? -0.470 -0.762 4.399  1.00 22.33 ? 2 ARG A HH11 10 
ATOM 1358 H HH12 . ARG A 1 2 ? 0.266  -1.594 5.729  1.00 53.14 ? 2 ARG A HH12 10 
ATOM 1359 H HH21 . ARG A 1 2 ? 2.358  1.065  6.611  1.00 34.44 ? 2 ARG A HH21 10 
ATOM 1360 H HH22 . ARG A 1 2 ? 1.872  -0.553 6.986  1.00 44.24 ? 2 ARG A HH22 10 
ATOM 1361 N N    . PRO A 1 3 ? 0.548  4.200  -1.109 1.00 31.03 ? 3 PRO A N    10 
ATOM 1362 C CA   . PRO A 1 3 ? 0.915  4.282  -2.526 1.00 14.44 ? 3 PRO A CA   10 
ATOM 1363 C C    . PRO A 1 3 ? 0.708  2.959  -3.256 1.00 53.12 ? 3 PRO A C    10 
ATOM 1364 O O    . PRO A 1 3 ? 0.496  1.911  -2.644 1.00 64.41 ? 3 PRO A O    10 
ATOM 1365 C CB   . PRO A 1 3 ? 2.402  4.643  -2.487 1.00 23.22 ? 3 PRO A CB   10 
ATOM 1366 C CG   . PRO A 1 3 ? 2.882  4.132  -1.173 1.00 24.21 ? 3 PRO A CG   10 
ATOM 1367 C CD   . PRO A 1 3 ? 1.723  4.273  -0.225 1.00 65.51 ? 3 PRO A CD   10 
ATOM 1368 H HA   . PRO A 1 3 ? 0.366  5.061  -3.034 1.00 61.24 ? 3 PRO A HA   10 
ATOM 1369 H HB2  . PRO A 1 3 ? 2.913  4.163  -3.310 1.00 62.05 ? 3 PRO A HB2  10 
ATOM 1370 H HB3  . PRO A 1 3 ? 2.517  5.714  -2.560 1.00 44.35 ? 3 PRO A HB3  10 
ATOM 1371 H HG2  . PRO A 1 3 ? 3.167  3.095  -1.264 1.00 31.10 ? 3 PRO A HG2  10 
ATOM 1372 H HG3  . PRO A 1 3 ? 3.719  4.724  -0.832 1.00 13.34 ? 3 PRO A HG3  10 
ATOM 1373 H HD2  . PRO A 1 3 ? 1.719  3.465  0.490  1.00 43.43 ? 3 PRO A HD2  10 
ATOM 1374 H HD3  . PRO A 1 3 ? 1.764  5.227  0.282  1.00 2.15  ? 3 PRO A HD3  10 
ATOM 1375 N N    . PRO A 1 4 ? 0.769  3.005  -4.594 1.00 10.05 ? 4 PRO A N    10 
ATOM 1376 C CA   . PRO A 1 4 ? 0.592  1.818  -5.436 1.00 31.33 ? 4 PRO A CA   10 
ATOM 1377 C C    . PRO A 1 4 ? 1.759  0.843  -5.318 1.00 62.40 ? 4 PRO A C    10 
ATOM 1378 O O    . PRO A 1 4 ? 2.911  1.253  -5.184 1.00 24.20 ? 4 PRO A O    10 
ATOM 1379 C CB   . PRO A 1 4 ? 0.519  2.395  -6.853 1.00 53.31 ? 4 PRO A CB   10 
ATOM 1380 C CG   . PRO A 1 4 ? 1.260  3.684  -6.774 1.00 21.21 ? 4 PRO A CG   10 
ATOM 1381 C CD   . PRO A 1 4 ? 1.018  4.218  -5.390 1.00 71.35 ? 4 PRO A CD   10 
ATOM 1382 H HA   . PRO A 1 4 ? -0.330 1.303  -5.208 1.00 73.13 ? 4 PRO A HA   10 
ATOM 1383 H HB2  . PRO A 1 4 ? 0.986  1.711  -7.547 1.00 14.04 ? 4 PRO A HB2  10 
ATOM 1384 H HB3  . PRO A 1 4 ? -0.514 2.549  -7.129 1.00 61.10 ? 4 PRO A HB3  10 
ATOM 1385 H HG2  . PRO A 1 4 ? 2.315  3.512  -6.931 1.00 35.11 ? 4 PRO A HG2  10 
ATOM 1386 H HG3  . PRO A 1 4 ? 0.878  4.373  -7.513 1.00 34.44 ? 4 PRO A HG3  10 
ATOM 1387 H HD2  . PRO A 1 4 ? 1.890  4.744  -5.031 1.00 45.33 ? 4 PRO A HD2  10 
ATOM 1388 H HD3  . PRO A 1 4 ? 0.155  4.867  -5.382 1.00 62.31 ? 4 PRO A HD3  10 
ATOM 1389 N N    . GLY A 1 5 ? 1.452  -0.449 -5.370 1.00 2.50  ? 5 GLY A N    10 
ATOM 1390 C CA   . GLY A 1 5 ? 2.486  -1.462 -5.267 1.00 4.41  ? 5 GLY A CA   10 
ATOM 1391 C C    . GLY A 1 5 ? 2.672  -1.959 -3.847 1.00 61.11 ? 5 GLY A C    10 
ATOM 1392 O O    . GLY A 1 5 ? 3.204  -3.048 -3.627 1.00 4.21  ? 5 GLY A O    10 
ATOM 1393 H H    . GLY A 1 5 ? 0.516  -0.718 -5.478 1.00 60.22 ? 5 GLY A H    10 
ATOM 1394 H HA2  . GLY A 1 5 ? 2.222  -2.297 -5.898 1.00 15.21 ? 5 GLY A HA2  10 
ATOM 1395 H HA3  . GLY A 1 5 ? 3.420  -1.043 -5.614 1.00 12.21 ? 5 GLY A HA3  10 
ATOM 1396 N N    . PHE A 1 6 ? 2.235  -1.160 -2.880 1.00 51.24 ? 6 PHE A N    10 
ATOM 1397 C CA   . PHE A 1 6 ? 2.358  -1.524 -1.473 1.00 25.22 ? 6 PHE A CA   10 
ATOM 1398 C C    . PHE A 1 6 ? 1.226  -2.454 -1.050 1.00 32.34 ? 6 PHE A C    10 
ATOM 1399 O O    . PHE A 1 6 ? 0.069  -2.247 -1.416 1.00 11.34 ? 6 PHE A O    10 
ATOM 1400 C CB   . PHE A 1 6 ? 2.356  -0.269 -0.598 1.00 62.13 ? 6 PHE A CB   10 
ATOM 1401 C CG   . PHE A 1 6 ? 3.731  0.252  -0.292 1.00 20.13 ? 6 PHE A CG   10 
ATOM 1402 C CD1  . PHE A 1 6 ? 4.105  0.540  1.011  1.00 33.21 ? 6 PHE A CD1  10 
ATOM 1403 C CD2  . PHE A 1 6 ? 4.651  0.455  -1.309 1.00 12.24 ? 6 PHE A CD2  10 
ATOM 1404 C CE1  . PHE A 1 6 ? 5.369  1.019  1.295  1.00 42.01 ? 6 PHE A CE1  10 
ATOM 1405 C CE2  . PHE A 1 6 ? 5.918  0.933  -1.030 1.00 35.40 ? 6 PHE A CE2  10 
ATOM 1406 C CZ   . PHE A 1 6 ? 6.276  1.217  0.272  1.00 44.21 ? 6 PHE A CZ   10 
ATOM 1407 H H    . PHE A 1 6 ? 1.820  -0.304 -3.118 1.00 53.30 ? 6 PHE A H    10 
ATOM 1408 H HA   . PHE A 1 6 ? 3.298  -2.038 -1.346 1.00 3.32  ? 6 PHE A HA   10 
ATOM 1409 H HB2  . PHE A 1 6 ? 1.810  0.513  -1.104 1.00 60.34 ? 6 PHE A HB2  10 
ATOM 1410 H HB3  . PHE A 1 6 ? 1.869  -0.493 0.339  1.00 1.40  ? 6 PHE A HB3  10 
ATOM 1411 H HD1  . PHE A 1 6 ? 3.394  0.386  1.811  1.00 41.41 ? 6 PHE A HD1  10 
ATOM 1412 H HD2  . PHE A 1 6 ? 4.371  0.234  -2.329 1.00 63.54 ? 6 PHE A HD2  10 
ATOM 1413 H HE1  . PHE A 1 6 ? 5.646  1.241  2.315  1.00 3.51  ? 6 PHE A HE1  10 
ATOM 1414 H HE2  . PHE A 1 6 ? 6.625  1.087  -1.831 1.00 11.04 ? 6 PHE A HE2  10 
ATOM 1415 H HZ   . PHE A 1 6 ? 7.266  1.590  0.493  1.00 30.44 ? 6 PHE A HZ   10 
ATOM 1416 N N    . SER A 1 7 ? 1.568  -3.480 -0.278 1.00 41.21 ? 7 SER A N    10 
ATOM 1417 C CA   . SER A 1 7 ? 0.581  -4.447 0.191  1.00 25.42 ? 7 SER A CA   10 
ATOM 1418 C C    . SER A 1 7 ? 0.035  -4.044 1.558  1.00 31.14 ? 7 SER A C    10 
ATOM 1419 O O    . SER A 1 7 ? 0.636  -3.258 2.289  1.00 25.51 ? 7 SER A O    10 
ATOM 1420 C CB   . SER A 1 7 ? 1.200  -5.843 0.267  1.00 52.23 ? 7 SER A CB   10 
ATOM 1421 O OG   . SER A 1 7 ? 2.615  -5.778 0.207  1.00 12.45 ? 7 SER A OG   10 
ATOM 1422 H H    . SER A 1 7 ? 2.507  -3.592 -0.020 1.00 31.34 ? 7 SER A H    10 
ATOM 1423 H HA   . SER A 1 7 ? -0.232 -4.460 -0.519 1.00 14.45 ? 7 SER A HA   10 
ATOM 1424 H HB2  . SER A 1 7 ? 0.913  -6.311 1.197  1.00 21.11 ? 7 SER A HB2  10 
ATOM 1425 H HB3  . SER A 1 7 ? 0.842  -6.439 -0.561 1.00 65.24 ? 7 SER A HB3  10 
ATOM 1426 H HG   . SER A 1 7 ? 2.925  -6.264 -0.561 1.00 52.42 ? 7 SER A HG   10 
ATOM 1427 N N    . PRO A 1 8 ? -1.135 -4.597 1.912  1.00 73.42 ? 8 PRO A N    10 
ATOM 1428 C CA   . PRO A 1 8 ? -1.789 -4.312 3.192  1.00 74.50 ? 8 PRO A CA   10 
ATOM 1429 C C    . PRO A 1 8 ? -1.036 -4.911 4.374  1.00 54.13 ? 8 PRO A C    10 
ATOM 1430 O O    . PRO A 1 8 ? -0.386 -5.948 4.248  1.00 21.04 ? 8 PRO A O    10 
ATOM 1431 C CB   . PRO A 1 8 ? -3.163 -4.972 3.043  1.00 21.30 ? 8 PRO A CB   10 
ATOM 1432 C CG   . PRO A 1 8 ? -2.957 -6.053 2.040  1.00 42.54 ? 8 PRO A CG   10 
ATOM 1433 C CD   . PRO A 1 8 ? -1.908 -5.543 1.090  1.00 13.20 ? 8 PRO A CD   10 
ATOM 1434 H HA   . PRO A 1 8 ? -1.913 -3.250 3.346  1.00 53.22 ? 8 PRO A HA   10 
ATOM 1435 H HB2  . PRO A 1 8 ? -3.479 -5.371 3.997  1.00 1.23  ? 8 PRO A HB2  10 
ATOM 1436 H HB3  . PRO A 1 8 ? -3.881 -4.244 2.696  1.00 22.51 ? 8 PRO A HB3  10 
ATOM 1437 H HG2  . PRO A 1 8 ? -2.611 -6.950 2.533  1.00 71.22 ? 8 PRO A HG2  10 
ATOM 1438 H HG3  . PRO A 1 8 ? -3.878 -6.245 1.512  1.00 74.32 ? 8 PRO A HG3  10 
ATOM 1439 H HD2  . PRO A 1 8 ? -1.284 -6.354 0.746  1.00 41.01 ? 8 PRO A HD2  10 
ATOM 1440 H HD3  . PRO A 1 8 ? -2.370 -5.039 0.254  1.00 55.04 ? 8 PRO A HD3  10 
ATOM 1441 N N    . PHE A 1 9 ? -1.129 -4.252 5.524  1.00 53.23 ? 9 PHE A N    10 
ATOM 1442 C CA   . PHE A 1 9 ? -0.455 -4.720 6.730  1.00 63.24 ? 9 PHE A CA   10 
ATOM 1443 C C    . PHE A 1 9 ? -1.138 -5.965 7.287  1.00 14.44 ? 9 PHE A C    10 
ATOM 1444 O O    . PHE A 1 9 ? -2.262 -5.899 7.783  1.00 24.12 ? 9 PHE A O    10 
ATOM 1445 C CB   . PHE A 1 9 ? -0.438 -3.618 7.792  1.00 22.51 ? 9 PHE A CB   10 
ATOM 1446 C CG   . PHE A 1 9 ? 0.480  -3.908 8.944  1.00 23.01 ? 9 PHE A CG   10 
ATOM 1447 C CD1  . PHE A 1 9 ? 1.816  -3.543 8.892  1.00 34.44 ? 9 PHE A CD1  10 
ATOM 1448 C CD2  . PHE A 1 9 ? 0.009  -4.547 10.079 1.00 34.32 ? 9 PHE A CD2  10 
ATOM 1449 C CE1  . PHE A 1 9 ? 2.664  -3.808 9.950  1.00 2.41  ? 9 PHE A CE1  10 
ATOM 1450 C CE2  . PHE A 1 9 ? 0.851  -4.815 11.141 1.00 63.23 ? 9 PHE A CE2  10 
ATOM 1451 C CZ   . PHE A 1 9 ? 2.181  -4.446 11.076 1.00 4.10  ? 9 PHE A CZ   10 
ATOM 1452 H H    . PHE A 1 9 ? -1.663 -3.430 5.564  1.00 2.33  ? 9 PHE A H    10 
ATOM 1453 H HA   . PHE A 1 9 ? 0.561  -4.969 6.466  1.00 63.44 ? 9 PHE A HA   10 
ATOM 1454 H HB2  . PHE A 1 9 ? -0.115 -2.693 7.335  1.00 3.20  ? 9 PHE A HB2  10 
ATOM 1455 H HB3  . PHE A 1 9 ? -1.436 -3.491 8.184  1.00 44.13 ? 9 PHE A HB3  10 
ATOM 1456 H HD1  . PHE A 1 9 ? 2.195  -3.044 8.011  1.00 31.44 ? 9 PHE A HD1  10 
ATOM 1457 H HD2  . PHE A 1 9 ? -1.031 -4.837 10.131 1.00 25.32 ? 9 PHE A HD2  10 
ATOM 1458 H HE1  . PHE A 1 9 ? 3.703  -3.520 9.896  1.00 21.44 ? 9 PHE A HE1  10 
ATOM 1459 H HE2  . PHE A 1 9 ? 0.472  -5.314 12.019 1.00 41.05 ? 9 PHE A HE2  10 
ATOM 1460 H HZ   . PHE A 1 9 ? 2.842  -4.655 11.904 1.00 74.30 ? 9 PHE A HZ   10 
# 
